data_5ESZ
#
_entry.id   5ESZ
#
_cell.length_a   116.716
_cell.length_b   116.716
_cell.length_c   249.560
_cell.angle_alpha   90.00
_cell.angle_beta   90.00
_cell.angle_gamma   120.00
#
_symmetry.space_group_name_H-M   'P 63'
#
loop_
_entity.id
_entity.type
_entity.pdbx_description
1 polymer 'CH04 Heavy Chain'
2 polymer 'CH04 Light Chain'
3 polymer '2-C-methyl-D-erythritol 2,4-cyclodiphosphate synthase,Envelope glycoprotein gp160'
4 branched alpha-D-mannopyranose-(1-3)-[alpha-D-mannopyranose-(1-6)]beta-D-mannopyranose-(1-4)-2-acetamido-2-deoxy-beta-D-glucopyranose-(1-4)-2-acetamido-2-deoxy-beta-D-glucopyranose
5 branched 2-acetamido-2-deoxy-beta-D-glucopyranose-(1-4)-2-acetamido-2-deoxy-beta-D-glucopyranose
6 branched alpha-D-mannopyranose-(1-6)-alpha-D-mannopyranose-(1-6)-[alpha-D-mannopyranose-(1-3)]beta-D-mannopyranose-(1-4)-2-acetamido-2-deoxy-beta-D-glucopyranose-(1-4)-2-acetamido-2-deoxy-beta-D-glucopyranose
7 branched alpha-D-mannopyranose-(1-3)-[alpha-D-mannopyranose-(1-6)]alpha-D-mannopyranose-(1-6)-[alpha-D-mannopyranose-(1-3)]beta-D-mannopyranose-(1-4)-2-acetamido-2-deoxy-beta-D-glucopyranose-(1-4)-2-acetamido-2-deoxy-beta-D-glucopyranose
8 branched alpha-D-mannopyranose-(1-3)-beta-D-mannopyranose-(1-4)-2-acetamido-2-deoxy-beta-D-glucopyranose-(1-4)-2-acetamido-2-deoxy-beta-D-glucopyranose
#
loop_
_entity_poly.entity_id
_entity_poly.type
_entity_poly.pdbx_seq_one_letter_code
_entity_poly.pdbx_strand_id
1 'polypeptide(L)'
;EVQLVESGGGLIRPGGSLRLSCKGSGFIFENFGFGWVRQGPGKGLEWVSGTNWNGGDSRYGDSVKGRFTISRDNSNNFVY
LQMNSLRPEDTAIYYCARGTDYTIDDQGIRYQGSGTFWYFDVWGRGTLVTVSSASTKGPSVFPLAPSSKSTSGGTAALGC
LVKDYFPEPVTVSWNSGALTSGVHTFPAVLQSSGLYSLSSVVTVPSSSLGTQTYICNVNHKPSNTKVDKKVEPKSCDKGL
EVLF
;
H,A
2 'polypeptide(L)'
;EIVLTQSPDTLSLSPGERATLSCRASQSVHSRYFAWYQHKPGQPPRLLIYGGSTRATGIPNRFSAGGSGTQFTLTVNRLE
AEDFAVYYCQQYGRSPYTFGQGTKVEIRRTVAAPSVFIFPPSDEQLKSGTASVVCLLNNFYPREAKVQWKVDNALQSGNS
QESVTEQDSKDSTYSLSSTLTLSKADYEKHKVYACEVTHQGLSSPVTKSFNRGEC
;
L,B
3 'polypeptide(L)'
;SLIRIGHGFDVHAFGCVTLHCTNANLTKANLTNVNNRTNVSNIIGNITDEVRNCSFNMTTELRDKKQKVHALFYKLDIVP
IEDNNDNSKYRLINCNGGSGGDVALHALTDAILGAAALGDIGKLFPKNADSRGLLREAFRQVQEKGYKIGNVDITIIAQA
PKMRPHIDAMRAKIAEDLQCDIEQVNVKATTTEKLGFTGRQEGIACEAVALLIRQGLEVLFQ
;
C,G
#
loop_
_chem_comp.id
_chem_comp.type
_chem_comp.name
_chem_comp.formula
BMA D-saccharide, beta linking beta-D-mannopyranose 'C6 H12 O6'
MAN D-saccharide, alpha linking alpha-D-mannopyranose 'C6 H12 O6'
NAG D-saccharide, beta linking 2-acetamido-2-deoxy-beta-D-glucopyranose 'C8 H15 N O6'
#
# COMPACT_ATOMS: atom_id res chain seq x y z
N GLU A 1 20.29 -11.67 35.68
CA GLU A 1 21.19 -10.56 36.10
C GLU A 1 22.08 -10.16 34.94
N VAL A 2 22.78 -11.15 34.39
CA VAL A 2 23.71 -10.93 33.30
C VAL A 2 22.94 -10.54 32.04
N GLN A 3 23.34 -9.42 31.43
CA GLN A 3 22.73 -8.99 30.17
C GLN A 3 23.74 -8.17 29.39
N LEU A 4 23.55 -8.14 28.08
CA LEU A 4 24.41 -7.39 27.17
C LEU A 4 23.55 -6.61 26.20
N VAL A 5 23.68 -5.29 26.19
CA VAL A 5 22.85 -4.41 25.39
C VAL A 5 23.72 -3.76 24.31
N GLU A 6 23.41 -4.04 23.06
CA GLU A 6 24.10 -3.46 21.91
C GLU A 6 23.37 -2.19 21.45
N SER A 7 24.11 -1.34 20.74
CA SER A 7 23.54 -0.14 20.15
C SER A 7 24.43 0.35 19.03
N GLY A 8 23.87 1.22 18.19
CA GLY A 8 24.61 1.82 17.10
C GLY A 8 24.25 1.32 15.70
N GLY A 9 23.20 0.51 15.57
CA GLY A 9 22.87 -0.06 14.28
C GLY A 9 22.42 0.97 13.26
N GLY A 10 22.17 0.49 12.05
CA GLY A 10 21.61 1.33 11.00
C GLY A 10 22.14 1.07 9.61
N LEU A 11 21.63 1.82 8.63
CA LEU A 11 22.04 1.70 7.24
C LEU A 11 23.22 2.62 6.96
N ILE A 12 24.26 2.07 6.34
CA ILE A 12 25.42 2.84 5.91
C ILE A 12 25.81 2.37 4.52
N ARG A 13 26.36 3.30 3.73
CA ARG A 13 26.80 3.00 2.38
C ARG A 13 28.16 2.30 2.40
N PRO A 14 28.50 1.58 1.33
CA PRO A 14 29.85 1.02 1.23
C PRO A 14 30.90 2.11 1.42
N GLY A 15 31.97 1.77 2.14
CA GLY A 15 33.00 2.72 2.46
C GLY A 15 32.73 3.55 3.69
N GLY A 16 31.52 3.52 4.23
CA GLY A 16 31.19 4.28 5.42
C GLY A 16 31.75 3.64 6.67
N SER A 17 31.49 4.31 7.79
CA SER A 17 31.94 3.85 9.10
C SER A 17 30.76 3.81 10.06
N LEU A 18 30.91 2.99 11.10
CA LEU A 18 29.84 2.82 12.08
C LEU A 18 30.47 2.33 13.37
N ARG A 19 29.84 2.70 14.49
CA ARG A 19 30.36 2.43 15.82
C ARG A 19 29.31 1.68 16.62
N LEU A 20 29.68 0.52 17.14
CA LEU A 20 28.81 -0.30 17.95
C LEU A 20 29.25 -0.27 19.41
N SER A 21 28.28 -0.34 20.31
CA SER A 21 28.54 -0.32 21.74
C SER A 21 27.82 -1.49 22.40
N CYS A 22 28.42 -2.03 23.45
CA CYS A 22 27.86 -3.15 24.18
C CYS A 22 28.08 -2.91 25.67
N LYS A 23 26.99 -2.80 26.42
CA LYS A 23 27.04 -2.54 27.86
C LYS A 23 26.78 -3.83 28.61
N GLY A 24 27.71 -4.18 29.51
CA GLY A 24 27.57 -5.36 30.34
C GLY A 24 27.12 -4.98 31.74
N SER A 25 26.37 -5.87 32.38
CA SER A 25 25.92 -5.63 33.74
C SER A 25 25.78 -6.94 34.49
N GLY A 26 25.86 -6.84 35.81
CA GLY A 26 25.62 -7.96 36.69
C GLY A 26 26.83 -8.79 37.03
N PHE A 27 28.03 -8.35 36.65
CA PHE A 27 29.24 -9.10 36.97
C PHE A 27 30.40 -8.11 36.93
N ILE A 28 31.57 -8.57 37.38
CA ILE A 28 32.72 -7.70 37.47
C ILE A 28 33.31 -7.55 36.07
N PHE A 29 32.85 -6.52 35.38
CA PHE A 29 33.13 -6.29 33.96
C PHE A 29 34.62 -6.32 33.66
N GLU A 30 35.41 -5.65 34.50
CA GLU A 30 36.84 -5.47 34.26
C GLU A 30 37.59 -6.79 34.08
N ASN A 31 37.07 -7.91 34.57
CA ASN A 31 37.80 -9.17 34.55
C ASN A 31 37.66 -9.95 33.26
N PHE A 32 36.72 -9.60 32.39
CA PHE A 32 36.34 -10.47 31.29
C PHE A 32 36.84 -9.96 29.95
N GLY A 33 37.17 -10.90 29.07
CA GLY A 33 37.32 -10.60 27.67
C GLY A 33 35.97 -10.49 26.99
N PHE A 34 36.00 -9.96 25.76
CA PHE A 34 34.80 -9.84 24.95
C PHE A 34 35.13 -10.15 23.51
N GLY A 35 34.10 -10.49 22.74
CA GLY A 35 34.24 -10.72 21.32
C GLY A 35 32.98 -10.33 20.60
N TRP A 36 33.07 -10.33 19.27
CA TRP A 36 31.94 -10.06 18.40
C TRP A 36 31.79 -11.17 17.38
N VAL A 37 30.55 -11.58 17.15
CA VAL A 37 30.22 -12.60 16.16
C VAL A 37 29.09 -12.06 15.29
N ARG A 38 29.12 -12.39 14.00
CA ARG A 38 28.11 -11.94 13.07
C ARG A 38 27.53 -13.14 12.34
N GLN A 39 26.35 -12.93 11.75
CA GLN A 39 25.70 -13.94 10.91
C GLN A 39 25.17 -13.24 9.68
N GLY A 40 25.79 -13.49 8.53
CA GLY A 40 25.29 -12.96 7.29
C GLY A 40 24.05 -13.69 6.84
N PRO A 41 23.36 -13.12 5.85
CA PRO A 41 22.16 -13.78 5.32
C PRO A 41 22.46 -15.20 4.89
N GLY A 42 21.75 -16.16 5.49
CA GLY A 42 21.92 -17.56 5.13
C GLY A 42 23.23 -18.19 5.54
N LYS A 43 24.07 -17.50 6.30
CA LYS A 43 25.32 -18.07 6.76
C LYS A 43 25.21 -18.53 8.21
N GLY A 44 26.27 -19.18 8.69
CA GLY A 44 26.41 -19.53 10.08
C GLY A 44 27.22 -18.48 10.84
N LEU A 45 27.55 -18.82 12.07
CA LEU A 45 28.35 -17.93 12.89
C LEU A 45 29.77 -17.83 12.32
N GLU A 46 30.30 -16.61 12.32
CA GLU A 46 31.64 -16.33 11.82
C GLU A 46 32.36 -15.49 12.85
N TRP A 47 33.54 -15.95 13.27
CA TRP A 47 34.32 -15.26 14.28
C TRP A 47 34.95 -14.02 13.67
N VAL A 48 34.67 -12.86 14.26
CA VAL A 48 35.12 -11.59 13.73
C VAL A 48 36.32 -11.04 14.50
N SER A 49 36.24 -11.02 15.83
CA SER A 49 37.23 -10.33 16.63
C SER A 49 37.16 -10.82 18.07
N GLY A 50 38.17 -10.42 18.84
CA GLY A 50 38.15 -10.60 20.28
C GLY A 50 39.22 -9.74 20.92
N THR A 51 38.96 -9.30 22.15
CA THR A 51 39.93 -8.54 22.92
C THR A 51 39.87 -8.97 24.38
N ASN A 52 40.98 -8.77 25.07
CA ASN A 52 41.09 -9.17 26.47
C ASN A 52 40.65 -8.01 27.37
N TRP A 53 40.88 -8.16 28.68
CA TRP A 53 40.21 -7.29 29.66
C TRP A 53 40.56 -5.82 29.47
N ASN A 54 41.81 -5.51 29.13
CA ASN A 54 42.23 -4.12 28.98
C ASN A 54 42.41 -3.71 27.53
N GLY A 55 41.95 -4.52 26.58
CA GLY A 55 42.10 -4.17 25.18
C GLY A 55 43.51 -4.17 24.67
N GLY A 56 44.48 -4.63 25.49
CA GLY A 56 45.86 -4.62 25.04
C GLY A 56 46.14 -5.67 23.98
N ASP A 57 45.46 -6.80 24.04
CA ASP A 57 45.57 -7.86 23.04
C ASP A 57 44.27 -7.88 22.26
N SER A 58 44.32 -7.45 21.00
CA SER A 58 43.17 -7.50 20.10
C SER A 58 43.58 -8.23 18.85
N ARG A 59 42.74 -9.14 18.37
CA ARG A 59 43.04 -9.87 17.14
C ARG A 59 41.74 -10.12 16.39
N TYR A 60 41.89 -10.52 15.14
CA TYR A 60 40.82 -10.43 14.16
C TYR A 60 40.79 -11.65 13.26
N GLY A 61 39.60 -11.98 12.78
CA GLY A 61 39.48 -12.97 11.74
C GLY A 61 40.24 -12.55 10.49
N ASP A 62 40.78 -13.54 9.79
CA ASP A 62 41.52 -13.25 8.55
C ASP A 62 40.70 -12.39 7.61
N SER A 63 39.40 -12.64 7.53
CA SER A 63 38.53 -11.97 6.57
C SER A 63 38.21 -10.53 6.95
N VAL A 64 38.54 -10.10 8.17
CA VAL A 64 38.25 -8.75 8.64
C VAL A 64 39.50 -7.98 9.02
N LYS A 65 40.68 -8.59 8.91
CA LYS A 65 41.91 -7.91 9.29
C LYS A 65 42.05 -6.59 8.56
N GLY A 66 42.37 -5.53 9.29
CA GLY A 66 42.58 -4.23 8.69
C GLY A 66 41.39 -3.28 8.80
N ARG A 67 40.22 -3.72 8.35
CA ARG A 67 39.07 -2.83 8.26
C ARG A 67 38.39 -2.63 9.60
N PHE A 68 38.46 -3.61 10.49
CA PHE A 68 37.77 -3.55 11.77
C PHE A 68 38.77 -3.21 12.87
N THR A 69 38.32 -2.41 13.84
CA THR A 69 39.12 -2.10 15.02
C THR A 69 38.25 -2.25 16.25
N ILE A 70 38.70 -3.06 17.19
CA ILE A 70 38.01 -3.26 18.47
C ILE A 70 38.65 -2.38 19.52
N SER A 71 37.83 -1.88 20.45
CA SER A 71 38.32 -1.11 21.58
C SER A 71 37.39 -1.35 22.76
N ARG A 72 37.82 -0.91 23.93
CA ARG A 72 37.00 -1.02 25.14
C ARG A 72 37.29 0.17 26.04
N ASP A 73 36.31 0.50 26.89
CA ASP A 73 36.43 1.59 27.87
C ASP A 73 36.10 1.03 29.25
N ASN A 74 37.14 0.53 29.94
CA ASN A 74 36.96 0.00 31.29
C ASN A 74 36.54 1.06 32.30
N SER A 75 36.74 2.35 31.98
CA SER A 75 36.35 3.38 32.92
C SER A 75 34.83 3.49 33.04
N ASN A 76 34.13 3.45 31.90
CA ASN A 76 32.67 3.54 31.89
C ASN A 76 32.01 2.19 31.59
N ASN A 77 32.78 1.10 31.65
CA ASN A 77 32.25 -0.26 31.49
C ASN A 77 31.56 -0.45 30.14
N PHE A 78 32.16 0.09 29.09
CA PHE A 78 31.71 -0.13 27.73
C PHE A 78 32.77 -0.85 26.91
N VAL A 79 32.32 -1.67 25.97
CA VAL A 79 33.17 -2.20 24.91
C VAL A 79 32.61 -1.72 23.59
N TYR A 80 33.50 -1.44 22.64
CA TYR A 80 33.13 -0.88 21.35
C TYR A 80 33.62 -1.78 20.22
N LEU A 81 33.01 -1.60 19.04
CA LEU A 81 33.59 -2.07 17.79
C LEU A 81 33.51 -0.94 16.78
N GLN A 82 34.66 -0.41 16.40
CA GLN A 82 34.77 0.59 15.34
C GLN A 82 34.95 -0.13 14.02
N MET A 83 33.98 -0.01 13.12
CA MET A 83 33.99 -0.71 11.84
C MET A 83 34.18 0.30 10.73
N ASN A 84 35.33 0.23 10.06
CA ASN A 84 35.67 1.13 8.98
C ASN A 84 35.70 0.37 7.66
N SER A 85 35.60 1.11 6.56
CA SER A 85 35.61 0.54 5.22
C SER A 85 34.62 -0.61 5.11
N LEU A 86 33.38 -0.35 5.55
CA LEU A 86 32.34 -1.37 5.50
C LEU A 86 32.02 -1.72 4.06
N ARG A 87 31.73 -3.00 3.82
CA ARG A 87 31.37 -3.50 2.50
C ARG A 87 30.07 -4.28 2.57
N PRO A 88 29.36 -4.40 1.44
CA PRO A 88 28.11 -5.17 1.42
C PRO A 88 28.21 -6.57 2.02
N GLU A 89 29.29 -7.31 1.74
CA GLU A 89 29.37 -8.67 2.25
C GLU A 89 29.41 -8.71 3.77
N ASP A 90 29.72 -7.59 4.41
CA ASP A 90 29.72 -7.52 5.87
C ASP A 90 28.31 -7.35 6.44
N THR A 91 27.31 -7.25 5.58
CA THR A 91 25.92 -7.18 6.03
C THR A 91 25.57 -8.42 6.85
N ALA A 92 25.08 -8.21 8.07
CA ALA A 92 24.82 -9.32 8.98
C ALA A 92 24.24 -8.77 10.28
N ILE A 93 23.68 -9.69 11.08
CA ILE A 93 23.36 -9.40 12.47
C ILE A 93 24.63 -9.60 13.30
N TYR A 94 24.96 -8.61 14.11
CA TYR A 94 26.15 -8.65 14.96
C TYR A 94 25.74 -8.86 16.41
N TYR A 95 26.34 -9.86 17.04
CA TYR A 95 26.10 -10.17 18.46
C TYR A 95 27.33 -9.80 19.27
N CYS A 96 27.12 -9.07 20.36
CA CYS A 96 28.14 -8.92 21.39
C CYS A 96 28.10 -10.14 22.30
N ALA A 97 29.28 -10.58 22.75
CA ALA A 97 29.32 -11.80 23.55
C ALA A 97 30.47 -11.73 24.55
N ARG A 98 30.17 -12.18 25.77
CA ARG A 98 31.15 -12.19 26.84
C ARG A 98 32.06 -13.40 26.71
N GLY A 99 33.35 -13.19 26.88
CA GLY A 99 34.33 -14.25 26.87
C GLY A 99 34.53 -14.88 28.23
N THR A 100 35.73 -15.38 28.46
CA THR A 100 36.06 -16.06 29.70
C THR A 100 36.56 -15.06 30.74
N ASP A 101 36.70 -15.54 31.98
CA ASP A 101 37.32 -14.76 33.05
C ASP A 101 38.64 -15.35 33.51
N TYR A 102 39.31 -16.10 32.64
CA TYR A 102 40.65 -16.58 32.92
C TYR A 102 41.36 -16.83 31.60
N THR A 103 42.65 -17.08 31.71
CA THR A 103 43.47 -17.42 30.55
C THR A 103 44.63 -18.27 31.03
N ILE A 104 45.39 -18.78 30.06
CA ILE A 104 46.48 -19.70 30.34
C ILE A 104 47.65 -19.35 29.44
N ASP A 105 48.84 -19.24 30.00
CA ASP A 105 50.02 -18.86 29.24
C ASP A 105 50.73 -20.13 28.74
N ASP A 106 51.80 -19.91 27.97
CA ASP A 106 52.57 -21.02 27.42
C ASP A 106 53.15 -21.92 28.50
N GLN A 107 53.18 -21.47 29.75
CA GLN A 107 53.72 -22.26 30.86
C GLN A 107 52.65 -23.08 31.57
N GLY A 108 51.39 -22.99 31.12
CA GLY A 108 50.31 -23.72 31.75
C GLY A 108 49.70 -23.05 32.96
N ILE A 109 50.13 -21.84 33.29
CA ILE A 109 49.63 -21.14 34.48
C ILE A 109 48.30 -20.49 34.15
N ARG A 110 47.33 -20.68 35.05
CA ARG A 110 45.98 -20.15 34.87
C ARG A 110 45.85 -18.82 35.60
N TYR A 111 45.29 -17.82 34.92
CA TYR A 111 45.15 -16.47 35.46
C TYR A 111 43.67 -16.17 35.64
N GLN A 112 43.18 -16.28 36.86
CA GLN A 112 41.78 -15.98 37.14
C GLN A 112 41.54 -14.47 37.05
N GLY A 113 40.45 -14.09 36.38
CA GLY A 113 40.06 -12.71 36.28
C GLY A 113 40.64 -11.96 35.10
N SER A 114 41.63 -12.52 34.42
CA SER A 114 42.20 -11.90 33.23
C SER A 114 41.57 -12.54 32.00
N GLY A 115 40.30 -12.19 31.80
CA GLY A 115 39.48 -12.88 30.82
C GLY A 115 39.93 -12.63 29.40
N THR A 116 39.55 -13.56 28.54
CA THR A 116 39.82 -13.47 27.11
C THR A 116 38.62 -14.04 26.37
N PHE A 117 38.81 -14.39 25.10
CA PHE A 117 37.70 -14.52 24.16
C PHE A 117 37.69 -15.89 23.45
N TRP A 118 38.10 -16.95 24.16
CA TRP A 118 38.16 -18.26 23.53
C TRP A 118 36.76 -18.74 23.14
N TYR A 119 35.77 -18.49 23.98
CA TYR A 119 34.41 -18.93 23.75
C TYR A 119 33.50 -17.99 24.52
N PHE A 120 32.19 -18.08 24.23
CA PHE A 120 31.24 -17.05 24.66
C PHE A 120 30.08 -17.70 25.39
N ASP A 121 29.95 -17.41 26.69
CA ASP A 121 28.89 -17.98 27.51
C ASP A 121 27.69 -17.05 27.65
N VAL A 122 27.78 -15.80 27.20
CA VAL A 122 26.68 -14.85 27.28
C VAL A 122 26.61 -14.08 25.97
N TRP A 123 25.43 -14.03 25.36
CA TRP A 123 25.23 -13.45 24.05
C TRP A 123 24.13 -12.41 24.09
N GLY A 124 24.37 -11.27 23.46
CA GLY A 124 23.36 -10.25 23.35
C GLY A 124 22.21 -10.69 22.45
N ARG A 125 21.12 -9.93 22.52
CA ARG A 125 19.99 -10.20 21.65
C ARG A 125 20.28 -9.81 20.19
N GLY A 126 21.36 -9.08 19.95
CA GLY A 126 21.84 -8.79 18.62
C GLY A 126 21.28 -7.51 18.05
N THR A 127 22.11 -6.82 17.27
CA THR A 127 21.71 -5.62 16.57
C THR A 127 22.00 -5.79 15.09
N LEU A 128 21.04 -5.39 14.25
CA LEU A 128 21.18 -5.57 12.81
C LEU A 128 22.03 -4.47 12.21
N VAL A 129 23.00 -4.86 11.38
CA VAL A 129 23.75 -3.94 10.54
C VAL A 129 23.54 -4.38 9.10
N THR A 130 23.10 -3.45 8.26
CA THR A 130 22.92 -3.71 6.83
C THR A 130 23.82 -2.77 6.06
N VAL A 131 24.70 -3.34 5.23
CA VAL A 131 25.61 -2.58 4.41
C VAL A 131 25.19 -2.80 2.96
N SER A 132 24.65 -1.75 2.35
CA SER A 132 24.20 -1.78 0.97
C SER A 132 24.14 -0.35 0.47
N SER A 133 24.26 -0.17 -0.84
CA SER A 133 24.18 1.15 -1.44
C SER A 133 22.81 1.43 -2.04
N ALA A 134 21.81 0.59 -1.77
CA ALA A 134 20.48 0.80 -2.30
C ALA A 134 19.72 1.81 -1.44
N SER A 135 18.88 2.61 -2.09
CA SER A 135 18.13 3.65 -1.41
C SER A 135 16.81 3.11 -0.90
N THR A 136 16.47 3.48 0.34
CA THR A 136 15.20 3.12 0.94
C THR A 136 14.04 3.36 -0.01
N LYS A 137 13.26 2.31 -0.26
CA LYS A 137 12.11 2.40 -1.15
C LYS A 137 11.01 1.48 -0.64
N GLY A 138 9.76 1.91 -0.85
CA GLY A 138 8.61 1.11 -0.52
C GLY A 138 8.33 0.08 -1.60
N PRO A 139 7.70 -1.04 -1.23
CA PRO A 139 7.51 -2.14 -2.18
C PRO A 139 6.50 -1.83 -3.26
N SER A 140 6.72 -2.45 -4.42
CA SER A 140 5.65 -2.69 -5.38
C SER A 140 5.00 -4.02 -5.04
N VAL A 141 3.68 -4.01 -4.89
CA VAL A 141 2.92 -5.20 -4.53
C VAL A 141 2.15 -5.66 -5.75
N PHE A 142 2.40 -6.90 -6.19
CA PHE A 142 1.68 -7.48 -7.30
C PHE A 142 0.91 -8.71 -6.83
N PRO A 143 -0.35 -8.85 -7.20
CA PRO A 143 -1.10 -10.06 -6.81
C PRO A 143 -0.58 -11.31 -7.51
N LEU A 144 -0.63 -12.41 -6.77
CA LEU A 144 -0.37 -13.74 -7.33
C LEU A 144 -1.69 -14.47 -7.40
N ALA A 145 -2.23 -14.57 -8.58
CA ALA A 145 -3.59 -15.00 -8.88
C ALA A 145 -3.66 -16.51 -9.10
N PRO A 146 -4.70 -17.19 -8.60
CA PRO A 146 -4.83 -18.61 -8.91
C PRO A 146 -5.22 -18.86 -10.36
N THR A 151 -5.03 -25.11 -8.57
CA THR A 151 -5.78 -25.94 -7.63
C THR A 151 -5.19 -27.35 -7.57
N SER A 152 -4.94 -27.83 -6.36
CA SER A 152 -4.44 -29.18 -6.16
C SER A 152 -4.75 -29.61 -4.73
N GLY A 153 -5.33 -30.79 -4.59
CA GLY A 153 -5.84 -31.25 -3.31
C GLY A 153 -7.24 -30.80 -2.99
N GLY A 154 -7.95 -30.21 -3.96
CA GLY A 154 -9.31 -29.76 -3.75
C GLY A 154 -9.45 -28.30 -3.37
N THR A 155 -8.37 -27.51 -3.44
CA THR A 155 -8.42 -26.12 -3.01
C THR A 155 -7.58 -25.26 -3.93
N ALA A 156 -7.83 -23.96 -3.88
CA ALA A 156 -7.04 -22.96 -4.59
C ALA A 156 -5.98 -22.37 -3.65
N ALA A 157 -5.09 -21.57 -4.24
CA ALA A 157 -4.05 -20.88 -3.50
C ALA A 157 -3.87 -19.50 -4.11
N LEU A 158 -3.59 -18.51 -3.26
CA LEU A 158 -3.38 -17.14 -3.70
C LEU A 158 -2.30 -16.50 -2.82
N GLY A 159 -1.93 -15.28 -3.17
CA GLY A 159 -0.98 -14.55 -2.35
C GLY A 159 -0.64 -13.22 -2.97
N CYS A 160 0.14 -12.46 -2.22
CA CYS A 160 0.72 -11.21 -2.68
C CYS A 160 2.23 -11.38 -2.84
N LEU A 161 2.76 -10.86 -3.95
CA LEU A 161 4.19 -10.83 -4.21
C LEU A 161 4.68 -9.42 -3.88
N VAL A 162 5.47 -9.30 -2.81
CA VAL A 162 5.99 -8.01 -2.37
C VAL A 162 7.41 -7.91 -2.90
N LYS A 163 7.60 -7.05 -3.89
CA LYS A 163 8.79 -7.07 -4.73
C LYS A 163 9.42 -5.69 -4.78
N ASP A 164 10.75 -5.65 -4.87
CA ASP A 164 11.51 -4.42 -5.02
C ASP A 164 11.25 -3.46 -3.86
N TYR A 165 11.40 -3.95 -2.64
CA TYR A 165 11.46 -3.08 -1.48
C TYR A 165 12.87 -3.05 -0.94
N PHE A 166 13.15 -2.04 -0.13
CA PHE A 166 14.45 -1.94 0.47
C PHE A 166 14.47 -0.95 1.64
N PRO A 167 15.12 -1.32 2.74
CA PRO A 167 15.74 -2.60 3.10
C PRO A 167 14.74 -3.52 3.78
N GLU A 168 15.21 -4.65 4.31
CA GLU A 168 14.38 -5.42 5.22
C GLU A 168 14.26 -4.62 6.52
N PRO A 169 13.22 -4.92 7.33
CA PRO A 169 12.19 -5.91 7.03
C PRO A 169 10.86 -5.30 6.63
N VAL A 170 9.95 -6.20 6.25
CA VAL A 170 8.54 -5.88 6.09
C VAL A 170 7.77 -6.76 7.07
N THR A 171 6.51 -6.42 7.27
CA THR A 171 5.60 -7.29 7.99
C THR A 171 4.30 -7.37 7.19
N VAL A 172 3.69 -8.54 7.18
CA VAL A 172 2.45 -8.77 6.44
C VAL A 172 1.39 -9.22 7.42
N SER A 173 0.19 -8.67 7.29
CA SER A 173 -0.99 -9.17 7.98
C SER A 173 -2.11 -9.30 6.97
N TRP A 174 -3.15 -10.03 7.36
CA TRP A 174 -4.32 -10.25 6.51
C TRP A 174 -5.56 -9.80 7.27
N ASN A 175 -6.39 -9.00 6.60
CA ASN A 175 -7.60 -8.48 7.23
C ASN A 175 -7.29 -7.93 8.61
N SER A 176 -6.26 -7.07 8.66
CA SER A 176 -5.80 -6.41 9.88
C SER A 176 -4.90 -7.31 10.71
N GLY A 177 -5.00 -8.63 10.51
CA GLY A 177 -4.15 -9.56 11.23
C GLY A 177 -4.92 -10.69 11.90
N ALA A 178 -6.23 -10.76 11.65
CA ALA A 178 -7.06 -11.79 12.27
C ALA A 178 -6.99 -13.12 11.55
N LEU A 179 -6.45 -13.17 10.33
CA LEU A 179 -6.43 -14.38 9.52
C LEU A 179 -5.02 -14.97 9.58
N THR A 180 -4.84 -16.01 10.39
CA THR A 180 -3.57 -16.70 10.55
C THR A 180 -3.56 -18.12 9.99
N SER A 181 -4.72 -18.79 9.99
CA SER A 181 -4.77 -20.17 9.54
C SER A 181 -4.34 -20.28 8.08
N GLY A 182 -3.25 -21.00 7.84
CA GLY A 182 -2.82 -21.33 6.50
C GLY A 182 -1.92 -20.31 5.84
N VAL A 183 -1.45 -19.30 6.57
CA VAL A 183 -0.58 -18.27 6.00
C VAL A 183 0.88 -18.72 6.10
N HIS A 184 1.56 -18.73 4.96
CA HIS A 184 3.02 -18.88 4.90
C HIS A 184 3.61 -17.58 4.36
N THR A 185 4.50 -16.96 5.11
CA THR A 185 5.28 -15.83 4.62
C THR A 185 6.72 -16.29 4.42
N PHE A 186 7.22 -16.17 3.19
CA PHE A 186 8.52 -16.72 2.83
C PHE A 186 9.66 -15.81 3.26
N PRO A 187 10.85 -16.37 3.48
CA PRO A 187 12.02 -15.52 3.71
C PRO A 187 12.29 -14.61 2.51
N ALA A 188 12.73 -13.40 2.80
CA ALA A 188 13.04 -12.44 1.75
C ALA A 188 14.22 -12.94 0.93
N VAL A 189 14.18 -12.64 -0.37
CA VAL A 189 15.26 -12.97 -1.29
C VAL A 189 15.88 -11.66 -1.80
N LEU A 190 17.20 -11.62 -1.82
CA LEU A 190 17.94 -10.50 -2.39
C LEU A 190 18.05 -10.68 -3.90
N GLN A 191 17.48 -9.75 -4.66
CA GLN A 191 17.51 -9.83 -6.11
C GLN A 191 18.85 -9.33 -6.65
N SER A 192 19.07 -9.63 -7.94
CA SER A 192 20.26 -9.12 -8.61
C SER A 192 20.44 -7.63 -8.40
N SER A 193 19.34 -6.88 -8.40
CA SER A 193 19.40 -5.43 -8.21
C SER A 193 19.89 -5.04 -6.83
N GLY A 194 20.02 -5.98 -5.90
CA GLY A 194 20.31 -5.63 -4.53
C GLY A 194 19.09 -5.24 -3.73
N LEU A 195 17.90 -5.37 -4.31
CA LEU A 195 16.64 -5.10 -3.64
C LEU A 195 15.96 -6.41 -3.28
N TYR A 196 15.12 -6.38 -2.26
CA TYR A 196 14.49 -7.60 -1.78
C TYR A 196 13.17 -7.86 -2.48
N SER A 197 12.79 -9.14 -2.48
CA SER A 197 11.49 -9.58 -2.95
C SER A 197 11.10 -10.80 -2.13
N LEU A 198 9.80 -10.95 -1.89
CA LEU A 198 9.28 -12.15 -1.27
C LEU A 198 7.83 -12.32 -1.69
N SER A 199 7.29 -13.50 -1.40
CA SER A 199 5.88 -13.76 -1.59
C SER A 199 5.25 -14.14 -0.25
N SER A 200 4.01 -13.71 -0.07
CA SER A 200 3.17 -14.16 1.05
C SER A 200 1.97 -14.89 0.47
N VAL A 201 1.70 -16.08 0.99
CA VAL A 201 0.62 -16.92 0.47
C VAL A 201 -0.24 -17.39 1.63
N VAL A 202 -1.42 -17.89 1.26
CA VAL A 202 -2.39 -18.39 2.22
C VAL A 202 -3.35 -19.29 1.45
N THR A 203 -3.69 -20.43 2.05
CA THR A 203 -4.56 -21.41 1.41
C THR A 203 -5.99 -21.21 1.91
N VAL A 204 -6.95 -21.24 1.00
CA VAL A 204 -8.35 -21.00 1.32
C VAL A 204 -9.21 -21.98 0.54
N PRO A 205 -10.45 -22.21 1.00
CA PRO A 205 -11.38 -23.02 0.20
C PRO A 205 -11.62 -22.37 -1.16
N SER A 206 -11.62 -23.21 -2.20
CA SER A 206 -11.86 -22.70 -3.54
C SER A 206 -13.25 -22.08 -3.65
N SER A 207 -14.22 -22.58 -2.87
CA SER A 207 -15.58 -22.09 -2.94
C SER A 207 -15.71 -20.70 -2.32
N SER A 208 -14.95 -20.43 -1.25
CA SER A 208 -15.07 -19.16 -0.55
C SER A 208 -14.45 -17.99 -1.31
N LEU A 209 -13.81 -18.24 -2.46
CA LEU A 209 -13.16 -17.16 -3.20
C LEU A 209 -14.17 -16.07 -3.56
N GLY A 210 -15.27 -16.44 -4.22
CA GLY A 210 -16.19 -15.45 -4.72
C GLY A 210 -16.85 -14.63 -3.63
N THR A 211 -17.20 -15.28 -2.53
CA THR A 211 -17.95 -14.60 -1.47
C THR A 211 -17.14 -13.48 -0.83
N GLN A 212 -15.93 -13.80 -0.37
CA GLN A 212 -15.16 -12.93 0.50
C GLN A 212 -14.00 -12.29 -0.24
N THR A 213 -13.63 -11.09 0.19
CA THR A 213 -12.56 -10.31 -0.42
C THR A 213 -11.28 -10.48 0.39
N TYR A 214 -10.15 -10.52 -0.30
CA TYR A 214 -8.84 -10.73 0.33
C TYR A 214 -7.92 -9.57 0.00
N ILE A 215 -7.39 -8.95 1.04
CA ILE A 215 -6.44 -7.84 0.94
C ILE A 215 -5.23 -8.20 1.78
N CYS A 216 -4.03 -7.94 1.24
CA CYS A 216 -2.79 -8.19 1.95
C CYS A 216 -2.22 -6.88 2.45
N ASN A 217 -1.83 -6.84 3.72
CA ASN A 217 -1.36 -5.63 4.38
C ASN A 217 0.15 -5.67 4.47
N VAL A 218 0.82 -4.86 3.66
CA VAL A 218 2.28 -4.83 3.61
C VAL A 218 2.78 -3.62 4.39
N ASN A 219 3.69 -3.87 5.33
CA ASN A 219 4.29 -2.82 6.15
C ASN A 219 5.78 -2.79 5.90
N HIS A 220 6.34 -1.59 5.71
CA HIS A 220 7.75 -1.40 5.41
C HIS A 220 8.22 -0.19 6.21
N LYS A 221 8.64 -0.42 7.46
CA LYS A 221 8.97 0.68 8.36
C LYS A 221 10.12 1.55 7.87
N PRO A 222 11.22 1.01 7.32
CA PRO A 222 12.32 1.89 6.91
C PRO A 222 11.87 3.13 6.14
N SER A 223 10.86 2.98 5.30
CA SER A 223 10.26 4.09 4.58
C SER A 223 8.91 4.47 5.15
N ASN A 224 8.58 3.97 6.35
CA ASN A 224 7.29 4.20 7.00
C ASN A 224 6.15 4.11 5.98
N THR A 225 6.09 2.95 5.33
CA THR A 225 5.12 2.65 4.28
C THR A 225 4.15 1.56 4.76
N LYS A 226 2.91 1.64 4.28
CA LYS A 226 1.94 0.58 4.48
C LYS A 226 1.07 0.47 3.24
N VAL A 227 0.98 -0.73 2.69
CA VAL A 227 0.36 -0.95 1.38
C VAL A 227 -0.59 -2.15 1.47
N ASP A 228 -1.85 -1.92 1.13
CA ASP A 228 -2.83 -2.98 0.96
C ASP A 228 -3.15 -3.16 -0.52
N LYS A 229 -3.41 -4.40 -0.92
CA LYS A 229 -3.83 -4.69 -2.29
C LYS A 229 -4.88 -5.80 -2.27
N LYS A 230 -6.04 -5.51 -2.86
CA LYS A 230 -7.09 -6.50 -2.97
C LYS A 230 -6.80 -7.45 -4.13
N VAL A 231 -7.09 -8.73 -3.93
CA VAL A 231 -6.84 -9.75 -4.92
C VAL A 231 -8.18 -10.13 -5.55
N GLU A 232 -8.28 -9.92 -6.88
CA GLU A 232 -9.45 -10.29 -7.67
C GLU A 232 -9.11 -11.44 -8.60
N PRO A 233 -10.04 -12.40 -8.81
CA PRO A 233 -9.73 -13.51 -9.72
C PRO A 233 -9.49 -13.04 -11.16
N GLU B 1 44.59 -20.25 8.45
CA GLU B 1 43.20 -20.08 8.94
C GLU B 1 42.51 -21.44 9.04
N ILE B 2 42.02 -21.78 10.23
CA ILE B 2 41.45 -23.11 10.46
C ILE B 2 40.08 -23.19 9.82
N VAL B 3 39.88 -24.19 8.96
CA VAL B 3 38.61 -24.44 8.30
C VAL B 3 37.90 -25.58 9.02
N LEU B 4 36.65 -25.37 9.40
CA LEU B 4 35.85 -26.37 10.09
C LEU B 4 34.76 -26.88 9.18
N THR B 5 34.69 -28.20 9.02
CA THR B 5 33.68 -28.85 8.17
C THR B 5 32.87 -29.80 9.05
N GLN B 6 31.59 -29.50 9.22
CA GLN B 6 30.69 -30.27 10.07
C GLN B 6 29.89 -31.28 9.26
N SER B 7 29.38 -32.28 9.96
CA SER B 7 28.45 -33.23 9.36
C SER B 7 27.61 -33.96 10.41
N PRO B 8 26.41 -34.44 10.03
CA PRO B 8 25.78 -34.09 8.75
C PRO B 8 25.33 -32.64 8.78
N ASP B 9 24.94 -32.08 7.65
CA ASP B 9 24.51 -30.68 7.63
C ASP B 9 23.23 -30.45 8.42
N THR B 10 22.51 -31.52 8.77
CA THR B 10 21.26 -31.39 9.50
C THR B 10 20.75 -32.80 9.79
N LEU B 11 19.92 -32.91 10.81
CA LEU B 11 19.50 -34.20 11.34
C LEU B 11 17.98 -34.27 11.43
N SER B 12 17.44 -35.43 11.06
CA SER B 12 16.01 -35.72 11.17
C SER B 12 15.85 -36.82 12.23
N LEU B 13 15.44 -36.42 13.43
CA LEU B 13 15.34 -37.31 14.57
C LEU B 13 13.97 -37.16 15.21
N SER B 14 13.75 -37.89 16.30
CA SER B 14 12.47 -37.90 17.00
C SER B 14 12.70 -37.88 18.50
N PRO B 15 11.84 -37.21 19.26
CA PRO B 15 12.05 -37.10 20.71
C PRO B 15 12.38 -38.45 21.35
N GLY B 16 13.28 -38.42 22.32
CA GLY B 16 13.71 -39.60 23.02
C GLY B 16 14.95 -40.27 22.46
N GLU B 17 15.34 -39.94 21.23
CA GLU B 17 16.48 -40.56 20.58
C GLU B 17 17.78 -39.89 21.00
N ARG B 18 18.89 -40.57 20.74
CA ARG B 18 20.22 -39.98 20.87
C ARG B 18 20.65 -39.37 19.55
N ALA B 19 21.26 -38.19 19.63
CA ALA B 19 21.82 -37.51 18.47
C ALA B 19 23.34 -37.48 18.58
N THR B 20 24.01 -37.77 17.47
CA THR B 20 25.47 -37.74 17.40
C THR B 20 25.89 -36.75 16.33
N LEU B 21 26.61 -35.70 16.73
CA LEU B 21 27.09 -34.67 15.83
C LEU B 21 28.51 -34.96 15.38
N SER B 22 28.99 -34.18 14.41
CA SER B 22 30.33 -34.38 13.85
C SER B 22 30.88 -33.05 13.38
N CYS B 23 32.14 -32.77 13.74
CA CYS B 23 32.87 -31.59 13.29
C CYS B 23 34.29 -32.01 12.97
N ARG B 24 34.70 -31.85 11.71
CA ARG B 24 36.07 -32.16 11.30
C ARG B 24 36.89 -30.88 11.29
N ALA B 25 38.09 -30.94 11.86
CA ALA B 25 39.03 -29.83 11.88
C ALA B 25 40.12 -30.08 10.85
N SER B 26 40.59 -28.99 10.23
CA SER B 26 41.63 -29.11 9.21
C SER B 26 42.98 -29.44 9.84
N GLN B 27 43.33 -28.76 10.92
CA GLN B 27 44.60 -28.96 11.59
C GLN B 27 44.33 -29.31 13.05
N SER B 28 45.38 -29.75 13.74
CA SER B 28 45.23 -30.41 15.03
C SER B 28 44.89 -29.41 16.13
N VAL B 29 43.73 -29.58 16.74
CA VAL B 29 43.35 -28.86 17.96
C VAL B 29 43.75 -29.72 19.14
N HIS B 30 43.98 -29.08 20.29
CA HIS B 30 44.20 -29.80 21.54
C HIS B 30 42.83 -30.03 22.18
N SER B 31 42.36 -31.27 22.12
CA SER B 31 41.00 -31.68 22.44
C SER B 31 40.25 -30.73 23.36
N ARG B 32 40.94 -30.13 24.33
CA ARG B 32 40.31 -29.31 25.35
C ARG B 32 40.10 -27.87 24.90
N TYR B 33 40.32 -27.58 23.63
CA TYR B 33 40.18 -26.22 23.12
C TYR B 33 39.10 -26.20 22.05
N PHE B 34 37.92 -26.68 22.43
CA PHE B 34 36.79 -26.86 21.54
C PHE B 34 35.53 -26.44 22.28
N ALA B 35 34.60 -25.79 21.58
CA ALA B 35 33.34 -25.39 22.18
C ALA B 35 32.20 -25.74 21.23
N TRP B 36 31.00 -25.83 21.80
CA TRP B 36 29.78 -26.10 21.06
C TRP B 36 28.70 -25.14 21.54
N TYR B 37 27.85 -24.69 20.60
CA TYR B 37 26.79 -23.73 20.89
C TYR B 37 25.46 -24.26 20.40
N GLN B 38 24.39 -23.74 20.98
CA GLN B 38 23.02 -24.02 20.56
C GLN B 38 22.34 -22.72 20.17
N HIS B 39 21.53 -22.78 19.11
CA HIS B 39 20.86 -21.59 18.59
C HIS B 39 19.50 -21.98 18.05
N LYS B 40 18.38 -21.42 18.66
CA LYS B 40 17.10 -21.58 18.01
C LYS B 40 16.78 -20.33 17.19
N PRO B 41 16.07 -20.46 16.07
CA PRO B 41 15.56 -19.28 15.38
C PRO B 41 14.86 -18.32 16.35
N GLY B 42 15.19 -17.04 16.23
CA GLY B 42 14.55 -16.02 17.04
C GLY B 42 15.13 -15.83 18.42
N GLN B 43 16.18 -16.53 18.79
CA GLN B 43 16.79 -16.39 20.11
C GLN B 43 18.30 -16.29 19.98
N PRO B 44 18.97 -15.62 20.93
CA PRO B 44 20.43 -15.58 20.90
C PRO B 44 21.02 -16.95 21.13
N PRO B 45 22.17 -17.26 20.52
CA PRO B 45 22.85 -18.52 20.84
C PRO B 45 23.19 -18.62 22.33
N ARG B 46 23.30 -19.85 22.80
CA ARG B 46 23.66 -20.15 24.18
C ARG B 46 24.82 -21.12 24.19
N LEU B 47 25.82 -20.87 25.03
CA LEU B 47 26.96 -21.77 25.11
C LEU B 47 26.56 -23.07 25.79
N LEU B 48 26.94 -24.19 25.18
CA LEU B 48 26.73 -25.51 25.78
C LEU B 48 28.01 -26.09 26.38
N ILE B 49 29.10 -26.07 25.64
CA ILE B 49 30.31 -26.78 26.03
C ILE B 49 31.53 -25.91 25.77
N TYR B 50 32.44 -25.91 26.74
CA TYR B 50 33.80 -25.43 26.55
C TYR B 50 34.75 -26.45 27.14
N GLY B 51 36.04 -26.29 26.88
CA GLY B 51 37.02 -27.23 27.40
C GLY B 51 36.81 -28.65 26.92
N GLY B 52 36.28 -28.82 25.71
CA GLY B 52 36.00 -30.15 25.20
C GLY B 52 34.71 -30.72 25.75
N SER B 53 34.65 -30.92 27.07
CA SER B 53 33.44 -31.44 27.67
C SER B 53 33.16 -30.90 29.07
N THR B 54 33.96 -29.98 29.60
CA THR B 54 33.52 -29.22 30.76
C THR B 54 32.16 -28.60 30.44
N ARG B 55 31.20 -28.86 31.31
CA ARG B 55 29.85 -28.35 31.08
C ARG B 55 29.81 -26.84 31.31
N ALA B 56 29.23 -26.12 30.37
CA ALA B 56 29.01 -24.69 30.56
C ALA B 56 27.96 -24.49 31.66
N THR B 57 27.92 -23.28 32.19
CA THR B 57 26.94 -22.96 33.22
C THR B 57 25.53 -23.23 32.70
N GLY B 58 24.75 -23.95 33.50
CA GLY B 58 23.36 -24.24 33.17
C GLY B 58 23.13 -25.42 32.25
N ILE B 59 24.18 -26.08 31.77
CA ILE B 59 24.05 -27.13 30.77
C ILE B 59 23.94 -28.47 31.49
N PRO B 60 22.89 -29.26 31.25
CA PRO B 60 22.72 -30.50 32.02
C PRO B 60 23.68 -31.59 31.57
N ASN B 61 23.88 -32.55 32.47
CA ASN B 61 24.76 -33.69 32.20
C ASN B 61 24.28 -34.54 31.04
N ARG B 62 23.05 -34.30 30.55
CA ARG B 62 22.53 -35.05 29.41
C ARG B 62 23.36 -34.82 28.15
N PHE B 63 24.05 -33.69 28.06
CA PHE B 63 24.91 -33.39 26.92
C PHE B 63 26.34 -33.84 27.19
N SER B 64 26.97 -34.43 26.17
CA SER B 64 28.36 -34.85 26.30
C SER B 64 29.03 -34.74 24.93
N ALA B 65 30.32 -34.44 24.95
CA ALA B 65 31.09 -34.26 23.73
C ALA B 65 32.50 -34.79 23.95
N GLY B 66 33.22 -34.94 22.85
CA GLY B 66 34.60 -35.40 22.92
C GLY B 66 35.21 -35.47 21.54
N GLY B 67 36.31 -36.19 21.44
CA GLY B 67 37.07 -36.31 20.22
C GLY B 67 38.47 -35.72 20.39
N SER B 68 39.23 -35.77 19.31
CA SER B 68 40.63 -35.42 19.37
C SER B 68 41.20 -35.39 17.95
N GLY B 69 42.32 -34.71 17.81
CA GLY B 69 43.00 -34.66 16.53
C GLY B 69 42.27 -33.78 15.53
N THR B 70 41.67 -34.40 14.52
CA THR B 70 40.96 -33.66 13.49
C THR B 70 39.47 -33.99 13.41
N GLN B 71 38.95 -34.81 14.33
CA GLN B 71 37.52 -35.10 14.38
C GLN B 71 37.03 -34.99 15.81
N PHE B 72 35.92 -34.27 16.00
CA PHE B 72 35.27 -34.12 17.29
C PHE B 72 33.78 -34.35 17.14
N THR B 73 33.17 -34.98 18.14
CA THR B 73 31.75 -35.32 18.11
C THR B 73 31.06 -34.82 19.36
N LEU B 74 29.79 -34.50 19.21
CA LEU B 74 28.88 -34.20 20.32
C LEU B 74 27.76 -35.22 20.31
N THR B 75 27.31 -35.61 21.50
CA THR B 75 26.29 -36.63 21.66
C THR B 75 25.27 -36.17 22.69
N VAL B 76 24.00 -36.21 22.30
CA VAL B 76 22.90 -35.84 23.18
C VAL B 76 22.12 -37.12 23.48
N ASN B 77 22.14 -37.55 24.74
CA ASN B 77 21.71 -38.90 25.07
C ASN B 77 20.24 -39.13 24.73
N ARG B 78 19.37 -38.15 25.02
CA ARG B 78 17.94 -38.31 24.76
C ARG B 78 17.36 -36.93 24.45
N LEU B 79 17.11 -36.68 23.17
CA LEU B 79 16.56 -35.40 22.75
C LEU B 79 15.21 -35.14 23.40
N GLU B 80 14.97 -33.87 23.72
CA GLU B 80 13.65 -33.39 24.16
C GLU B 80 13.16 -32.34 23.18
N ALA B 81 11.95 -31.84 23.42
CA ALA B 81 11.33 -30.91 22.48
C ALA B 81 12.12 -29.62 22.36
N GLU B 82 12.58 -29.06 23.48
CA GLU B 82 13.32 -27.81 23.43
C GLU B 82 14.66 -27.93 22.73
N ASP B 83 15.10 -29.13 22.38
CA ASP B 83 16.43 -29.35 21.85
C ASP B 83 16.51 -29.25 20.33
N PHE B 84 15.38 -29.07 19.65
CA PHE B 84 15.39 -28.97 18.20
C PHE B 84 15.75 -27.55 17.79
N ALA B 85 16.91 -27.41 17.14
CA ALA B 85 17.55 -26.12 16.91
C ALA B 85 18.80 -26.33 16.06
N VAL B 86 19.61 -25.30 15.88
CA VAL B 86 20.87 -25.41 15.12
C VAL B 86 22.03 -25.43 16.10
N TYR B 87 23.02 -26.26 15.81
CA TYR B 87 24.19 -26.45 16.66
C TYR B 87 25.46 -26.19 15.86
N TYR B 88 26.39 -25.46 16.48
CA TYR B 88 27.65 -25.09 15.86
C TYR B 88 28.82 -25.57 16.71
N CYS B 89 29.85 -26.09 16.04
CA CYS B 89 31.12 -26.33 16.72
C CYS B 89 31.99 -25.08 16.62
N GLN B 90 33.00 -25.02 17.48
CA GLN B 90 33.92 -23.89 17.49
C GLN B 90 35.28 -24.35 17.98
N GLN B 91 36.32 -23.98 17.25
CA GLN B 91 37.70 -24.26 17.62
C GLN B 91 38.36 -22.97 18.07
N TYR B 92 39.20 -23.04 19.11
CA TYR B 92 40.02 -21.91 19.50
C TYR B 92 41.46 -22.34 19.75
N GLY B 93 41.96 -23.25 18.92
CA GLY B 93 43.35 -23.65 19.02
C GLY B 93 44.31 -22.68 18.35
N ARG B 94 43.86 -21.96 17.33
CA ARG B 94 44.76 -21.09 16.57
C ARG B 94 43.95 -19.98 15.91
N SER B 95 44.44 -18.75 16.04
CA SER B 95 43.81 -17.61 15.40
C SER B 95 44.04 -17.65 13.90
N PRO B 96 43.04 -17.23 13.10
CA PRO B 96 41.69 -16.86 13.53
C PRO B 96 40.86 -18.02 14.06
N TYR B 97 40.17 -17.80 15.19
CA TYR B 97 39.20 -18.77 15.65
C TYR B 97 38.08 -18.87 14.63
N THR B 98 37.56 -20.08 14.42
CA THR B 98 36.58 -20.29 13.37
C THR B 98 35.48 -21.22 13.85
N PHE B 99 34.30 -21.05 13.28
CA PHE B 99 33.13 -21.88 13.56
C PHE B 99 32.89 -22.84 12.41
N GLY B 100 32.32 -24.00 12.73
CA GLY B 100 31.73 -24.84 11.73
C GLY B 100 30.47 -24.18 11.16
N GLN B 101 29.94 -24.77 10.10
CA GLN B 101 28.83 -24.16 9.38
C GLN B 101 27.47 -24.52 9.98
N GLY B 102 27.43 -25.33 11.03
CA GLY B 102 26.19 -25.62 11.71
C GLY B 102 25.54 -26.90 11.23
N THR B 103 24.89 -27.60 12.15
CA THR B 103 24.04 -28.74 11.85
C THR B 103 22.69 -28.51 12.52
N LYS B 104 21.61 -28.63 11.75
CA LYS B 104 20.27 -28.38 12.24
C LYS B 104 19.61 -29.69 12.65
N VAL B 105 18.98 -29.67 13.83
CA VAL B 105 18.19 -30.79 14.32
C VAL B 105 16.72 -30.39 14.22
N GLU B 106 15.94 -31.15 13.46
CA GLU B 106 14.57 -30.80 13.13
C GLU B 106 13.62 -31.90 13.56
N ILE B 107 12.33 -31.56 13.57
CA ILE B 107 11.28 -32.50 13.98
C ILE B 107 11.01 -33.46 12.83
N ARG B 108 11.07 -34.75 13.11
CA ARG B 108 10.73 -35.74 12.09
C ARG B 108 9.23 -35.99 12.07
N ARG B 109 8.68 -36.08 10.86
CA ARG B 109 7.30 -36.45 10.64
C ARG B 109 7.24 -37.51 9.55
N THR B 110 6.03 -37.93 9.21
CA THR B 110 5.85 -38.85 8.09
C THR B 110 6.19 -38.15 6.78
N VAL B 111 6.52 -38.95 5.77
CA VAL B 111 6.83 -38.39 4.46
C VAL B 111 5.59 -37.72 3.89
N ALA B 112 5.78 -36.56 3.28
CA ALA B 112 4.68 -35.81 2.67
C ALA B 112 5.14 -35.28 1.31
N ALA B 113 4.51 -35.77 0.26
CA ALA B 113 4.78 -35.26 -1.08
C ALA B 113 4.32 -33.80 -1.16
N PRO B 114 4.94 -33.00 -2.03
CA PRO B 114 4.52 -31.60 -2.18
C PRO B 114 3.23 -31.44 -2.95
N SER B 115 2.48 -30.40 -2.57
CA SER B 115 1.41 -29.88 -3.40
C SER B 115 2.00 -28.78 -4.28
N VAL B 116 1.78 -28.88 -5.58
CA VAL B 116 2.51 -28.08 -6.55
C VAL B 116 1.53 -27.15 -7.27
N PHE B 117 1.90 -25.87 -7.37
CA PHE B 117 1.09 -24.86 -8.03
C PHE B 117 1.99 -23.94 -8.84
N ILE B 118 1.44 -23.43 -9.93
CA ILE B 118 2.14 -22.47 -10.79
C ILE B 118 1.26 -21.25 -10.96
N PHE B 119 1.88 -20.07 -10.89
CA PHE B 119 1.17 -18.80 -11.00
C PHE B 119 1.77 -17.98 -12.13
N PRO B 120 1.00 -17.54 -13.11
CA PRO B 120 1.59 -16.75 -14.19
C PRO B 120 1.84 -15.32 -13.75
N PRO B 121 2.64 -14.57 -14.51
CA PRO B 121 2.73 -13.13 -14.26
C PRO B 121 1.36 -12.49 -14.29
N SER B 122 1.09 -11.62 -13.33
CA SER B 122 -0.16 -10.89 -13.37
C SER B 122 -0.11 -9.85 -14.48
N ASP B 123 -1.29 -9.42 -14.89
CA ASP B 123 -1.37 -8.39 -15.92
C ASP B 123 -0.80 -7.07 -15.40
N GLU B 124 -1.03 -6.76 -14.13
CA GLU B 124 -0.50 -5.55 -13.53
C GLU B 124 1.01 -5.47 -13.68
N GLN B 125 1.73 -6.43 -13.10
CA GLN B 125 3.19 -6.40 -13.12
C GLN B 125 3.70 -6.28 -14.55
N LEU B 126 3.11 -7.03 -15.48
CA LEU B 126 3.50 -6.91 -16.88
C LEU B 126 3.33 -5.48 -17.37
N LYS B 127 2.15 -4.91 -17.11
CA LYS B 127 1.87 -3.54 -17.51
C LYS B 127 2.95 -2.58 -17.00
N SER B 128 3.46 -2.82 -15.78
CA SER B 128 4.53 -1.99 -15.24
C SER B 128 5.87 -2.27 -15.91
N GLY B 129 5.98 -3.34 -16.69
CA GLY B 129 7.16 -3.60 -17.48
C GLY B 129 8.07 -4.71 -16.99
N THR B 130 7.67 -5.43 -15.96
CA THR B 130 8.40 -6.61 -15.50
C THR B 130 7.46 -7.81 -15.59
N ALA B 131 8.04 -9.01 -15.51
CA ALA B 131 7.27 -10.25 -15.64
C ALA B 131 7.82 -11.26 -14.64
N SER B 132 7.01 -11.61 -13.64
CA SER B 132 7.41 -12.57 -12.62
C SER B 132 6.46 -13.75 -12.61
N VAL B 133 7.03 -14.95 -12.63
CA VAL B 133 6.29 -16.20 -12.54
C VAL B 133 6.64 -16.84 -11.20
N VAL B 134 5.62 -17.26 -10.46
CA VAL B 134 5.82 -17.82 -9.13
C VAL B 134 5.39 -19.28 -9.15
N CYS B 135 6.22 -20.15 -8.58
CA CYS B 135 5.89 -21.55 -8.36
C CYS B 135 5.84 -21.82 -6.86
N LEU B 136 4.72 -22.39 -6.41
CA LEU B 136 4.51 -22.68 -5.00
C LEU B 136 4.62 -24.19 -4.78
N LEU B 137 5.46 -24.58 -3.82
CA LEU B 137 5.52 -25.95 -3.32
C LEU B 137 5.03 -25.94 -1.88
N ASN B 138 3.91 -26.59 -1.62
CA ASN B 138 3.17 -26.45 -0.37
C ASN B 138 3.26 -27.73 0.44
N ASN B 139 3.64 -27.60 1.72
CA ASN B 139 3.49 -28.66 2.70
C ASN B 139 4.13 -29.97 2.23
N PHE B 140 5.46 -29.98 2.20
CA PHE B 140 6.19 -31.19 1.83
C PHE B 140 7.26 -31.50 2.85
N TYR B 141 7.68 -32.76 2.82
CA TYR B 141 8.77 -33.26 3.64
C TYR B 141 9.33 -34.52 2.96
N PRO B 142 10.66 -34.69 2.96
CA PRO B 142 11.73 -33.89 3.60
C PRO B 142 12.09 -32.60 2.88
N ARG B 143 13.06 -31.90 3.46
CA ARG B 143 13.44 -30.58 2.97
C ARG B 143 13.98 -30.64 1.55
N GLU B 144 14.76 -31.67 1.23
CA GLU B 144 15.43 -31.74 -0.06
C GLU B 144 14.39 -31.79 -1.19
N ALA B 145 14.46 -30.82 -2.09
CA ALA B 145 13.54 -30.74 -3.21
C ALA B 145 14.18 -29.90 -4.30
N LYS B 146 14.15 -30.40 -5.53
CA LYS B 146 14.75 -29.72 -6.67
C LYS B 146 13.64 -29.07 -7.49
N VAL B 147 13.79 -27.76 -7.72
CA VAL B 147 12.84 -27.00 -8.52
C VAL B 147 13.59 -26.46 -9.73
N GLN B 148 13.12 -26.79 -10.92
CA GLN B 148 13.72 -26.36 -12.17
C GLN B 148 12.70 -25.63 -13.01
N TRP B 149 13.13 -24.52 -13.60
CA TRP B 149 12.28 -23.72 -14.46
C TRP B 149 12.55 -24.05 -15.92
N LYS B 150 11.49 -24.08 -16.72
CA LYS B 150 11.61 -24.34 -18.15
C LYS B 150 10.75 -23.35 -18.93
N VAL B 151 11.31 -22.83 -20.02
CA VAL B 151 10.63 -21.91 -20.91
C VAL B 151 10.61 -22.55 -22.29
N ASP B 152 9.42 -22.74 -22.85
CA ASP B 152 9.24 -23.59 -24.02
C ASP B 152 9.95 -24.93 -23.80
N ASN B 153 9.87 -25.43 -22.57
CA ASN B 153 10.49 -26.66 -22.12
C ASN B 153 12.01 -26.56 -22.11
N ALA B 154 12.58 -25.40 -22.48
CA ALA B 154 14.01 -25.17 -22.36
C ALA B 154 14.36 -24.76 -20.93
N LEU B 155 15.32 -25.45 -20.35
CA LEU B 155 15.73 -25.17 -18.97
C LEU B 155 16.36 -23.78 -18.89
N GLN B 156 15.95 -23.00 -17.89
CA GLN B 156 16.51 -21.68 -17.65
C GLN B 156 17.61 -21.79 -16.60
N SER B 157 18.17 -20.63 -16.23
CA SER B 157 19.13 -20.58 -15.13
C SER B 157 19.60 -19.15 -14.85
N GLY B 158 20.00 -18.90 -13.60
CA GLY B 158 20.43 -17.57 -13.19
C GLY B 158 19.33 -16.53 -13.15
N ASN B 159 18.10 -16.87 -13.54
CA ASN B 159 16.99 -15.93 -13.56
C ASN B 159 15.83 -16.46 -12.74
N SER B 160 16.11 -17.30 -11.74
CA SER B 160 15.11 -17.79 -10.82
C SER B 160 15.66 -17.68 -9.40
N GLN B 161 14.74 -17.65 -8.44
CA GLN B 161 15.11 -17.52 -7.04
C GLN B 161 14.23 -18.41 -6.19
N GLU B 162 14.84 -19.10 -5.24
CA GLU B 162 14.14 -20.00 -4.35
C GLU B 162 14.02 -19.37 -2.96
N SER B 163 13.35 -20.10 -2.08
CA SER B 163 13.20 -19.70 -0.69
C SER B 163 12.31 -20.69 0.05
N VAL B 164 12.81 -21.21 1.17
CA VAL B 164 12.10 -22.17 1.99
C VAL B 164 11.67 -21.47 3.28
N THR B 165 10.47 -21.78 3.76
CA THR B 165 10.02 -21.21 5.01
C THR B 165 10.61 -21.98 6.19
N GLU B 166 10.52 -21.38 7.37
CA GLU B 166 10.85 -22.11 8.58
C GLU B 166 9.91 -23.29 8.73
N GLN B 167 10.40 -24.31 9.44
CA GLN B 167 9.60 -25.50 9.71
C GLN B 167 8.29 -25.11 10.40
N ASP B 168 7.18 -25.66 9.89
CA ASP B 168 5.87 -25.22 10.33
C ASP B 168 5.65 -25.50 11.81
N SER B 169 5.14 -24.50 12.53
CA SER B 169 4.96 -24.60 13.97
C SER B 169 3.82 -25.55 14.35
N LYS B 170 2.88 -25.81 13.43
CA LYS B 170 1.70 -26.63 13.73
C LYS B 170 1.86 -28.07 13.29
N ASP B 171 2.35 -28.32 12.07
CA ASP B 171 2.43 -29.66 11.52
C ASP B 171 3.86 -30.09 11.23
N SER B 172 4.85 -29.27 11.58
CA SER B 172 6.26 -29.60 11.43
C SER B 172 6.63 -29.87 9.96
N THR B 173 5.89 -29.30 9.02
CA THR B 173 6.25 -29.38 7.61
C THR B 173 6.93 -28.09 7.17
N TYR B 174 7.40 -28.11 5.92
CA TYR B 174 8.02 -26.95 5.29
C TYR B 174 7.18 -26.49 4.12
N SER B 175 7.37 -25.23 3.73
CA SER B 175 6.86 -24.70 2.48
C SER B 175 7.98 -23.97 1.76
N LEU B 176 7.88 -23.92 0.43
CA LEU B 176 8.96 -23.37 -0.39
C LEU B 176 8.37 -22.64 -1.58
N SER B 177 9.07 -21.59 -2.00
CA SER B 177 8.70 -20.81 -3.17
C SER B 177 9.87 -20.79 -4.16
N SER B 178 9.54 -20.81 -5.45
CA SER B 178 10.51 -20.60 -6.52
C SER B 178 9.97 -19.51 -7.43
N THR B 179 10.79 -18.49 -7.70
CA THR B 179 10.33 -17.29 -8.40
C THR B 179 11.16 -17.09 -9.66
N LEU B 180 10.50 -17.19 -10.82
CA LEU B 180 11.13 -16.91 -12.11
C LEU B 180 10.84 -15.47 -12.50
N THR B 181 11.91 -14.70 -12.76
CA THR B 181 11.79 -13.30 -13.13
C THR B 181 12.22 -13.14 -14.60
N LEU B 182 11.34 -12.58 -15.41
CA LEU B 182 11.61 -12.36 -16.83
C LEU B 182 11.23 -10.94 -17.23
N SER B 183 11.89 -10.45 -18.27
CA SER B 183 11.52 -9.19 -18.89
C SER B 183 10.20 -9.31 -19.63
N LYS B 184 9.51 -8.19 -19.79
CA LYS B 184 8.24 -8.18 -20.51
C LYS B 184 8.44 -8.48 -21.99
N ALA B 185 9.45 -7.88 -22.60
CA ALA B 185 9.66 -8.05 -24.04
C ALA B 185 9.79 -9.53 -24.41
N ASP B 186 10.58 -10.27 -23.63
CA ASP B 186 10.77 -11.69 -23.91
C ASP B 186 9.52 -12.49 -23.57
N TYR B 187 8.80 -12.10 -22.52
CA TYR B 187 7.64 -12.88 -22.07
C TYR B 187 6.60 -13.01 -23.17
N GLU B 188 6.23 -11.89 -23.80
CA GLU B 188 5.21 -11.94 -24.84
C GLU B 188 5.69 -12.74 -26.06
N LYS B 189 6.99 -12.95 -26.19
CA LYS B 189 7.54 -13.67 -27.35
C LYS B 189 7.47 -15.18 -27.23
N HIS B 190 7.17 -15.74 -26.05
CA HIS B 190 7.26 -17.18 -25.86
C HIS B 190 5.98 -17.72 -25.22
N LYS B 191 5.82 -19.04 -25.31
CA LYS B 191 4.56 -19.71 -25.01
C LYS B 191 4.60 -20.51 -23.72
N VAL B 192 5.40 -21.57 -23.66
CA VAL B 192 5.27 -22.57 -22.60
C VAL B 192 6.15 -22.18 -21.42
N TYR B 193 5.55 -22.23 -20.23
CA TYR B 193 6.23 -21.97 -18.96
C TYR B 193 5.95 -23.14 -18.04
N ALA B 194 6.98 -23.63 -17.35
CA ALA B 194 6.86 -24.88 -16.63
C ALA B 194 7.68 -24.85 -15.35
N CYS B 195 7.10 -25.42 -14.29
CA CYS B 195 7.77 -25.64 -13.02
C CYS B 195 7.92 -27.13 -12.82
N GLU B 196 9.15 -27.60 -12.62
CA GLU B 196 9.42 -29.01 -12.42
C GLU B 196 9.85 -29.25 -10.98
N VAL B 197 9.22 -30.24 -10.34
CA VAL B 197 9.46 -30.54 -8.94
C VAL B 197 9.94 -31.99 -8.83
N THR B 198 11.08 -32.19 -8.21
CA THR B 198 11.62 -33.50 -7.89
C THR B 198 11.70 -33.62 -6.38
N HIS B 199 11.21 -34.73 -5.83
CA HIS B 199 11.15 -34.83 -4.37
C HIS B 199 11.04 -36.28 -3.93
N GLN B 200 11.64 -36.55 -2.77
CA GLN B 200 11.68 -37.88 -2.18
C GLN B 200 10.30 -38.53 -2.12
N GLY B 201 9.26 -37.74 -1.89
CA GLY B 201 7.91 -38.25 -1.68
C GLY B 201 7.11 -38.53 -2.94
N LEU B 202 7.65 -38.21 -4.11
CA LEU B 202 6.97 -38.49 -5.37
C LEU B 202 7.56 -39.73 -6.02
N SER B 203 6.69 -40.56 -6.60
CA SER B 203 7.16 -41.74 -7.31
C SER B 203 7.93 -41.37 -8.57
N SER B 204 7.63 -40.22 -9.15
CA SER B 204 8.41 -39.67 -10.25
C SER B 204 8.14 -38.17 -10.32
N PRO B 205 8.97 -37.42 -11.04
CA PRO B 205 8.83 -35.94 -11.04
C PRO B 205 7.48 -35.49 -11.57
N VAL B 206 6.94 -34.45 -10.92
CA VAL B 206 5.68 -33.83 -11.32
C VAL B 206 5.99 -32.51 -12.00
N THR B 207 5.33 -32.24 -13.13
CA THR B 207 5.50 -31.00 -13.86
C THR B 207 4.17 -30.27 -13.93
N LYS B 208 4.16 -29.02 -13.45
CA LYS B 208 3.06 -28.10 -13.70
C LYS B 208 3.50 -27.08 -14.74
N SER B 209 2.63 -26.77 -15.69
CA SER B 209 2.95 -25.82 -16.73
C SER B 209 1.68 -25.15 -17.23
N PHE B 210 1.88 -24.05 -17.94
CA PHE B 210 0.80 -23.40 -18.68
C PHE B 210 1.41 -22.80 -19.94
N ASN B 211 0.54 -22.54 -20.92
CA ASN B 211 0.91 -21.84 -22.13
C ASN B 211 0.46 -20.39 -21.98
N ARG B 212 1.35 -19.45 -22.32
CA ARG B 212 1.07 -18.05 -22.11
C ARG B 212 -0.25 -17.66 -22.76
N GLY B 213 -1.09 -16.97 -22.02
CA GLY B 213 -2.32 -16.42 -22.54
C GLY B 213 -3.51 -17.35 -22.49
N GLU B 214 -3.39 -18.53 -21.90
CA GLU B 214 -4.49 -19.47 -21.80
C GLU B 214 -4.68 -19.90 -20.34
N SER C 1 -95.03 -13.78 -32.00
CA SER C 1 -96.21 -12.96 -32.25
C SER C 1 -96.31 -12.61 -33.73
N LEU C 2 -97.38 -11.89 -34.09
CA LEU C 2 -97.48 -11.28 -35.41
C LEU C 2 -96.83 -9.91 -35.47
N ILE C 3 -96.46 -9.35 -34.32
CA ILE C 3 -95.89 -8.01 -34.22
C ILE C 3 -94.95 -7.99 -33.02
N ARG C 4 -93.75 -7.43 -33.22
CA ARG C 4 -92.66 -7.62 -32.29
C ARG C 4 -92.06 -6.28 -31.88
N ILE C 5 -91.30 -6.28 -30.78
CA ILE C 5 -90.57 -5.12 -30.31
C ILE C 5 -89.15 -5.53 -29.96
N GLY C 6 -88.20 -4.64 -30.25
CA GLY C 6 -86.80 -4.91 -29.94
C GLY C 6 -86.09 -3.63 -29.55
N HIS C 7 -85.08 -3.79 -28.70
CA HIS C 7 -84.29 -2.68 -28.17
C HIS C 7 -82.82 -2.90 -28.49
N GLY C 8 -82.11 -1.79 -28.75
CA GLY C 8 -80.71 -1.86 -29.14
C GLY C 8 -79.90 -0.79 -28.44
N PHE C 9 -78.61 -1.04 -28.34
CA PHE C 9 -77.74 -0.21 -27.52
C PHE C 9 -76.25 -0.50 -27.74
N ASP C 10 -75.46 0.55 -27.98
CA ASP C 10 -74.02 0.42 -28.05
C ASP C 10 -73.40 1.81 -27.87
N VAL C 11 -72.27 1.87 -27.16
CA VAL C 11 -71.66 3.14 -26.79
C VAL C 11 -70.17 3.09 -27.12
N HIS C 12 -69.73 4.02 -27.97
CA HIS C 12 -68.32 4.33 -28.15
C HIS C 12 -68.18 5.80 -28.50
N CYS C 16 -59.29 3.60 -30.88
CA CYS C 16 -57.87 3.25 -30.81
C CYS C 16 -57.20 3.40 -32.17
N VAL C 17 -55.86 3.44 -32.16
CA VAL C 17 -55.11 3.75 -33.37
C VAL C 17 -53.99 2.74 -33.58
N THR C 18 -53.09 2.63 -32.61
CA THR C 18 -51.94 1.74 -32.71
C THR C 18 -51.87 0.86 -31.47
N LEU C 19 -51.61 -0.43 -31.69
CA LEU C 19 -51.49 -1.40 -30.60
C LEU C 19 -50.14 -2.09 -30.69
N HIS C 20 -49.35 -1.96 -29.62
CA HIS C 20 -48.14 -2.76 -29.45
C HIS C 20 -48.43 -3.84 -28.42
N CYS C 21 -48.18 -5.09 -28.80
CA CYS C 21 -48.60 -6.21 -27.95
C CYS C 21 -47.39 -6.92 -27.38
N THR C 22 -47.60 -7.47 -26.18
CA THR C 22 -46.52 -7.84 -25.29
C THR C 22 -46.57 -9.34 -24.98
N ASN C 23 -47.30 -9.73 -23.95
CA ASN C 23 -47.43 -11.13 -23.56
C ASN C 23 -48.77 -11.38 -22.89
N ASN C 53 -51.52 -8.81 -22.53
CA ASN C 53 -51.25 -7.67 -21.66
C ASN C 53 -50.73 -6.55 -22.58
N CYS C 54 -51.46 -6.35 -23.68
CA CYS C 54 -51.12 -5.32 -24.65
C CYS C 54 -51.33 -3.94 -24.04
N SER C 55 -50.35 -3.06 -24.23
CA SER C 55 -50.40 -1.70 -23.70
C SER C 55 -50.36 -0.72 -24.87
N PHE C 56 -51.16 0.35 -24.78
CA PHE C 56 -51.29 1.24 -25.93
C PHE C 56 -51.91 2.56 -25.47
N ASN C 57 -52.35 3.33 -26.46
CA ASN C 57 -52.93 4.65 -26.27
C ASN C 57 -54.26 4.57 -25.50
N MET C 58 -54.50 5.53 -24.60
CA MET C 58 -55.81 5.67 -23.96
C MET C 58 -56.00 7.11 -23.50
N THR C 59 -57.22 7.60 -23.63
CA THR C 59 -57.55 9.00 -23.37
C THR C 59 -58.43 9.13 -22.14
N THR C 60 -58.17 10.19 -21.36
CA THR C 60 -59.08 10.66 -20.33
C THR C 60 -58.92 12.16 -20.23
N GLU C 61 -59.74 12.79 -19.38
CA GLU C 61 -59.66 14.23 -19.15
C GLU C 61 -59.75 15.01 -20.47
N LEU C 62 -59.42 16.30 -20.43
CA LEU C 62 -59.85 17.26 -21.44
C LEU C 62 -58.89 17.30 -22.61
N ARG C 63 -59.27 16.67 -23.73
CA ARG C 63 -58.66 16.88 -25.03
C ARG C 63 -57.14 16.79 -25.06
N ASP C 64 -56.52 16.50 -23.92
CA ASP C 64 -55.08 16.65 -23.83
C ASP C 64 -54.40 15.42 -23.24
N LYS C 65 -54.58 15.23 -21.94
CA LYS C 65 -53.78 14.29 -21.17
C LYS C 65 -54.30 12.88 -21.40
N LYS C 66 -53.58 12.12 -22.23
CA LYS C 66 -53.90 10.73 -22.52
C LYS C 66 -52.97 9.83 -21.73
N GLN C 67 -53.53 9.02 -20.84
CA GLN C 67 -52.74 7.97 -20.19
C GLN C 67 -52.58 6.82 -21.18
N LYS C 68 -51.34 6.53 -21.56
CA LYS C 68 -51.06 5.42 -22.48
C LYS C 68 -51.03 4.14 -21.66
N VAL C 69 -52.19 3.48 -21.57
CA VAL C 69 -52.40 2.43 -20.59
C VAL C 69 -52.17 1.05 -21.19
N HIS C 70 -52.38 0.03 -20.38
CA HIS C 70 -52.64 -1.32 -20.85
C HIS C 70 -53.94 -1.82 -20.23
N ALA C 71 -54.62 -2.70 -20.94
CA ALA C 71 -55.89 -3.23 -20.48
C ALA C 71 -56.01 -4.69 -20.88
N LEU C 72 -56.71 -4.95 -21.97
CA LEU C 72 -56.77 -6.28 -22.57
C LEU C 72 -57.46 -6.14 -23.92
N PHE C 73 -57.21 -7.13 -24.77
CA PHE C 73 -57.84 -7.15 -26.08
C PHE C 73 -57.45 -8.43 -26.80
N TYR C 74 -58.31 -9.45 -26.73
CA TYR C 74 -58.05 -10.71 -27.41
C TYR C 74 -57.55 -10.46 -28.83
N LYS C 75 -56.51 -11.19 -29.21
CA LYS C 75 -55.99 -11.08 -30.57
C LYS C 75 -57.07 -11.24 -31.62
N LEU C 76 -58.22 -11.81 -31.24
CA LEU C 76 -59.33 -11.96 -32.15
C LEU C 76 -60.04 -10.63 -32.40
N ASP C 77 -60.05 -9.74 -31.41
CA ASP C 77 -60.62 -8.42 -31.56
C ASP C 77 -59.62 -7.41 -32.14
N ILE C 78 -58.43 -7.86 -32.49
CA ILE C 78 -57.35 -6.98 -32.94
C ILE C 78 -57.04 -7.28 -34.41
N VAL C 79 -56.56 -6.26 -35.11
CA VAL C 79 -56.27 -6.40 -36.55
C VAL C 79 -54.80 -6.05 -36.79
N PRO C 80 -54.09 -6.79 -37.65
CA PRO C 80 -52.67 -6.49 -37.88
C PRO C 80 -52.45 -5.45 -38.96
N ILE C 81 -51.43 -4.62 -38.74
CA ILE C 81 -51.10 -3.57 -39.69
C ILE C 81 -49.75 -2.96 -39.36
N ASN C 87 -40.71 -5.65 -34.17
CA ASN C 87 -41.61 -6.09 -33.11
C ASN C 87 -43.03 -6.22 -33.66
N SER C 88 -43.95 -6.69 -32.81
CA SER C 88 -45.34 -6.86 -33.21
C SER C 88 -46.12 -5.60 -32.89
N LYS C 89 -46.68 -4.98 -33.92
CA LYS C 89 -47.54 -3.81 -33.78
C LYS C 89 -48.86 -4.08 -34.48
N TYR C 90 -49.95 -3.89 -33.74
CA TYR C 90 -51.30 -4.19 -34.20
C TYR C 90 -52.15 -2.92 -34.16
N ARG C 91 -53.44 -3.07 -34.43
CA ARG C 91 -54.39 -1.98 -34.26
C ARG C 91 -55.79 -2.55 -34.11
N LEU C 92 -56.73 -1.70 -33.71
CA LEU C 92 -58.13 -2.09 -33.62
C LEU C 92 -58.80 -1.89 -34.97
N ILE C 93 -59.58 -2.89 -35.38
CA ILE C 93 -60.13 -2.93 -36.73
C ILE C 93 -61.15 -1.82 -36.93
N GLY C 97 -61.04 3.46 -34.16
CA GLY C 97 -61.98 3.72 -33.08
C GLY C 97 -63.12 2.73 -33.06
N GLY C 98 -62.78 1.43 -33.06
CA GLY C 98 -63.77 0.39 -33.10
C GLY C 98 -63.76 -0.35 -34.43
N SER C 99 -64.91 -0.42 -35.09
CA SER C 99 -65.00 -1.05 -36.40
C SER C 99 -66.03 -0.30 -37.24
N GLY C 100 -65.60 0.19 -38.40
CA GLY C 100 -66.50 0.90 -39.30
C GLY C 100 -66.34 2.39 -39.24
N GLY C 101 -67.26 3.06 -38.54
CA GLY C 101 -67.22 4.51 -38.42
C GLY C 101 -68.35 5.07 -37.58
N ASP C 102 -69.57 4.62 -37.84
CA ASP C 102 -70.75 5.07 -37.10
C ASP C 102 -71.26 3.96 -36.19
N VAL C 103 -71.95 4.38 -35.12
CA VAL C 103 -72.41 3.45 -34.10
C VAL C 103 -73.92 3.24 -34.13
N ALA C 104 -74.68 4.11 -34.81
CA ALA C 104 -76.13 3.91 -34.87
C ALA C 104 -76.47 2.52 -35.37
N LEU C 105 -75.71 2.04 -36.36
CA LEU C 105 -75.98 0.74 -36.93
C LEU C 105 -75.52 -0.40 -36.02
N HIS C 106 -74.62 -0.12 -35.08
CA HIS C 106 -74.40 -1.06 -33.98
C HIS C 106 -75.65 -1.16 -33.12
N ALA C 107 -76.15 -0.01 -32.65
CA ALA C 107 -77.32 0.04 -31.79
C ALA C 107 -78.55 -0.50 -32.50
N LEU C 108 -79.03 0.24 -33.51
CA LEU C 108 -80.25 -0.13 -34.21
C LEU C 108 -80.22 -1.60 -34.60
N THR C 109 -79.16 -2.03 -35.29
CA THR C 109 -79.03 -3.43 -35.65
C THR C 109 -79.18 -4.34 -34.44
N ASP C 110 -78.79 -3.86 -33.26
CA ASP C 110 -79.00 -4.65 -32.05
C ASP C 110 -80.44 -4.58 -31.58
N ALA C 111 -81.19 -3.56 -32.00
CA ALA C 111 -82.63 -3.52 -31.76
C ALA C 111 -83.33 -4.54 -32.66
N ILE C 112 -83.27 -4.32 -33.97
CA ILE C 112 -83.85 -5.22 -34.94
C ILE C 112 -83.45 -6.66 -34.62
N LEU C 113 -82.16 -6.97 -34.72
CA LEU C 113 -81.71 -8.33 -34.41
C LEU C 113 -82.20 -8.78 -33.04
N GLY C 114 -82.37 -7.85 -32.11
CA GLY C 114 -82.85 -8.17 -30.79
C GLY C 114 -84.35 -8.40 -30.70
N ALA C 115 -85.09 -8.11 -31.76
CA ALA C 115 -86.55 -8.27 -31.75
C ALA C 115 -86.92 -9.74 -31.92
N ALA C 116 -86.69 -10.28 -33.11
CA ALA C 116 -87.12 -11.64 -33.46
C ALA C 116 -86.25 -12.73 -32.85
N ALA C 117 -85.54 -12.46 -31.76
CA ALA C 117 -84.68 -13.47 -31.13
C ALA C 117 -83.63 -13.97 -32.10
N LEU C 118 -82.57 -13.17 -32.30
CA LEU C 118 -81.48 -13.54 -33.18
C LEU C 118 -80.12 -13.44 -32.51
N GLY C 119 -80.06 -13.15 -31.22
CA GLY C 119 -78.79 -12.98 -30.52
C GLY C 119 -78.17 -11.65 -30.86
N ASP C 120 -77.49 -11.03 -29.90
CA ASP C 120 -77.00 -9.66 -30.03
C ASP C 120 -76.52 -9.34 -31.44
N ILE C 121 -75.29 -9.69 -31.76
CA ILE C 121 -74.70 -9.27 -33.03
C ILE C 121 -73.49 -10.14 -33.37
N GLY C 122 -72.89 -10.76 -32.36
CA GLY C 122 -71.93 -11.81 -32.60
C GLY C 122 -72.61 -13.05 -33.16
N LYS C 123 -73.31 -12.87 -34.28
CA LYS C 123 -74.06 -13.97 -34.88
C LYS C 123 -74.26 -13.80 -36.38
N LEU C 124 -73.66 -12.77 -37.01
CA LEU C 124 -73.80 -12.57 -38.45
C LEU C 124 -72.52 -12.97 -39.17
N PHE C 125 -71.66 -12.02 -39.50
CA PHE C 125 -70.41 -12.28 -40.21
C PHE C 125 -69.25 -11.87 -39.32
N PRO C 126 -68.48 -12.81 -38.74
CA PRO C 126 -67.32 -12.39 -37.95
C PRO C 126 -66.03 -12.31 -38.77
N LYS C 127 -65.52 -11.13 -39.13
CA LYS C 127 -66.08 -9.81 -38.77
C LYS C 127 -66.08 -8.89 -40.00
N ASN C 128 -66.22 -7.59 -39.77
CA ASN C 128 -66.29 -6.63 -40.86
C ASN C 128 -66.05 -5.23 -40.29
N ALA C 129 -66.01 -4.25 -41.19
CA ALA C 129 -65.84 -2.84 -40.81
C ALA C 129 -67.08 -2.02 -41.15
N ASP C 130 -67.45 -1.94 -42.42
CA ASP C 130 -68.63 -1.20 -42.85
C ASP C 130 -69.83 -1.55 -42.00
N SER C 131 -70.32 -0.57 -41.24
CA SER C 131 -71.47 -0.81 -40.37
C SER C 131 -72.74 -1.09 -41.16
N ARG C 132 -72.95 -0.35 -42.25
CA ARG C 132 -74.12 -0.56 -43.10
C ARG C 132 -74.26 -2.03 -43.47
N GLY C 133 -73.21 -2.61 -44.06
CA GLY C 133 -73.27 -4.00 -44.48
C GLY C 133 -73.78 -4.92 -43.39
N LEU C 134 -73.43 -4.63 -42.14
CA LEU C 134 -73.96 -5.42 -41.04
C LEU C 134 -75.44 -5.16 -40.82
N LEU C 135 -75.92 -3.96 -41.16
CA LEU C 135 -77.34 -3.68 -41.02
C LEU C 135 -78.15 -4.40 -42.09
N ARG C 136 -77.89 -4.11 -43.36
CA ARG C 136 -78.61 -4.77 -44.46
C ARG C 136 -78.71 -6.26 -44.20
N GLU C 137 -77.69 -6.83 -43.55
CA GLU C 137 -77.73 -8.24 -43.20
C GLU C 137 -78.81 -8.52 -42.17
N ALA C 138 -78.81 -7.76 -41.07
CA ALA C 138 -79.83 -7.93 -40.04
C ALA C 138 -81.22 -7.89 -40.65
N PHE C 139 -81.49 -6.86 -41.46
CA PHE C 139 -82.80 -6.75 -42.08
C PHE C 139 -83.03 -7.83 -43.13
N ARG C 140 -81.96 -8.38 -43.72
CA ARG C 140 -82.12 -9.55 -44.57
C ARG C 140 -82.45 -10.78 -43.73
N GLN C 141 -81.82 -10.91 -42.56
CA GLN C 141 -82.07 -12.04 -41.69
C GLN C 141 -83.51 -12.05 -41.20
N VAL C 142 -83.97 -10.92 -40.66
CA VAL C 142 -85.35 -10.81 -40.19
C VAL C 142 -86.32 -11.02 -41.35
N GLN C 143 -85.91 -10.64 -42.56
CA GLN C 143 -86.78 -10.85 -43.73
C GLN C 143 -87.02 -12.33 -43.96
N GLU C 144 -86.01 -13.17 -43.70
CA GLU C 144 -86.20 -14.62 -43.73
C GLU C 144 -87.13 -15.12 -42.64
N LYS C 145 -87.64 -14.22 -41.79
CA LYS C 145 -88.71 -14.55 -40.85
C LYS C 145 -90.02 -13.86 -41.18
N GLY C 146 -90.02 -12.89 -42.11
CA GLY C 146 -91.22 -12.30 -42.64
C GLY C 146 -91.49 -10.88 -42.22
N TYR C 147 -90.85 -10.41 -41.15
CA TYR C 147 -91.23 -9.13 -40.55
C TYR C 147 -90.94 -7.99 -41.51
N LYS C 148 -91.98 -7.23 -41.84
CA LYS C 148 -91.86 -5.99 -42.59
C LYS C 148 -91.70 -4.86 -41.60
N ILE C 149 -90.64 -4.06 -41.77
CA ILE C 149 -90.24 -3.09 -40.75
C ILE C 149 -91.43 -2.21 -40.38
N GLY C 150 -91.77 -2.20 -39.10
CA GLY C 150 -92.74 -1.25 -38.60
C GLY C 150 -92.08 0.10 -38.41
N ASN C 151 -91.56 0.35 -37.21
CA ASN C 151 -90.84 1.58 -36.93
C ASN C 151 -89.49 1.28 -36.33
N VAL C 152 -88.61 2.29 -36.44
CA VAL C 152 -87.33 2.32 -35.76
C VAL C 152 -87.11 3.75 -35.31
N ASP C 153 -86.97 3.95 -34.01
CA ASP C 153 -86.59 5.25 -33.47
C ASP C 153 -85.21 5.15 -32.84
N ILE C 154 -84.46 6.24 -32.97
CA ILE C 154 -83.08 6.30 -32.49
C ILE C 154 -82.97 7.50 -31.57
N THR C 155 -82.19 7.34 -30.51
CA THR C 155 -81.82 8.46 -29.65
C THR C 155 -80.32 8.45 -29.49
N ILE C 156 -79.68 9.54 -29.89
CA ILE C 156 -78.23 9.66 -29.92
C ILE C 156 -77.83 10.80 -28.99
N ILE C 157 -76.74 10.59 -28.24
CA ILE C 157 -76.16 11.61 -27.39
C ILE C 157 -74.75 11.87 -27.90
N ALA C 158 -74.44 13.12 -28.23
CA ALA C 158 -73.17 13.47 -28.84
C ALA C 158 -72.85 14.92 -28.54
N GLN C 159 -71.56 15.22 -28.42
CA GLN C 159 -71.06 16.57 -28.14
C GLN C 159 -70.25 17.02 -29.35
N ALA C 160 -70.89 17.73 -30.28
CA ALA C 160 -70.23 18.22 -31.47
C ALA C 160 -71.12 19.28 -32.11
N PRO C 161 -70.56 20.17 -32.95
CA PRO C 161 -71.35 21.29 -33.48
C PRO C 161 -72.29 20.91 -34.61
N LYS C 162 -72.44 21.77 -35.62
CA LYS C 162 -73.49 21.64 -36.62
C LYS C 162 -73.54 20.25 -37.24
N MET C 163 -74.73 19.66 -37.22
CA MET C 163 -74.98 18.39 -37.91
C MET C 163 -76.40 18.30 -38.44
N ARG C 164 -77.25 19.30 -38.19
CA ARG C 164 -78.66 19.19 -38.55
C ARG C 164 -78.90 19.05 -40.05
N PRO C 165 -78.09 19.63 -40.94
CA PRO C 165 -78.28 19.35 -42.38
C PRO C 165 -77.87 17.96 -42.79
N HIS C 166 -77.09 17.25 -41.97
CA HIS C 166 -76.69 15.89 -42.26
C HIS C 166 -77.71 14.84 -41.79
N ILE C 167 -78.59 15.22 -40.87
CA ILE C 167 -79.56 14.27 -40.33
C ILE C 167 -80.29 13.56 -41.46
N ASP C 168 -80.82 14.33 -42.41
CA ASP C 168 -81.65 13.75 -43.47
C ASP C 168 -80.88 12.73 -44.30
N ALA C 169 -79.57 12.93 -44.48
CA ALA C 169 -78.78 11.91 -45.16
C ALA C 169 -78.87 10.58 -44.45
N MET C 170 -78.67 10.59 -43.12
CA MET C 170 -78.78 9.35 -42.34
C MET C 170 -80.10 8.65 -42.63
N ARG C 171 -81.22 9.38 -42.51
CA ARG C 171 -82.54 8.76 -42.68
C ARG C 171 -82.68 8.14 -44.07
N ALA C 172 -82.23 8.85 -45.10
CA ALA C 172 -82.31 8.30 -46.45
C ALA C 172 -81.35 7.13 -46.65
N LYS C 173 -80.33 7.00 -45.80
CA LYS C 173 -79.44 5.85 -45.85
C LYS C 173 -79.97 4.69 -45.01
N ILE C 174 -80.78 4.98 -43.99
CA ILE C 174 -81.44 3.91 -43.23
C ILE C 174 -82.50 3.25 -44.09
N ALA C 175 -83.50 4.04 -44.54
CA ALA C 175 -84.61 3.51 -45.31
C ALA C 175 -84.15 2.89 -46.63
N GLU C 176 -82.92 3.16 -47.07
CA GLU C 176 -82.35 2.47 -48.21
C GLU C 176 -81.75 1.12 -47.81
N ASP C 177 -81.20 1.04 -46.60
CA ASP C 177 -80.72 -0.23 -46.06
C ASP C 177 -81.87 -1.08 -45.54
N LEU C 178 -82.78 -0.47 -44.79
CA LEU C 178 -83.92 -1.19 -44.22
C LEU C 178 -85.07 -1.37 -45.20
N GLN C 179 -85.01 -0.73 -46.37
CA GLN C 179 -86.05 -0.83 -47.38
C GLN C 179 -87.41 -0.38 -46.88
N CYS C 180 -87.48 0.29 -45.72
CA CYS C 180 -88.73 0.80 -45.21
C CYS C 180 -88.98 2.18 -45.83
N ASP C 181 -89.47 3.14 -45.06
CA ASP C 181 -89.74 4.47 -45.58
C ASP C 181 -89.20 5.54 -44.63
N ILE C 182 -89.10 6.77 -45.15
CA ILE C 182 -88.55 7.87 -44.37
C ILE C 182 -89.42 8.17 -43.16
N GLU C 183 -90.72 8.33 -43.39
CA GLU C 183 -91.64 8.67 -42.31
C GLU C 183 -91.85 7.51 -41.34
N GLN C 184 -91.20 6.37 -41.57
CA GLN C 184 -91.13 5.29 -40.59
C GLN C 184 -89.92 5.41 -39.68
N VAL C 185 -88.96 6.26 -40.04
CA VAL C 185 -87.73 6.42 -39.27
C VAL C 185 -87.70 7.82 -38.68
N ASN C 186 -87.18 7.90 -37.45
CA ASN C 186 -87.01 9.18 -36.77
C ASN C 186 -85.68 9.14 -36.04
N VAL C 187 -84.83 10.12 -36.34
CA VAL C 187 -83.49 10.21 -35.76
C VAL C 187 -83.35 11.56 -35.09
N LYS C 188 -82.86 11.55 -33.85
CA LYS C 188 -82.79 12.74 -33.03
C LYS C 188 -81.40 12.85 -32.40
N ALA C 189 -81.07 14.04 -31.94
CA ALA C 189 -79.75 14.30 -31.38
C ALA C 189 -79.86 15.41 -30.34
N THR C 190 -79.57 15.07 -29.09
CA THR C 190 -79.54 16.06 -28.02
C THR C 190 -78.30 16.95 -28.13
N GLY C 203 -66.69 9.07 -25.33
CA GLY C 203 -67.43 8.24 -26.26
C GLY C 203 -68.88 8.67 -26.42
N ILE C 204 -69.39 8.57 -27.64
CA ILE C 204 -70.77 8.95 -27.92
C ILE C 204 -71.67 7.75 -27.68
N ALA C 205 -72.95 8.03 -27.44
CA ALA C 205 -73.91 7.02 -27.01
C ALA C 205 -75.09 6.96 -27.97
N CYS C 206 -75.73 5.79 -28.02
CA CYS C 206 -76.92 5.60 -28.85
C CYS C 206 -77.82 4.54 -28.24
N GLU C 207 -79.08 4.89 -28.03
CA GLU C 207 -80.12 3.97 -27.59
C GLU C 207 -81.28 4.04 -28.57
N ALA C 208 -81.73 2.87 -29.05
CA ALA C 208 -82.69 2.81 -30.15
C ALA C 208 -83.72 1.73 -29.91
N VAL C 209 -84.93 1.98 -30.44
CA VAL C 209 -86.06 1.07 -30.31
C VAL C 209 -86.60 0.77 -31.71
N ALA C 210 -87.24 -0.40 -31.85
CA ALA C 210 -87.70 -0.85 -33.17
C ALA C 210 -88.95 -1.69 -33.02
N LEU C 211 -89.97 -1.40 -33.83
CA LEU C 211 -91.19 -2.19 -33.88
C LEU C 211 -91.29 -2.90 -35.23
N LEU C 212 -91.61 -4.19 -35.18
CA LEU C 212 -91.63 -5.04 -36.37
C LEU C 212 -93.04 -5.53 -36.64
N ILE C 213 -93.46 -5.40 -37.90
CA ILE C 213 -94.81 -5.76 -38.31
C ILE C 213 -94.73 -6.87 -39.34
N ARG C 214 -95.80 -7.67 -39.40
CA ARG C 214 -95.91 -8.75 -40.38
C ARG C 214 -96.59 -8.24 -41.64
N GLN C 215 -96.06 -8.65 -42.79
CA GLN C 215 -96.58 -8.19 -44.08
C GLN C 215 -97.62 -9.16 -44.63
N SER D 1 79.39 9.43 73.15
CA SER D 1 79.41 8.31 74.07
C SER D 1 80.60 7.40 73.81
N LEU D 2 80.82 6.45 74.72
CA LEU D 2 81.89 5.47 74.57
C LEU D 2 81.49 4.30 73.69
N ILE D 3 80.19 4.03 73.57
CA ILE D 3 79.72 2.85 72.84
C ILE D 3 78.26 3.07 72.49
N ARG D 4 77.91 2.74 71.24
CA ARG D 4 76.55 2.90 70.75
C ARG D 4 76.07 1.56 70.20
N ILE D 5 74.76 1.48 69.97
CA ILE D 5 74.10 0.26 69.48
C ILE D 5 73.14 0.66 68.37
N GLY D 6 72.98 -0.25 67.40
CA GLY D 6 72.03 -0.05 66.33
C GLY D 6 71.33 -1.33 65.93
N HIS D 7 70.03 -1.24 65.65
CA HIS D 7 69.23 -2.39 65.27
C HIS D 7 68.63 -2.18 63.88
N GLY D 8 68.55 -3.26 63.12
CA GLY D 8 68.06 -3.19 61.75
C GLY D 8 67.09 -4.31 61.46
N PHE D 9 66.12 -4.01 60.59
CA PHE D 9 65.11 -4.96 60.17
C PHE D 9 64.37 -4.40 58.96
N ASP D 10 64.39 -5.12 57.84
CA ASP D 10 63.80 -4.62 56.60
C ASP D 10 63.35 -5.79 55.75
N VAL D 11 62.24 -5.58 55.04
CA VAL D 11 61.59 -6.61 54.23
C VAL D 11 61.49 -6.12 52.79
N HIS D 12 61.99 -6.90 51.85
CA HIS D 12 61.79 -6.63 50.43
C HIS D 12 61.79 -7.93 49.63
N CYS D 16 57.89 -8.15 42.42
CA CYS D 16 56.86 -7.82 41.45
C CYS D 16 57.44 -7.86 40.02
N VAL D 17 56.56 -7.89 39.02
CA VAL D 17 57.00 -8.07 37.65
C VAL D 17 56.33 -7.04 36.73
N THR D 18 55.01 -7.15 36.56
CA THR D 18 54.27 -6.27 35.68
C THR D 18 53.21 -5.52 36.47
N LEU D 19 53.19 -4.20 36.34
CA LEU D 19 52.19 -3.34 36.97
C LEU D 19 51.58 -2.45 35.91
N HIS D 20 50.27 -2.62 35.67
CA HIS D 20 49.53 -1.70 34.81
C HIS D 20 49.09 -0.53 35.66
N CYS D 21 49.30 0.68 35.15
CA CYS D 21 49.04 1.87 35.95
C CYS D 21 48.11 2.81 35.19
N THR D 22 47.22 3.44 35.95
CA THR D 22 45.99 4.02 35.42
C THR D 22 45.78 5.43 35.95
N ASN D 23 44.96 5.57 36.99
CA ASN D 23 44.69 6.86 37.60
C ASN D 23 44.55 6.72 39.12
N GLU D 50 46.53 12.99 42.75
CA GLU D 50 47.28 12.17 41.80
C GLU D 50 47.90 10.95 42.48
N VAL D 51 47.36 9.78 42.19
CA VAL D 51 47.78 8.51 42.76
C VAL D 51 47.69 7.45 41.67
N ARG D 52 48.13 6.22 41.99
CA ARG D 52 48.15 5.12 41.03
C ARG D 52 47.24 4.00 41.49
N ASN D 53 46.27 3.64 40.64
CA ASN D 53 45.28 2.57 40.83
C ASN D 53 45.76 1.26 40.19
N CYS D 54 47.04 0.91 40.32
CA CYS D 54 47.64 -0.10 39.43
C CYS D 54 47.20 -1.52 39.80
N SER D 55 46.94 -2.32 38.76
CA SER D 55 46.47 -3.70 38.89
C SER D 55 47.48 -4.65 38.26
N PHE D 56 47.62 -5.86 38.84
CA PHE D 56 48.62 -6.80 38.35
C PHE D 56 48.29 -8.22 38.82
N ASN D 57 48.88 -9.22 38.17
CA ASN D 57 48.69 -10.59 38.62
C ASN D 57 49.46 -10.81 39.93
N MET D 58 48.87 -11.59 40.85
CA MET D 58 49.54 -12.00 42.07
C MET D 58 49.31 -13.49 42.31
N THR D 59 50.27 -14.12 42.99
CA THR D 59 50.28 -15.58 43.14
C THR D 59 49.79 -15.99 44.52
N THR D 60 48.88 -16.95 44.56
CA THR D 60 48.44 -17.61 45.77
C THR D 60 47.98 -19.01 45.41
N GLU D 61 47.38 -19.71 46.38
CA GLU D 61 46.79 -21.03 46.15
C GLU D 61 47.86 -22.06 45.77
N LEU D 62 47.56 -22.93 44.81
CA LEU D 62 48.33 -24.17 44.61
C LEU D 62 49.24 -24.06 43.39
N ARG D 63 50.20 -23.14 43.47
CA ARG D 63 51.33 -23.07 42.56
C ARG D 63 50.94 -22.70 41.14
N ASP D 64 49.65 -22.57 40.83
CA ASP D 64 49.20 -22.23 39.47
C ASP D 64 48.30 -21.01 39.45
N LYS D 65 47.18 -21.05 40.16
CA LYS D 65 46.14 -20.03 40.01
C LYS D 65 46.60 -18.72 40.64
N LYS D 66 46.65 -17.66 39.83
CA LYS D 66 47.10 -16.33 40.26
C LYS D 66 45.91 -15.38 40.23
N GLN D 67 45.44 -14.97 41.39
CA GLN D 67 44.38 -13.97 41.47
C GLN D 67 44.98 -12.59 41.25
N LYS D 68 44.41 -11.85 40.28
CA LYS D 68 44.93 -10.53 39.91
C LYS D 68 44.48 -9.52 40.95
N VAL D 69 45.43 -8.97 41.70
CA VAL D 69 45.13 -8.08 42.82
C VAL D 69 45.38 -6.64 42.40
N HIS D 70 45.11 -5.71 43.33
CA HIS D 70 45.37 -4.30 43.15
C HIS D 70 46.14 -3.77 44.34
N ALA D 71 46.62 -2.53 44.23
CA ALA D 71 47.34 -1.90 45.32
C ALA D 71 47.31 -0.39 45.16
N LEU D 72 48.47 0.25 45.16
CA LEU D 72 48.63 1.67 44.88
C LEU D 72 50.12 1.92 44.89
N PHE D 73 50.52 3.10 44.41
CA PHE D 73 51.95 3.38 44.33
C PHE D 73 52.26 4.81 43.88
N TYR D 74 52.94 5.55 44.75
CA TYR D 74 53.46 6.85 44.35
C TYR D 74 54.37 6.71 43.14
N LYS D 75 54.27 7.68 42.23
CA LYS D 75 55.09 7.66 41.02
C LYS D 75 56.57 7.50 41.34
N LEU D 76 56.99 7.91 42.53
CA LEU D 76 58.38 7.71 42.94
C LEU D 76 58.72 6.24 43.12
N ASP D 77 57.72 5.43 43.47
CA ASP D 77 57.92 4.02 43.80
C ASP D 77 57.91 3.11 42.59
N ILE D 78 57.50 3.60 41.42
CA ILE D 78 57.41 2.78 40.22
C ILE D 78 58.43 3.27 39.20
N VAL D 79 58.84 2.37 38.32
CA VAL D 79 59.83 2.67 37.29
C VAL D 79 59.20 2.40 35.92
N PRO D 80 59.48 3.18 34.89
CA PRO D 80 58.88 2.93 33.57
C PRO D 80 59.69 1.93 32.76
N ILE D 81 59.02 1.32 31.80
CA ILE D 81 59.67 0.39 30.88
C ILE D 81 58.70 -0.01 29.77
N GLU D 82 59.21 -0.06 28.54
CA GLU D 82 58.41 -0.48 27.39
C GLU D 82 58.95 -1.77 26.81
N ASN D 87 50.59 1.21 24.41
CA ASN D 87 50.23 0.72 25.74
C ASN D 87 51.08 1.39 26.81
N SER D 88 50.72 1.16 28.08
CA SER D 88 51.46 1.72 29.21
C SER D 88 51.53 0.63 30.29
N LYS D 89 52.71 0.04 30.46
CA LYS D 89 52.95 -0.92 31.52
C LYS D 89 54.25 -0.54 32.21
N TYR D 90 54.23 -0.52 33.54
CA TYR D 90 55.38 -0.15 34.36
C TYR D 90 55.78 -1.35 35.22
N ARG D 91 56.78 -1.15 36.08
CA ARG D 91 57.21 -2.20 37.00
C ARG D 91 57.87 -1.54 38.22
N LEU D 92 58.24 -2.37 39.18
CA LEU D 92 58.88 -1.90 40.40
C LEU D 92 60.34 -1.56 40.16
N ILE D 93 60.80 -0.50 40.81
CA ILE D 93 62.18 -0.05 40.69
C ILE D 93 63.07 -0.98 41.49
N GLY D 100 65.76 -0.07 46.17
CA GLY D 100 67.16 -0.39 46.30
C GLY D 100 67.54 -1.65 45.54
N GLY D 101 67.61 -2.77 46.25
CA GLY D 101 67.96 -4.03 45.63
C GLY D 101 68.33 -5.12 46.61
N ASP D 102 69.23 -4.84 47.54
CA ASP D 102 69.68 -5.81 48.53
C ASP D 102 69.16 -5.41 49.91
N VAL D 103 68.73 -6.42 50.67
CA VAL D 103 67.97 -6.19 51.89
C VAL D 103 68.82 -6.31 53.16
N ALA D 104 69.92 -7.05 53.12
CA ALA D 104 70.81 -7.11 54.27
C ALA D 104 71.34 -5.73 54.63
N LEU D 105 71.78 -4.98 53.61
CA LEU D 105 72.31 -3.65 53.85
C LEU D 105 71.21 -2.64 54.14
N HIS D 106 70.02 -2.84 53.56
CA HIS D 106 68.86 -2.06 53.98
C HIS D 106 68.78 -2.03 55.50
N ALA D 107 68.48 -3.18 56.09
CA ALA D 107 68.35 -3.29 57.53
C ALA D 107 69.63 -2.83 58.23
N LEU D 108 70.73 -3.55 58.00
CA LEU D 108 71.98 -3.26 58.70
C LEU D 108 72.36 -1.79 58.60
N THR D 109 72.08 -1.16 57.45
CA THR D 109 72.29 0.28 57.34
C THR D 109 71.38 1.02 58.32
N ASP D 110 70.15 0.55 58.49
CA ASP D 110 69.27 1.14 59.50
C ASP D 110 69.74 0.83 60.91
N ALA D 111 70.53 -0.24 61.09
CA ALA D 111 71.13 -0.52 62.38
C ALA D 111 72.21 0.52 62.69
N ILE D 112 73.32 0.47 61.95
CA ILE D 112 74.40 1.44 62.11
C ILE D 112 73.81 2.84 62.28
N LEU D 113 73.07 3.32 61.29
CA LEU D 113 72.55 4.68 61.34
C LEU D 113 71.54 4.87 62.45
N GLY D 114 70.89 3.80 62.91
CA GLY D 114 70.08 3.90 64.11
C GLY D 114 70.88 4.06 65.38
N ALA D 115 72.21 3.91 65.31
CA ALA D 115 73.06 4.00 66.49
C ALA D 115 73.49 5.44 66.78
N ALA D 116 74.00 6.14 65.78
CA ALA D 116 74.59 7.46 65.98
C ALA D 116 73.55 8.57 66.06
N ALA D 117 72.25 8.23 66.13
CA ALA D 117 71.18 9.23 66.22
C ALA D 117 71.19 10.16 65.01
N LEU D 118 70.88 9.56 63.86
CA LEU D 118 70.83 10.31 62.62
C LEU D 118 69.49 10.13 61.89
N GLY D 119 68.84 8.99 62.10
CA GLY D 119 67.52 8.77 61.53
C GLY D 119 66.72 7.66 62.19
N LYS D 127 72.06 7.31 43.50
CA LYS D 127 71.21 7.53 44.67
C LYS D 127 70.79 6.20 45.28
N ASN D 128 69.58 5.73 44.95
CA ASN D 128 69.08 4.49 45.52
C ASN D 128 69.74 3.25 44.92
N ALA D 129 70.30 3.36 43.70
CA ALA D 129 70.72 2.20 42.94
C ALA D 129 71.98 1.51 43.49
N ASP D 130 72.52 1.93 44.62
CA ASP D 130 73.73 1.30 45.16
C ASP D 130 73.65 1.28 46.68
N SER D 131 73.38 0.09 47.24
CA SER D 131 73.44 -0.07 48.69
C SER D 131 74.83 0.20 49.21
N ARG D 132 75.85 -0.30 48.51
CA ARG D 132 77.23 -0.12 48.94
C ARG D 132 77.52 1.34 49.25
N GLY D 133 77.15 2.24 48.35
CA GLY D 133 77.42 3.66 48.56
C GLY D 133 76.75 4.18 49.82
N LEU D 134 75.45 3.92 49.97
CA LEU D 134 74.73 4.40 51.15
C LEU D 134 75.30 3.83 52.44
N LEU D 135 76.03 2.72 52.38
CA LEU D 135 76.75 2.23 53.54
C LEU D 135 77.97 3.11 53.81
N ARG D 136 78.84 3.25 52.81
CA ARG D 136 79.98 4.15 52.93
C ARG D 136 79.52 5.54 53.34
N GLU D 137 78.29 5.91 53.00
CA GLU D 137 77.70 7.15 53.48
C GLU D 137 77.45 7.09 54.98
N ALA D 138 76.77 6.03 55.43
CA ALA D 138 76.52 5.88 56.86
C ALA D 138 77.82 5.82 57.65
N PHE D 139 78.77 5.03 57.16
CA PHE D 139 80.08 4.96 57.80
C PHE D 139 80.78 6.31 57.76
N ARG D 140 80.48 7.15 56.76
CA ARG D 140 81.04 8.50 56.73
C ARG D 140 80.55 9.32 57.90
N GLN D 141 79.24 9.30 58.15
CA GLN D 141 78.68 10.04 59.28
C GLN D 141 79.29 9.59 60.59
N VAL D 142 79.29 8.27 60.82
CA VAL D 142 79.73 7.72 62.10
C VAL D 142 81.21 8.00 62.31
N GLN D 143 82.04 7.73 61.29
CA GLN D 143 83.44 8.11 61.36
C GLN D 143 83.57 9.59 61.72
N GLU D 144 82.80 10.44 61.03
CA GLU D 144 82.79 11.87 61.32
C GLU D 144 82.20 12.21 62.68
N LYS D 145 81.81 11.19 63.46
CA LYS D 145 81.47 11.39 64.87
C LYS D 145 82.42 10.69 65.82
N GLY D 146 83.26 9.78 65.32
CA GLY D 146 84.32 9.17 66.09
C GLY D 146 84.06 7.73 66.51
N TYR D 147 82.85 7.22 66.33
CA TYR D 147 82.54 5.86 66.76
C TYR D 147 83.06 4.88 65.73
N LYS D 148 84.12 4.15 66.06
CA LYS D 148 84.57 3.05 65.21
C LYS D 148 83.63 1.86 65.40
N ILE D 149 83.16 1.31 64.28
CA ILE D 149 82.29 0.15 64.32
C ILE D 149 82.90 -0.90 65.24
N GLY D 150 82.09 -1.43 66.15
CA GLY D 150 82.52 -2.52 67.00
C GLY D 150 82.40 -3.87 66.31
N ASN D 151 81.26 -4.53 66.49
CA ASN D 151 80.94 -5.77 65.82
C ASN D 151 79.66 -5.62 65.01
N VAL D 152 79.51 -6.46 63.99
CA VAL D 152 78.34 -6.46 63.14
C VAL D 152 77.97 -7.91 62.84
N ASP D 153 76.75 -8.30 63.21
CA ASP D 153 76.24 -9.64 62.96
C ASP D 153 75.26 -9.62 61.79
N ILE D 154 75.09 -10.77 61.15
CA ILE D 154 74.33 -10.87 59.91
C ILE D 154 73.39 -12.07 60.02
N THR D 155 72.09 -11.81 59.95
CA THR D 155 71.09 -12.87 59.91
C THR D 155 70.16 -12.68 58.73
N HIS D 166 78.12 -17.95 49.36
CA HIS D 166 78.46 -16.58 49.00
C HIS D 166 78.56 -15.68 50.24
N ILE D 167 78.55 -16.29 51.42
CA ILE D 167 78.68 -15.52 52.66
C ILE D 167 80.00 -14.76 52.65
N ASP D 168 81.09 -15.47 52.36
CA ASP D 168 82.40 -14.82 52.30
C ASP D 168 82.41 -13.66 51.32
N ALA D 169 81.79 -13.84 50.15
CA ALA D 169 81.69 -12.75 49.19
C ALA D 169 80.95 -11.58 49.80
N MET D 170 79.83 -11.82 50.46
CA MET D 170 79.01 -10.74 50.99
C MET D 170 79.75 -9.98 52.09
N ARG D 171 80.36 -10.71 53.03
CA ARG D 171 81.14 -10.05 54.08
C ARG D 171 82.21 -9.14 53.48
N ALA D 172 83.02 -9.69 52.56
CA ALA D 172 84.05 -8.89 51.93
C ALA D 172 83.46 -7.71 51.17
N LYS D 173 82.21 -7.82 50.72
CA LYS D 173 81.54 -6.67 50.13
C LYS D 173 81.22 -5.62 51.18
N ILE D 174 80.92 -6.04 52.41
CA ILE D 174 80.70 -5.09 53.50
C ILE D 174 82.03 -4.51 53.99
N ALA D 175 83.01 -5.38 54.25
CA ALA D 175 84.29 -4.92 54.77
C ALA D 175 84.92 -3.88 53.85
N GLU D 176 84.56 -3.88 52.56
CA GLU D 176 85.05 -2.86 51.65
C GLU D 176 84.42 -1.51 51.94
N ASP D 177 83.15 -1.50 52.34
CA ASP D 177 82.49 -0.23 52.68
C ASP D 177 82.90 0.25 54.06
N LEU D 178 83.05 -0.68 55.02
CA LEU D 178 83.42 -0.32 56.38
C LEU D 178 84.92 -0.32 56.62
N GLN D 179 85.70 -0.99 55.77
CA GLN D 179 87.12 -1.22 56.04
C GLN D 179 87.31 -1.93 57.37
N CYS D 180 86.29 -2.68 57.81
CA CYS D 180 86.33 -3.34 59.10
C CYS D 180 87.16 -4.63 59.02
N ASP D 181 86.79 -5.64 59.79
CA ASP D 181 87.53 -6.89 59.86
C ASP D 181 86.65 -8.04 59.40
N ILE D 182 87.25 -8.96 58.64
CA ILE D 182 86.55 -10.16 58.21
C ILE D 182 86.10 -10.96 59.42
N GLU D 183 86.97 -11.11 60.42
CA GLU D 183 86.66 -11.83 61.65
C GLU D 183 85.68 -11.08 62.53
N GLN D 184 85.11 -9.98 62.06
CA GLN D 184 84.01 -9.31 62.76
C GLN D 184 82.65 -9.64 62.18
N VAL D 185 82.59 -9.99 60.91
CA VAL D 185 81.32 -10.11 60.18
C VAL D 185 80.99 -11.59 60.00
N ASN D 186 79.70 -11.87 59.86
CA ASN D 186 79.25 -13.23 59.55
C ASN D 186 77.77 -13.28 59.21
N ILE D 204 62.15 -11.94 50.76
CA ILE D 204 63.29 -12.24 51.63
C ILE D 204 63.30 -11.23 52.77
N ALA D 205 63.81 -11.66 53.93
CA ALA D 205 63.78 -10.85 55.14
C ALA D 205 65.20 -10.71 55.70
N CYS D 206 65.42 -9.61 56.40
CA CYS D 206 66.68 -9.40 57.11
C CYS D 206 66.43 -8.71 58.43
N GLU D 207 67.03 -9.24 59.49
CA GLU D 207 67.24 -8.52 60.72
C GLU D 207 68.73 -8.53 61.01
N ALA D 208 69.30 -7.35 61.27
CA ALA D 208 70.73 -7.19 61.40
C ALA D 208 71.05 -6.22 62.52
N VAL D 209 72.23 -6.39 63.13
CA VAL D 209 72.65 -5.58 64.26
C VAL D 209 74.07 -5.07 64.01
N ALA D 210 74.32 -3.83 64.42
CA ALA D 210 75.63 -3.21 64.29
C ALA D 210 75.99 -2.54 65.61
N LEU D 211 77.17 -2.83 66.12
CA LEU D 211 77.66 -2.30 67.39
C LEU D 211 78.74 -1.26 67.10
N LEU D 212 78.68 -0.13 67.78
CA LEU D 212 79.64 0.95 67.59
C LEU D 212 80.48 1.12 68.85
N ILE D 213 81.80 1.22 68.64
CA ILE D 213 82.77 1.34 69.72
C ILE D 213 83.54 2.64 69.50
N ARG D 214 84.04 3.21 70.58
CA ARG D 214 84.86 4.41 70.49
C ARG D 214 86.32 4.03 70.31
N GLN D 215 87.03 4.81 69.49
CA GLN D 215 88.39 4.50 69.08
C GLN D 215 89.40 5.42 69.76
N GLU E 1 -34.92 9.75 -0.97
CA GLU E 1 -35.67 8.64 -1.63
C GLU E 1 -35.34 8.59 -3.12
N VAL E 2 -35.50 9.73 -3.79
CA VAL E 2 -35.16 9.83 -5.21
C VAL E 2 -33.65 9.65 -5.36
N GLN E 3 -33.24 8.66 -6.14
CA GLN E 3 -31.81 8.44 -6.33
C GLN E 3 -31.54 7.67 -7.61
N LEU E 4 -30.33 7.88 -8.14
CA LEU E 4 -29.84 7.20 -9.32
C LEU E 4 -28.48 6.60 -9.00
N VAL E 5 -28.35 5.28 -9.16
CA VAL E 5 -27.09 4.59 -8.91
C VAL E 5 -26.58 4.04 -10.23
N GLU E 6 -25.42 4.50 -10.66
CA GLU E 6 -24.80 4.08 -11.91
C GLU E 6 -23.86 2.90 -11.67
N SER E 7 -23.56 2.19 -12.76
CA SER E 7 -22.58 1.12 -12.72
C SER E 7 -22.13 0.82 -14.15
N GLY E 8 -21.01 0.11 -14.25
CA GLY E 8 -20.47 -0.29 -15.53
C GLY E 8 -19.27 0.49 -16.02
N GLY E 9 -18.72 1.40 -15.20
CA GLY E 9 -17.62 2.23 -15.63
C GLY E 9 -16.34 1.43 -15.83
N GLY E 10 -15.30 2.14 -16.26
CA GLY E 10 -13.98 1.54 -16.31
C GLY E 10 -13.10 1.93 -17.47
N LEU E 11 -11.89 1.38 -17.48
CA LEU E 11 -10.90 1.63 -18.51
C LEU E 11 -11.05 0.62 -19.65
N ILE E 12 -11.03 1.13 -20.88
CA ILE E 12 -11.06 0.30 -22.07
C ILE E 12 -10.04 0.85 -23.06
N ARG E 13 -9.48 -0.04 -23.87
CA ARG E 13 -8.51 0.36 -24.87
C ARG E 13 -9.23 0.76 -26.16
N PRO E 14 -8.57 1.57 -27.00
CA PRO E 14 -9.20 2.02 -28.24
C PRO E 14 -9.70 0.85 -29.09
N GLY E 15 -10.82 1.09 -29.78
CA GLY E 15 -11.46 0.07 -30.58
C GLY E 15 -12.40 -0.83 -29.81
N GLY E 16 -12.34 -0.81 -28.47
CA GLY E 16 -13.16 -1.70 -27.68
C GLY E 16 -14.60 -1.24 -27.57
N SER E 17 -15.38 -2.01 -26.82
CA SER E 17 -16.78 -1.73 -26.60
C SER E 17 -17.06 -1.72 -25.11
N LEU E 18 -18.17 -1.07 -24.73
CA LEU E 18 -18.53 -1.05 -23.31
C LEU E 18 -20.02 -0.77 -23.18
N ARG E 19 -20.59 -1.26 -22.09
CA ARG E 19 -22.03 -1.22 -21.84
C ARG E 19 -22.25 -0.62 -20.45
N LEU E 20 -23.00 0.47 -20.37
CA LEU E 20 -23.21 1.19 -19.13
C LEU E 20 -24.63 0.99 -18.63
N SER E 21 -24.79 1.02 -17.30
CA SER E 21 -26.07 0.80 -16.64
C SER E 21 -26.33 1.90 -15.62
N CYS E 22 -27.61 2.23 -15.44
CA CYS E 22 -28.02 3.25 -14.49
C CYS E 22 -29.30 2.77 -13.81
N LYS E 23 -29.25 2.61 -12.49
CA LYS E 23 -30.36 2.06 -11.71
C LYS E 23 -31.11 3.19 -11.02
N GLY E 24 -32.42 3.23 -11.22
CA GLY E 24 -33.28 4.20 -10.57
C GLY E 24 -34.02 3.58 -9.39
N SER E 25 -34.25 4.40 -8.36
CA SER E 25 -35.04 3.95 -7.22
C SER E 25 -35.76 5.15 -6.61
N GLY E 26 -36.85 4.85 -5.91
CA GLY E 26 -37.61 5.87 -5.19
C GLY E 26 -38.67 6.58 -5.99
N PHE E 27 -39.02 6.08 -7.18
CA PHE E 27 -40.02 6.73 -8.01
C PHE E 27 -40.62 5.71 -8.96
N ILE E 28 -41.68 6.12 -9.64
CA ILE E 28 -42.42 5.26 -10.55
C ILE E 28 -41.73 5.34 -11.92
N PHE E 29 -40.86 4.36 -12.17
CA PHE E 29 -39.93 4.41 -13.30
C PHE E 29 -40.65 4.59 -14.63
N GLU E 30 -41.76 3.86 -14.83
CA GLU E 30 -42.44 3.84 -16.12
C GLU E 30 -42.80 5.24 -16.62
N ASN E 31 -43.00 6.19 -15.72
CA ASN E 31 -43.50 7.51 -16.13
C ASN E 31 -42.42 8.40 -16.72
N PHE E 32 -41.15 8.11 -16.50
CA PHE E 32 -40.08 9.07 -16.72
C PHE E 32 -39.19 8.70 -17.89
N GLY E 33 -38.75 9.73 -18.63
CA GLY E 33 -37.68 9.58 -19.59
C GLY E 33 -36.32 9.59 -18.90
N PHE E 34 -35.27 9.28 -19.68
CA PHE E 34 -33.93 9.27 -19.15
C PHE E 34 -32.95 9.68 -20.23
N GLY E 35 -31.77 10.15 -19.81
CA GLY E 35 -30.76 10.57 -20.75
C GLY E 35 -29.36 10.38 -20.21
N TRP E 36 -28.39 10.56 -21.10
CA TRP E 36 -26.97 10.52 -20.75
C TRP E 36 -26.29 11.80 -21.19
N VAL E 37 -25.41 12.30 -20.33
CA VAL E 37 -24.61 13.50 -20.57
C VAL E 37 -23.17 13.16 -20.19
N ARG E 38 -22.23 13.75 -20.92
CA ARG E 38 -20.81 13.53 -20.63
C ARG E 38 -20.10 14.86 -20.40
N GLN E 39 -18.95 14.77 -19.75
CA GLN E 39 -18.06 15.92 -19.54
C GLN E 39 -16.64 15.47 -19.77
N GLY E 40 -16.01 15.99 -20.82
CA GLY E 40 -14.63 15.66 -21.10
C GLY E 40 -13.67 16.38 -20.16
N PRO E 41 -12.42 15.94 -20.17
CA PRO E 41 -11.42 16.54 -19.27
C PRO E 41 -11.30 18.04 -19.49
N GLY E 42 -11.47 18.79 -18.41
CA GLY E 42 -11.35 20.24 -18.44
C GLY E 42 -12.38 20.94 -19.31
N LYS E 43 -13.35 20.18 -19.82
CA LYS E 43 -14.39 20.70 -20.67
C LYS E 43 -15.71 20.74 -19.90
N GLY E 44 -16.76 21.22 -20.59
CA GLY E 44 -18.08 21.31 -20.03
C GLY E 44 -18.94 20.11 -20.42
N LEU E 45 -20.21 20.19 -20.04
CA LEU E 45 -21.15 19.13 -20.35
C LEU E 45 -21.44 19.11 -21.85
N GLU E 46 -21.55 17.90 -22.41
CA GLU E 46 -21.90 17.73 -23.81
C GLU E 46 -22.97 16.65 -23.94
N TRP E 47 -24.01 16.97 -24.70
CA TRP E 47 -25.15 16.08 -24.86
C TRP E 47 -24.80 14.93 -25.81
N VAL E 48 -24.97 13.70 -25.33
CA VAL E 48 -24.61 12.51 -26.09
C VAL E 48 -25.86 11.87 -26.66
N SER E 49 -26.69 11.32 -25.78
CA SER E 49 -27.91 10.65 -26.20
C SER E 49 -29.01 10.94 -25.18
N GLY E 50 -30.12 10.23 -25.33
CA GLY E 50 -31.27 10.39 -24.47
C GLY E 50 -32.45 9.64 -25.05
N THR E 51 -33.35 9.17 -24.20
CA THR E 51 -34.58 8.54 -24.65
C THR E 51 -35.71 8.96 -23.75
N ASN E 52 -36.93 8.91 -24.29
CA ASN E 52 -38.09 9.39 -23.56
C ASN E 52 -38.66 8.23 -22.73
N TRP E 53 -39.84 8.45 -22.14
CA TRP E 53 -40.35 7.56 -21.10
C TRP E 53 -40.50 6.13 -21.59
N ASN E 54 -40.91 5.94 -22.84
CA ASN E 54 -41.19 4.60 -23.36
C ASN E 54 -40.12 4.12 -24.33
N GLY E 55 -38.99 4.80 -24.41
CA GLY E 55 -37.93 4.35 -25.27
C GLY E 55 -38.22 4.40 -26.75
N GLY E 56 -39.36 4.96 -27.16
CA GLY E 56 -39.66 5.08 -28.57
C GLY E 56 -38.82 6.12 -29.27
N ASP E 57 -38.42 7.18 -28.55
CA ASP E 57 -37.69 8.30 -29.12
C ASP E 57 -36.28 8.30 -28.54
N SER E 58 -35.28 8.07 -29.40
CA SER E 58 -33.88 8.13 -29.00
C SER E 58 -33.09 8.87 -30.06
N ARG E 59 -32.18 9.75 -29.62
CA ARG E 59 -31.47 10.63 -30.51
C ARG E 59 -30.08 10.87 -29.97
N TYR E 60 -29.20 11.39 -30.83
CA TYR E 60 -27.77 11.33 -30.57
C TYR E 60 -27.10 12.64 -30.94
N GLY E 61 -26.11 13.02 -30.13
CA GLY E 61 -25.28 14.15 -30.48
C GLY E 61 -24.49 13.90 -31.75
N ASP E 62 -24.22 14.98 -32.47
CA ASP E 62 -23.45 14.87 -33.71
C ASP E 62 -22.13 14.16 -33.49
N SER E 63 -21.44 14.46 -32.39
CA SER E 63 -20.15 13.84 -32.13
C SER E 63 -20.26 12.36 -31.81
N VAL E 64 -21.48 11.88 -31.55
CA VAL E 64 -21.69 10.49 -31.17
C VAL E 64 -22.67 9.77 -32.10
N LYS E 65 -23.28 10.48 -33.05
CA LYS E 65 -24.27 9.85 -33.91
C LYS E 65 -23.67 8.68 -34.66
N GLY E 66 -24.39 7.56 -34.67
CA GLY E 66 -23.91 6.35 -35.31
C GLY E 66 -23.33 5.33 -34.36
N ARG E 67 -22.42 5.76 -33.48
CA ARG E 67 -21.67 4.82 -32.66
C ARG E 67 -22.39 4.41 -31.38
N PHE E 68 -23.25 5.26 -30.84
CA PHE E 68 -23.89 5.01 -29.55
C PHE E 68 -25.34 4.58 -29.74
N THR E 69 -25.80 3.66 -28.89
CA THR E 69 -27.19 3.24 -28.85
C THR E 69 -27.64 3.14 -27.39
N ILE E 70 -28.77 3.78 -27.09
CA ILE E 70 -29.38 3.76 -25.76
C ILE E 70 -30.55 2.80 -25.73
N SER E 71 -30.75 2.14 -24.59
CA SER E 71 -31.87 1.24 -24.40
C SER E 71 -32.31 1.28 -22.95
N ARG E 72 -33.48 0.68 -22.67
CA ARG E 72 -34.04 0.63 -21.32
C ARG E 72 -34.79 -0.67 -21.08
N ASP E 73 -34.90 -1.03 -19.80
CA ASP E 73 -35.72 -2.16 -19.35
C ASP E 73 -36.68 -1.64 -18.28
N ASN E 74 -37.89 -1.27 -18.70
CA ASN E 74 -38.87 -0.67 -17.79
C ASN E 74 -39.32 -1.63 -16.70
N SER E 75 -39.14 -2.94 -16.87
CA SER E 75 -39.65 -3.89 -15.89
C SER E 75 -38.88 -3.81 -14.58
N ASN E 76 -37.55 -3.75 -14.65
CA ASN E 76 -36.71 -3.74 -13.46
C ASN E 76 -36.06 -2.38 -13.21
N ASN E 77 -36.58 -1.32 -13.84
CA ASN E 77 -36.11 0.04 -13.60
C ASN E 77 -34.64 0.21 -13.95
N PHE E 78 -34.21 -0.38 -15.06
CA PHE E 78 -32.86 -0.21 -15.57
C PHE E 78 -32.88 0.54 -16.90
N VAL E 79 -31.88 1.38 -17.11
CA VAL E 79 -31.56 1.94 -18.42
C VAL E 79 -30.11 1.57 -18.75
N TYR E 80 -29.85 1.36 -20.03
CA TYR E 80 -28.53 0.96 -20.49
C TYR E 80 -28.05 1.93 -21.55
N LEU E 81 -26.73 1.97 -21.76
CA LEU E 81 -26.13 2.69 -22.88
C LEU E 81 -25.03 1.84 -23.49
N GLN E 82 -25.23 1.40 -24.73
CA GLN E 82 -24.22 0.63 -25.45
C GLN E 82 -23.38 1.56 -26.31
N MET E 83 -22.07 1.56 -26.08
CA MET E 83 -21.13 2.40 -26.81
C MET E 83 -20.18 1.52 -27.60
N ASN E 84 -20.22 1.65 -28.92
CA ASN E 84 -19.37 0.86 -29.82
C ASN E 84 -18.43 1.77 -30.59
N SER E 85 -17.42 1.16 -31.20
CA SER E 85 -16.42 1.87 -32.02
C SER E 85 -15.87 3.09 -31.27
N LEU E 86 -15.41 2.85 -30.04
CA LEU E 86 -14.89 3.93 -29.22
C LEU E 86 -13.67 4.58 -29.87
N ARG E 87 -13.52 5.88 -29.65
CA ARG E 87 -12.40 6.66 -30.14
C ARG E 87 -11.67 7.31 -28.97
N PRO E 88 -10.40 7.71 -29.17
CA PRO E 88 -9.70 8.48 -28.13
C PRO E 88 -10.51 9.64 -27.59
N GLU E 89 -11.24 10.35 -28.45
CA GLU E 89 -11.97 11.54 -28.03
C GLU E 89 -13.11 11.23 -27.08
N ASP E 90 -13.53 9.96 -26.97
CA ASP E 90 -14.65 9.61 -26.11
C ASP E 90 -14.26 9.52 -24.63
N THR E 91 -12.99 9.68 -24.30
CA THR E 91 -12.57 9.67 -22.90
C THR E 91 -13.26 10.81 -22.15
N ALA E 92 -13.99 10.48 -21.08
CA ALA E 92 -14.74 11.50 -20.36
C ALA E 92 -15.45 10.87 -19.17
N ILE E 93 -15.95 11.73 -18.29
CA ILE E 93 -16.89 11.34 -17.24
C ILE E 93 -18.29 11.34 -17.81
N TYR E 94 -19.04 10.27 -17.55
CA TYR E 94 -20.40 10.11 -18.04
C TYR E 94 -21.39 10.25 -16.89
N TYR E 95 -22.45 11.04 -17.10
CA TYR E 95 -23.52 11.23 -16.12
C TYR E 95 -24.81 10.64 -16.66
N CYS E 96 -25.49 9.85 -15.83
CA CYS E 96 -26.88 9.46 -16.06
C CYS E 96 -27.82 10.49 -15.44
N ALA E 97 -28.97 10.69 -16.07
CA ALA E 97 -29.89 11.71 -15.57
C ALA E 97 -31.34 11.36 -15.84
N ARG E 98 -32.19 11.62 -14.86
CA ARG E 98 -33.63 11.33 -14.92
C ARG E 98 -34.39 12.47 -15.59
N GLY E 99 -35.34 12.12 -16.45
CA GLY E 99 -36.14 13.08 -17.18
C GLY E 99 -37.44 13.46 -16.48
N THR E 100 -38.41 13.89 -17.28
CA THR E 100 -39.68 14.42 -16.81
C THR E 100 -40.73 13.32 -16.72
N ASP E 101 -41.89 13.67 -16.16
CA ASP E 101 -43.04 12.78 -16.09
C ASP E 101 -44.19 13.27 -16.96
N TYR E 102 -43.88 14.07 -17.99
CA TYR E 102 -44.88 14.44 -18.98
C TYR E 102 -44.15 14.82 -20.26
N THR E 103 -44.92 15.00 -21.32
CA THR E 103 -44.37 15.43 -22.60
C THR E 103 -45.44 16.22 -23.34
N ILE E 104 -45.06 16.75 -24.49
CA ILE E 104 -45.92 17.65 -25.25
C ILE E 104 -45.84 17.28 -26.73
N ASP E 105 -47.00 17.18 -27.37
CA ASP E 105 -47.07 16.78 -28.77
C ASP E 105 -47.01 18.02 -29.66
N ASP E 106 -47.07 17.78 -30.97
CA ASP E 106 -47.09 18.86 -31.95
C ASP E 106 -48.31 19.76 -31.79
N GLN E 107 -49.28 19.39 -30.97
CA GLN E 107 -50.48 20.18 -30.77
C GLN E 107 -50.43 21.02 -29.49
N GLY E 108 -49.33 20.98 -28.76
CA GLY E 108 -49.25 21.65 -27.48
C GLY E 108 -49.90 20.89 -26.36
N ILE E 109 -50.29 19.65 -26.60
CA ILE E 109 -51.01 18.84 -25.63
C ILE E 109 -50.01 18.24 -24.64
N ARG E 110 -50.32 18.36 -23.35
CA ARG E 110 -49.48 17.82 -22.29
C ARG E 110 -49.97 16.42 -21.94
N TYR E 111 -49.04 15.47 -21.90
CA TYR E 111 -49.34 14.07 -21.60
C TYR E 111 -48.76 13.74 -20.23
N GLN E 112 -49.61 13.72 -19.21
CA GLN E 112 -49.14 13.40 -17.87
C GLN E 112 -48.68 11.95 -17.81
N GLY E 113 -47.45 11.75 -17.33
CA GLY E 113 -46.88 10.42 -17.21
C GLY E 113 -46.04 9.97 -18.39
N SER E 114 -46.10 10.67 -19.52
CA SER E 114 -45.35 10.31 -20.71
C SER E 114 -44.08 11.15 -20.79
N GLY E 115 -43.13 10.80 -19.92
CA GLY E 115 -41.93 11.60 -19.79
C GLY E 115 -41.05 11.57 -21.04
N THR E 116 -40.26 12.63 -21.18
CA THR E 116 -39.26 12.70 -22.24
C THR E 116 -38.01 13.34 -21.64
N PHE E 117 -37.09 13.78 -22.49
CA PHE E 117 -35.73 14.08 -22.05
C PHE E 117 -35.34 15.53 -22.35
N TRP E 118 -36.29 16.46 -22.22
CA TRP E 118 -35.95 17.87 -22.44
C TRP E 118 -34.95 18.37 -21.42
N TYR E 119 -35.11 17.96 -20.16
CA TYR E 119 -34.23 18.42 -19.10
C TYR E 119 -34.25 17.39 -17.97
N PHE E 120 -33.35 17.58 -17.02
CA PHE E 120 -33.09 16.59 -15.98
C PHE E 120 -33.00 17.31 -14.63
N ASP E 121 -33.96 17.03 -13.75
CA ASP E 121 -33.98 17.71 -12.46
C ASP E 121 -33.22 16.95 -11.37
N VAL E 122 -32.89 15.68 -11.62
CA VAL E 122 -32.12 14.87 -10.69
C VAL E 122 -31.05 14.14 -11.48
N TRP E 123 -29.79 14.27 -11.04
CA TRP E 123 -28.65 13.74 -11.77
C TRP E 123 -27.93 12.71 -10.92
N GLY E 124 -27.51 11.62 -11.55
CA GLY E 124 -26.64 10.67 -10.88
C GLY E 124 -25.28 11.26 -10.58
N ARG E 125 -24.54 10.58 -9.72
CA ARG E 125 -23.20 11.03 -9.36
C ARG E 125 -22.22 10.86 -10.51
N GLY E 126 -22.55 10.05 -11.50
CA GLY E 126 -21.71 9.84 -12.67
C GLY E 126 -20.75 8.68 -12.49
N THR E 127 -20.44 8.03 -13.61
CA THR E 127 -19.44 6.97 -13.65
C THR E 127 -18.43 7.30 -14.72
N LEU E 128 -17.15 7.03 -14.43
CA LEU E 128 -16.07 7.42 -15.32
C LEU E 128 -15.88 6.38 -16.42
N VAL E 129 -15.71 6.87 -17.64
CA VAL E 129 -15.33 6.05 -18.79
C VAL E 129 -14.03 6.61 -19.33
N THR E 130 -13.03 5.75 -19.45
CA THR E 130 -11.73 6.13 -19.98
C THR E 130 -11.42 5.34 -21.24
N VAL E 131 -11.10 6.04 -22.31
CA VAL E 131 -10.62 5.44 -23.54
C VAL E 131 -9.15 5.82 -23.65
N SER E 132 -8.27 4.85 -23.41
CA SER E 132 -6.85 5.13 -23.32
C SER E 132 -6.06 3.87 -23.64
N SER E 133 -4.84 4.08 -24.14
CA SER E 133 -3.89 3.01 -24.35
C SER E 133 -3.00 2.79 -23.15
N ALA E 134 -3.30 3.43 -22.02
CA ALA E 134 -2.49 3.32 -20.83
C ALA E 134 -2.78 2.01 -20.12
N SER E 135 -1.73 1.46 -19.51
CA SER E 135 -1.84 0.19 -18.82
C SER E 135 -2.26 0.42 -17.37
N THR E 136 -3.24 -0.35 -16.92
CA THR E 136 -3.66 -0.33 -15.52
C THR E 136 -2.45 -0.36 -14.60
N LYS E 137 -2.35 0.63 -13.72
CA LYS E 137 -1.21 0.71 -12.81
C LYS E 137 -1.63 1.32 -11.49
N GLY E 138 -1.05 0.80 -10.40
CA GLY E 138 -1.20 1.39 -9.09
C GLY E 138 -0.20 2.51 -8.88
N PRO E 139 -0.52 3.48 -8.03
CA PRO E 139 0.36 4.64 -7.89
C PRO E 139 1.65 4.33 -7.18
N SER E 140 2.68 5.09 -7.53
CA SER E 140 3.85 5.28 -6.68
C SER E 140 3.61 6.53 -5.83
N VAL E 141 3.76 6.39 -4.52
CA VAL E 141 3.55 7.48 -3.58
C VAL E 141 4.89 7.85 -2.96
N PHE E 142 5.27 9.12 -3.07
CA PHE E 142 6.53 9.56 -2.50
C PHE E 142 6.31 10.61 -1.41
N PRO E 143 7.01 10.52 -0.29
CA PRO E 143 6.78 11.47 0.81
C PRO E 143 7.29 12.88 0.51
N LEU E 144 6.59 13.85 1.09
CA LEU E 144 7.04 15.24 1.13
C LEU E 144 7.43 15.55 2.58
N ALA E 145 8.80 15.65 2.84
CA ALA E 145 9.46 15.64 4.14
C ALA E 145 9.62 17.06 4.68
N PRO E 146 9.46 17.27 6.00
CA PRO E 146 9.71 18.60 6.58
C PRO E 146 11.19 18.93 6.68
N CYS E 160 1.94 14.54 0.58
CA CYS E 160 2.18 13.31 -0.16
C CYS E 160 1.96 13.55 -1.65
N LEU E 161 2.89 13.04 -2.46
CA LEU E 161 2.79 13.09 -3.92
C LEU E 161 2.30 11.74 -4.42
N VAL E 162 1.17 11.75 -5.11
CA VAL E 162 0.56 10.54 -5.65
C VAL E 162 0.86 10.51 -7.15
N LYS E 163 1.79 9.66 -7.56
CA LYS E 163 2.32 9.69 -8.92
C LYS E 163 2.11 8.35 -9.63
N ASP E 164 1.95 8.45 -10.95
CA ASP E 164 1.93 7.29 -11.84
C ASP E 164 0.80 6.32 -11.48
N TYR E 165 -0.41 6.85 -11.40
CA TYR E 165 -1.62 6.04 -11.27
C TYR E 165 -2.44 6.13 -12.54
N PHE E 166 -3.36 5.18 -12.70
CA PHE E 166 -4.24 5.23 -13.84
C PHE E 166 -5.41 4.26 -13.67
N PRO E 167 -6.66 4.74 -13.89
CA PRO E 167 -7.10 6.12 -14.13
C PRO E 167 -7.43 6.82 -12.81
N GLU E 168 -8.02 8.01 -12.88
CA GLU E 168 -8.51 8.66 -11.67
C GLU E 168 -9.75 7.93 -11.16
N PRO E 169 -10.12 8.15 -9.89
CA PRO E 169 -9.51 9.00 -8.87
C PRO E 169 -8.79 8.27 -7.74
N VAL E 170 -8.20 9.05 -6.84
CA VAL E 170 -7.66 8.57 -5.57
C VAL E 170 -8.38 9.30 -4.44
N THR E 171 -8.25 8.78 -3.22
CA THR E 171 -8.69 9.49 -2.03
C THR E 171 -7.57 9.48 -0.99
N VAL E 172 -7.49 10.56 -0.22
CA VAL E 172 -6.43 10.72 0.77
C VAL E 172 -7.05 11.13 2.11
N SER E 173 -6.51 10.57 3.20
CA SER E 173 -6.82 11.05 4.54
C SER E 173 -5.52 11.16 5.33
N TRP E 174 -5.60 11.87 6.46
CA TRP E 174 -4.43 12.15 7.28
C TRP E 174 -4.72 11.79 8.73
N ASN E 175 -3.78 11.08 9.36
CA ASN E 175 -3.86 10.71 10.78
C ASN E 175 -5.25 10.15 11.13
N SER E 176 -5.69 9.16 10.35
CA SER E 176 -6.92 8.43 10.64
C SER E 176 -8.18 9.23 10.29
N GLY E 177 -8.05 10.55 10.13
CA GLY E 177 -9.17 11.38 9.73
C GLY E 177 -9.41 12.57 10.64
N ALA E 178 -8.52 12.75 11.63
CA ALA E 178 -8.66 13.86 12.56
C ALA E 178 -8.08 15.16 12.01
N LEU E 179 -7.26 15.08 10.95
CA LEU E 179 -6.54 16.23 10.42
C LEU E 179 -7.24 16.70 9.14
N THR E 180 -7.97 17.80 9.24
CA THR E 180 -8.74 18.36 8.13
C THR E 180 -8.26 19.73 7.67
N SER E 181 -7.59 20.49 8.52
CA SER E 181 -7.20 21.86 8.19
C SER E 181 -6.23 21.91 7.02
N GLY E 182 -6.63 22.60 5.94
CA GLY E 182 -5.69 23.06 4.95
C GLY E 182 -5.41 22.17 3.77
N VAL E 183 -6.24 21.17 3.48
CA VAL E 183 -5.99 20.25 2.37
C VAL E 183 -6.62 20.80 1.10
N HIS E 184 -5.78 20.98 0.08
CA HIS E 184 -6.20 21.22 -1.30
C HIS E 184 -5.62 20.11 -2.17
N THR E 185 -6.47 19.43 -2.94
CA THR E 185 -6.03 18.42 -3.89
C THR E 185 -6.20 18.96 -5.30
N PHE E 186 -5.11 18.95 -6.07
CA PHE E 186 -5.05 19.63 -7.36
C PHE E 186 -5.58 18.79 -8.50
N PRO E 187 -5.93 19.43 -9.62
CA PRO E 187 -6.29 18.67 -10.82
C PRO E 187 -5.13 17.81 -11.31
N ALA E 188 -5.47 16.65 -11.85
CA ALA E 188 -4.45 15.72 -12.34
C ALA E 188 -3.74 16.29 -13.56
N VAL E 189 -2.47 15.91 -13.70
CA VAL E 189 -1.65 16.28 -14.86
C VAL E 189 -1.36 15.01 -15.65
N LEU E 190 -1.55 15.08 -16.96
CA LEU E 190 -1.21 13.98 -17.86
C LEU E 190 0.28 14.07 -18.16
N GLN E 191 1.05 13.10 -17.64
CA GLN E 191 2.49 13.08 -17.84
C GLN E 191 2.81 12.47 -19.20
N SER E 192 4.06 12.69 -19.65
CA SER E 192 4.51 12.10 -20.90
C SER E 192 4.16 10.63 -20.98
N SER E 193 4.26 9.92 -19.86
CA SER E 193 4.01 8.49 -19.83
C SER E 193 2.55 8.13 -20.09
N GLY E 194 1.63 9.11 -20.12
CA GLY E 194 0.22 8.81 -20.19
C GLY E 194 -0.40 8.47 -18.87
N LEU E 195 0.29 8.72 -17.76
CA LEU E 195 -0.20 8.48 -16.42
C LEU E 195 -0.40 9.81 -15.70
N TYR E 196 -1.21 9.78 -14.65
CA TYR E 196 -1.62 10.99 -13.95
C TYR E 196 -0.84 11.17 -12.64
N SER E 197 -0.84 12.41 -12.16
CA SER E 197 -0.15 12.78 -10.93
C SER E 197 -0.89 13.93 -10.26
N LEU E 198 -0.83 13.96 -8.92
CA LEU E 198 -1.35 15.09 -8.15
C LEU E 198 -0.67 15.08 -6.78
N SER E 199 -0.91 16.15 -6.01
CA SER E 199 -0.38 16.27 -4.66
C SER E 199 -1.50 16.50 -3.65
N SER E 200 -1.27 16.01 -2.43
CA SER E 200 -2.07 16.32 -1.25
C SER E 200 -1.16 16.93 -0.19
N VAL E 201 -1.61 18.03 0.43
CA VAL E 201 -0.77 18.77 1.37
C VAL E 201 -1.59 19.15 2.61
N VAL E 202 -0.86 19.52 3.67
CA VAL E 202 -1.49 19.89 4.93
C VAL E 202 -0.49 20.67 5.78
N THR E 203 -0.99 21.67 6.50
CA THR E 203 -0.17 22.55 7.33
C THR E 203 -0.31 22.17 8.80
N VAL E 204 0.80 22.22 9.54
CA VAL E 204 0.83 21.79 10.94
C VAL E 204 1.74 22.71 11.74
N PRO E 205 1.54 22.75 13.07
CA PRO E 205 2.41 23.58 13.92
C PRO E 205 3.85 23.12 13.89
N SER E 206 4.76 24.10 13.92
CA SER E 206 6.19 23.79 13.90
C SER E 206 6.64 23.12 15.18
N SER E 207 6.08 23.53 16.32
CA SER E 207 6.52 22.95 17.60
C SER E 207 5.99 21.53 17.78
N SER E 208 4.78 21.26 17.30
CA SER E 208 4.21 19.93 17.42
C SER E 208 4.83 18.93 16.46
N LEU E 209 5.69 19.38 15.55
CA LEU E 209 6.30 18.46 14.58
C LEU E 209 6.95 17.27 15.27
N GLY E 210 7.88 17.54 16.19
CA GLY E 210 8.61 16.46 16.83
C GLY E 210 7.73 15.53 17.64
N THR E 211 6.77 16.11 18.37
CA THR E 211 5.96 15.32 19.28
C THR E 211 5.08 14.31 18.52
N GLN E 212 4.21 14.81 17.64
CA GLN E 212 3.14 14.01 17.06
C GLN E 212 3.45 13.65 15.61
N THR E 213 2.90 12.51 15.19
CA THR E 213 3.18 11.91 13.89
C THR E 213 2.09 12.26 12.88
N TYR E 214 2.49 12.41 11.62
CA TYR E 214 1.57 12.69 10.53
C TYR E 214 1.76 11.63 9.44
N ILE E 215 0.67 10.97 9.07
CA ILE E 215 0.68 9.87 8.10
C ILE E 215 -0.45 10.09 7.10
N CYS E 216 -0.15 9.90 5.81
CA CYS E 216 -1.16 10.05 4.76
C CYS E 216 -1.63 8.68 4.30
N ASN E 217 -2.95 8.54 4.17
CA ASN E 217 -3.59 7.28 3.77
C ASN E 217 -4.16 7.48 2.38
N VAL E 218 -3.50 6.90 1.37
CA VAL E 218 -3.84 7.10 -0.03
C VAL E 218 -4.52 5.85 -0.56
N ASN E 219 -5.72 6.03 -1.13
CA ASN E 219 -6.50 4.93 -1.70
C ASN E 219 -6.74 5.20 -3.19
N HIS E 220 -6.56 4.16 -4.00
CA HIS E 220 -6.84 4.22 -5.44
C HIS E 220 -7.74 3.04 -5.75
N LYS E 221 -9.05 3.26 -5.63
CA LYS E 221 -10.01 2.16 -5.74
C LYS E 221 -10.03 1.50 -7.12
N PRO E 222 -9.90 2.22 -8.24
CA PRO E 222 -9.89 1.51 -9.54
C PRO E 222 -8.99 0.30 -9.55
N SER E 223 -7.86 0.37 -8.85
CA SER E 223 -6.95 -0.76 -8.69
C SER E 223 -6.97 -1.31 -7.27
N ASN E 224 -7.99 -0.96 -6.49
CA ASN E 224 -8.15 -1.37 -5.10
C ASN E 224 -6.82 -1.39 -4.37
N THR E 225 -6.19 -0.22 -4.31
CA THR E 225 -4.92 -0.08 -3.62
C THR E 225 -5.10 0.75 -2.34
N GLU F 1 -26.45 21.94 -37.15
CA GLU F 1 -26.39 21.75 -35.67
C GLU F 1 -26.39 23.09 -34.95
N ILE F 2 -27.23 23.18 -33.92
CA ILE F 2 -27.38 24.42 -33.16
C ILE F 2 -26.17 24.57 -32.23
N VAL F 3 -25.48 25.71 -32.35
CA VAL F 3 -24.31 26.00 -31.53
C VAL F 3 -24.70 27.02 -30.48
N LEU F 4 -24.38 26.72 -29.21
CA LEU F 4 -24.61 27.65 -28.12
C LEU F 4 -23.29 28.29 -27.72
N THR F 5 -23.24 29.62 -27.74
CA THR F 5 -22.05 30.37 -27.37
C THR F 5 -22.40 31.26 -26.18
N GLN F 6 -21.78 31.00 -25.04
CA GLN F 6 -22.09 31.70 -23.81
C GLN F 6 -21.11 32.83 -23.56
N SER F 7 -21.58 33.86 -22.86
CA SER F 7 -20.73 34.97 -22.47
C SER F 7 -21.31 35.71 -21.27
N PRO F 8 -20.45 36.42 -20.51
CA PRO F 8 -18.99 36.30 -20.61
C PRO F 8 -18.57 34.95 -20.08
N ASP F 9 -17.31 34.54 -20.26
CA ASP F 9 -16.91 33.23 -19.74
C ASP F 9 -16.96 33.19 -18.22
N THR F 10 -17.00 34.35 -17.55
CA THR F 10 -17.01 34.36 -16.10
C THR F 10 -17.36 35.75 -15.61
N LEU F 11 -17.57 35.84 -14.29
CA LEU F 11 -17.86 37.08 -13.61
C LEU F 11 -17.28 37.00 -12.21
N SER F 12 -16.64 38.07 -11.77
CA SER F 12 -16.06 38.15 -10.43
C SER F 12 -16.95 39.08 -9.61
N LEU F 13 -17.82 38.50 -8.80
CA LEU F 13 -18.80 39.25 -8.03
C LEU F 13 -18.78 38.78 -6.59
N SER F 14 -19.53 39.48 -5.73
CA SER F 14 -19.62 39.14 -4.33
C SER F 14 -21.07 39.15 -3.88
N PRO F 15 -21.36 38.57 -2.72
CA PRO F 15 -22.76 38.50 -2.26
C PRO F 15 -23.43 39.87 -2.23
N GLY F 16 -24.70 39.89 -2.64
CA GLY F 16 -25.52 41.08 -2.61
C GLY F 16 -25.65 41.80 -3.94
N GLU F 17 -24.71 41.58 -4.87
CA GLU F 17 -24.76 42.23 -6.17
C GLU F 17 -25.56 41.39 -7.15
N ARG F 18 -25.93 42.02 -8.27
CA ARG F 18 -26.69 41.35 -9.32
C ARG F 18 -25.78 40.91 -10.45
N ALA F 19 -26.02 39.70 -10.95
CA ALA F 19 -25.29 39.16 -12.10
C ALA F 19 -26.27 38.92 -13.24
N THR F 20 -25.90 39.36 -14.44
CA THR F 20 -26.68 39.12 -15.66
C THR F 20 -25.80 38.40 -16.68
N LEU F 21 -26.37 37.39 -17.34
CA LEU F 21 -25.60 36.49 -18.20
C LEU F 21 -26.13 36.50 -19.63
N SER F 22 -25.75 35.50 -20.43
CA SER F 22 -26.21 35.40 -21.83
C SER F 22 -25.88 34.02 -22.38
N CYS F 23 -26.38 33.78 -23.59
CA CYS F 23 -26.13 32.56 -24.35
C CYS F 23 -26.58 32.78 -25.80
N ARG F 24 -25.68 32.68 -26.77
CA ARG F 24 -26.09 32.78 -28.16
C ARG F 24 -26.37 31.40 -28.74
N ALA F 25 -27.47 31.30 -29.47
CA ALA F 25 -27.80 30.13 -30.26
C ALA F 25 -27.52 30.42 -31.72
N SER F 26 -27.12 29.39 -32.47
CA SER F 26 -26.79 29.58 -33.88
C SER F 26 -28.06 29.73 -34.70
N SER F 28 -32.32 31.71 -34.48
CA SER F 28 -33.33 31.33 -33.49
C SER F 28 -33.61 29.84 -33.61
N SER F 31 -38.64 29.55 -28.44
CA SER F 31 -38.40 30.36 -27.27
C SER F 31 -38.58 29.56 -25.98
N ARG F 32 -39.52 28.62 -26.02
CA ARG F 32 -39.86 27.83 -24.83
C ARG F 32 -38.98 26.60 -24.68
N TYR F 33 -37.93 26.47 -25.48
CA TYR F 33 -37.10 25.27 -25.49
C TYR F 33 -35.68 25.58 -25.05
N PHE F 34 -35.54 26.17 -23.86
CA PHE F 34 -34.25 26.60 -23.33
C PHE F 34 -34.18 26.21 -21.86
N ALA F 35 -32.99 25.80 -21.41
CA ALA F 35 -32.79 25.41 -20.02
C ALA F 35 -31.50 26.01 -19.47
N TRP F 36 -31.42 26.05 -18.13
CA TRP F 36 -30.24 26.48 -17.41
C TRP F 36 -29.89 25.45 -16.35
N TYR F 37 -28.60 25.24 -16.10
CA TYR F 37 -28.15 24.30 -15.09
C TYR F 37 -27.15 24.99 -14.16
N GLN F 38 -27.01 24.43 -12.96
CA GLN F 38 -25.98 24.82 -11.99
C GLN F 38 -25.16 23.59 -11.65
N HIS F 39 -23.84 23.77 -11.49
CA HIS F 39 -22.94 22.66 -11.27
C HIS F 39 -21.83 23.07 -10.32
N LYS F 40 -21.78 22.44 -9.10
CA LYS F 40 -20.65 22.70 -8.23
C LYS F 40 -19.64 21.56 -8.31
N PRO F 41 -18.35 21.88 -8.20
CA PRO F 41 -17.33 20.82 -8.16
C PRO F 41 -17.65 19.76 -7.11
N GLY F 42 -17.46 18.50 -7.50
CA GLY F 42 -17.59 17.38 -6.58
C GLY F 42 -19.01 16.93 -6.31
N GLN F 43 -20.00 17.57 -6.93
CA GLN F 43 -21.40 17.23 -6.73
C GLN F 43 -22.09 17.16 -8.08
N PRO F 44 -23.17 16.38 -8.20
CA PRO F 44 -23.90 16.33 -9.47
C PRO F 44 -24.48 17.68 -9.82
N PRO F 45 -24.51 18.05 -11.11
CA PRO F 45 -25.19 19.28 -11.51
C PRO F 45 -26.64 19.29 -11.06
N ARG F 46 -27.17 20.49 -10.89
CA ARG F 46 -28.57 20.68 -10.50
C ARG F 46 -29.26 21.54 -11.55
N LEU F 47 -30.45 21.12 -11.96
CA LEU F 47 -31.23 21.89 -12.92
C LEU F 47 -31.86 23.10 -12.25
N LEU F 48 -31.80 24.24 -12.93
CA LEU F 48 -32.41 25.48 -12.46
C LEU F 48 -33.66 25.85 -13.23
N ILE F 49 -33.62 25.83 -14.56
CA ILE F 49 -34.69 26.37 -15.39
C ILE F 49 -35.06 25.36 -16.46
N TYR F 50 -36.36 25.20 -16.68
CA TYR F 50 -36.87 24.44 -17.81
C TYR F 50 -38.07 25.17 -18.41
N GLY F 51 -38.51 24.70 -19.57
CA GLY F 51 -39.67 25.26 -20.23
C GLY F 51 -39.49 26.67 -20.75
N GLY F 52 -38.26 27.06 -21.06
CA GLY F 52 -38.00 28.39 -21.59
C GLY F 52 -37.99 29.50 -20.57
N SER F 53 -38.79 29.37 -19.51
CA SER F 53 -38.89 30.43 -18.52
C SER F 53 -39.27 29.88 -17.15
N THR F 54 -40.19 28.93 -17.10
CA THR F 54 -40.74 28.45 -15.84
C THR F 54 -39.63 27.94 -14.93
N ARG F 55 -39.61 28.43 -13.70
CA ARG F 55 -38.58 28.04 -12.74
C ARG F 55 -38.90 26.69 -12.14
N ALA F 56 -37.86 25.85 -12.02
CA ALA F 56 -38.01 24.49 -11.55
C ALA F 56 -38.27 24.44 -10.05
N THR F 57 -38.70 23.26 -9.60
CA THR F 57 -39.00 23.04 -8.19
C THR F 57 -37.78 23.31 -7.33
N GLY F 58 -38.01 23.93 -6.16
CA GLY F 58 -36.96 24.24 -5.23
C GLY F 58 -36.15 25.47 -5.55
N ILE F 59 -36.41 26.12 -6.69
CA ILE F 59 -35.66 27.29 -7.11
C ILE F 59 -36.36 28.52 -6.53
N PRO F 60 -35.69 29.32 -5.70
CA PRO F 60 -36.37 30.46 -5.07
C PRO F 60 -36.60 31.60 -6.06
N ASN F 61 -37.56 32.46 -5.71
CA ASN F 61 -38.00 33.50 -6.64
C ASN F 61 -36.97 34.60 -6.85
N ARG F 62 -35.87 34.63 -6.09
CA ARG F 62 -34.84 35.63 -6.36
C ARG F 62 -34.14 35.39 -7.69
N PHE F 63 -34.18 34.16 -8.20
CA PHE F 63 -33.69 33.85 -9.53
C PHE F 63 -34.79 34.09 -10.54
N SER F 64 -34.43 34.71 -11.66
CA SER F 64 -35.38 34.93 -12.73
C SER F 64 -34.64 34.89 -14.05
N ALA F 65 -35.34 34.43 -15.09
CA ALA F 65 -34.75 34.29 -16.41
C ALA F 65 -35.79 34.62 -17.46
N GLY F 66 -35.32 34.78 -18.68
CA GLY F 66 -36.20 35.07 -19.79
C GLY F 66 -35.40 35.14 -21.06
N GLY F 67 -35.97 35.78 -22.07
CA GLY F 67 -35.30 35.94 -23.34
C GLY F 67 -36.04 35.20 -24.44
N SER F 68 -35.45 35.26 -25.63
CA SER F 68 -36.14 34.78 -26.82
C SER F 68 -35.15 34.82 -27.97
N GLY F 69 -35.48 34.04 -29.02
CA GLY F 69 -34.66 34.04 -30.22
C GLY F 69 -33.35 33.33 -30.01
N THR F 70 -32.25 34.09 -30.05
CA THR F 70 -30.92 33.52 -29.85
C THR F 70 -30.21 34.07 -28.63
N GLN F 71 -30.90 34.82 -27.76
CA GLN F 71 -30.32 35.25 -26.51
C GLN F 71 -31.31 35.04 -25.36
N PHE F 72 -30.82 34.40 -24.31
CA PHE F 72 -31.56 34.21 -23.06
C PHE F 72 -30.67 34.67 -21.90
N THR F 73 -31.30 35.18 -20.84
CA THR F 73 -30.57 35.69 -19.70
C THR F 73 -31.14 35.14 -18.40
N LEU F 74 -30.26 35.02 -17.40
CA LEU F 74 -30.64 34.67 -16.03
C LEU F 74 -30.16 35.79 -15.12
N THR F 75 -31.09 36.64 -14.68
CA THR F 75 -30.80 37.64 -13.66
C THR F 75 -31.01 37.03 -12.28
N VAL F 76 -30.05 37.25 -11.39
CA VAL F 76 -30.12 36.78 -10.01
C VAL F 76 -30.01 38.01 -9.12
N ASN F 77 -31.09 38.32 -8.40
CA ASN F 77 -31.19 39.61 -7.73
C ASN F 77 -30.13 39.78 -6.66
N ARG F 78 -29.90 38.75 -5.84
CA ARG F 78 -28.95 38.86 -4.73
C ARG F 78 -28.36 37.49 -4.44
N LEU F 79 -27.11 37.30 -4.86
CA LEU F 79 -26.43 36.02 -4.76
C LEU F 79 -26.15 35.64 -3.31
N GLU F 80 -26.15 34.33 -3.06
CA GLU F 80 -25.71 33.74 -1.79
C GLU F 80 -24.50 32.84 -2.06
N ALA F 81 -23.94 32.29 -0.98
CA ALA F 81 -22.69 31.53 -1.10
C ALA F 81 -22.87 30.31 -1.99
N GLU F 82 -23.97 29.59 -1.84
CA GLU F 82 -24.20 28.38 -2.62
C GLU F 82 -24.38 28.64 -4.11
N ASP F 83 -24.41 29.90 -4.55
CA ASP F 83 -24.70 30.20 -5.95
C ASP F 83 -23.47 30.20 -6.84
N PHE F 84 -22.28 30.11 -6.27
CA PHE F 84 -21.05 30.19 -7.06
C PHE F 84 -20.71 28.81 -7.60
N ALA F 85 -20.71 28.70 -8.93
CA ALA F 85 -20.67 27.42 -9.63
C ALA F 85 -20.64 27.69 -11.12
N VAL F 86 -20.73 26.66 -11.95
CA VAL F 86 -20.74 26.83 -13.40
C VAL F 86 -22.16 26.67 -13.90
N TYR F 87 -22.53 27.47 -14.89
CA TYR F 87 -23.88 27.50 -15.43
C TYR F 87 -23.84 27.23 -16.93
N TYR F 88 -24.75 26.38 -17.40
CA TYR F 88 -24.81 25.98 -18.79
C TYR F 88 -26.20 26.23 -19.34
N CYS F 89 -26.26 26.77 -20.56
CA CYS F 89 -27.51 26.88 -21.28
C CYS F 89 -27.70 25.64 -22.17
N GLN F 90 -28.95 25.39 -22.54
CA GLN F 90 -29.30 24.22 -23.35
C GLN F 90 -30.56 24.53 -24.14
N GLN F 91 -30.53 24.22 -25.43
CA GLN F 91 -31.70 24.31 -26.28
C GLN F 91 -32.21 22.91 -26.59
N TYR F 92 -33.54 22.74 -26.56
CA TYR F 92 -34.16 21.50 -26.99
C TYR F 92 -35.31 21.77 -27.95
N GLY F 93 -35.19 22.82 -28.75
CA GLY F 93 -36.19 23.08 -29.77
C GLY F 93 -36.04 22.22 -31.01
N ARG F 94 -34.81 21.78 -31.29
CA ARG F 94 -34.53 21.14 -32.58
C ARG F 94 -33.33 20.22 -32.43
N SER F 95 -33.51 18.97 -32.84
CA SER F 95 -32.47 17.95 -32.77
C SER F 95 -31.44 18.09 -33.90
N PRO F 96 -30.18 17.74 -33.65
CA PRO F 96 -29.55 17.32 -32.39
C PRO F 96 -29.35 18.44 -31.35
N TYR F 97 -29.64 18.11 -30.09
CA TYR F 97 -29.41 19.04 -28.98
C TYR F 97 -27.92 19.17 -28.68
N THR F 98 -27.52 20.35 -28.22
CA THR F 98 -26.11 20.66 -27.97
C THR F 98 -25.98 21.55 -26.73
N PHE F 99 -24.80 21.52 -26.12
CA PHE F 99 -24.50 22.32 -24.93
C PHE F 99 -23.45 23.38 -25.22
N GLY F 100 -23.57 24.50 -24.50
CA GLY F 100 -22.52 25.51 -24.47
C GLY F 100 -21.34 25.04 -23.64
N GLN F 101 -20.30 25.90 -23.62
CA GLN F 101 -19.03 25.55 -23.00
C GLN F 101 -18.99 25.83 -21.50
N GLY F 102 -20.04 26.43 -20.95
CA GLY F 102 -20.05 26.73 -19.53
C GLY F 102 -19.64 28.15 -19.23
N THR F 103 -20.21 28.71 -18.17
CA THR F 103 -19.82 30.01 -17.65
C THR F 103 -19.52 29.86 -16.17
N LYS F 104 -18.35 30.33 -15.76
CA LYS F 104 -17.89 30.18 -14.39
C LYS F 104 -18.24 31.42 -13.57
N VAL F 105 -18.90 31.20 -12.44
CA VAL F 105 -19.21 32.28 -11.50
C VAL F 105 -18.33 32.07 -10.27
N GLU F 106 -17.48 33.04 -9.97
CA GLU F 106 -16.50 32.91 -8.91
C GLU F 106 -16.65 34.04 -7.89
N ILE F 107 -16.11 33.80 -6.69
CA ILE F 107 -16.17 34.80 -5.64
C ILE F 107 -15.24 35.95 -5.98
N ARG F 108 -15.78 37.17 -5.96
CA ARG F 108 -14.92 38.35 -5.91
C ARG F 108 -14.52 38.57 -4.46
N ARG F 109 -13.23 38.72 -4.22
CA ARG F 109 -12.74 38.86 -2.86
C ARG F 109 -11.61 39.87 -2.83
N THR F 110 -11.16 40.15 -1.60
CA THR F 110 -10.06 41.06 -1.34
C THR F 110 -8.73 40.39 -1.65
N VAL F 111 -7.69 41.21 -1.81
CA VAL F 111 -6.38 40.69 -2.17
C VAL F 111 -5.77 39.93 -1.01
N ALA F 112 -5.12 38.80 -1.32
CA ALA F 112 -4.34 38.04 -0.35
C ALA F 112 -3.09 37.54 -1.03
N ALA F 113 -1.93 37.97 -0.55
CA ALA F 113 -0.69 37.48 -1.11
C ALA F 113 -0.53 35.99 -0.82
N PRO F 114 0.07 35.23 -1.74
CA PRO F 114 0.32 33.82 -1.47
C PRO F 114 1.46 33.61 -0.48
N SER F 115 1.36 32.53 0.28
CA SER F 115 2.52 31.94 0.93
C SER F 115 3.09 30.88 0.00
N VAL F 116 4.37 31.00 -0.32
CA VAL F 116 4.97 30.25 -1.42
C VAL F 116 5.96 29.25 -0.86
N PHE F 117 5.90 28.02 -1.37
CA PHE F 117 6.74 26.94 -0.90
C PHE F 117 7.25 26.13 -2.08
N ILE F 118 8.43 25.55 -1.92
CA ILE F 118 9.03 24.66 -2.91
C ILE F 118 9.35 23.34 -2.24
N PHE F 119 9.11 22.26 -2.96
CA PHE F 119 9.39 20.91 -2.48
C PHE F 119 10.39 20.28 -3.44
N PRO F 120 11.56 19.82 -2.99
CA PRO F 120 12.53 19.26 -3.94
C PRO F 120 12.16 17.85 -4.35
N PRO F 121 12.76 17.34 -5.43
CA PRO F 121 12.61 15.92 -5.75
C PRO F 121 13.05 15.06 -4.59
N SER F 122 12.29 14.02 -4.31
CA SER F 122 12.69 13.09 -3.27
C SER F 122 13.82 12.21 -3.77
N ASP F 123 14.54 11.61 -2.81
CA ASP F 123 15.58 10.65 -3.19
C ASP F 123 14.96 9.44 -3.87
N GLU F 124 13.79 9.01 -3.39
CA GLU F 124 13.08 7.89 -3.98
C GLU F 124 12.84 8.11 -5.47
N GLN F 125 12.13 9.19 -5.82
CA GLN F 125 11.84 9.45 -7.22
C GLN F 125 13.11 9.44 -8.06
N LEU F 126 14.19 10.01 -7.56
CA LEU F 126 15.45 10.02 -8.30
C LEU F 126 15.93 8.60 -8.57
N LYS F 127 15.89 7.75 -7.54
CA LYS F 127 16.26 6.35 -7.73
C LYS F 127 15.49 5.72 -8.89
N SER F 128 14.22 6.10 -9.05
CA SER F 128 13.43 5.59 -10.16
C SER F 128 13.82 6.20 -11.50
N GLY F 129 14.63 7.25 -11.50
CA GLY F 129 15.19 7.81 -12.71
C GLY F 129 14.56 9.10 -13.20
N THR F 130 13.62 9.67 -12.46
CA THR F 130 13.05 10.97 -12.79
C THR F 130 13.33 11.93 -11.64
N ALA F 131 13.08 13.21 -11.90
CA ALA F 131 13.27 14.26 -10.91
C ALA F 131 12.17 15.29 -11.10
N SER F 132 11.24 15.37 -10.15
CA SER F 132 10.15 16.33 -10.21
C SER F 132 10.30 17.32 -9.06
N VAL F 133 10.27 18.61 -9.40
CA VAL F 133 10.32 19.70 -8.42
C VAL F 133 8.94 20.33 -8.38
N VAL F 134 8.39 20.49 -7.17
CA VAL F 134 7.04 21.01 -7.00
C VAL F 134 7.12 22.39 -6.36
N CYS F 135 6.41 23.34 -6.95
CA CYS F 135 6.21 24.67 -6.39
C CYS F 135 4.73 24.80 -6.06
N LEU F 136 4.42 25.03 -4.79
CA LEU F 136 3.03 25.12 -4.33
C LEU F 136 2.69 26.58 -4.05
N LEU F 137 1.60 27.04 -4.66
CA LEU F 137 1.02 28.36 -4.39
C LEU F 137 -0.30 28.12 -3.69
N ASN F 138 -0.40 28.51 -2.42
CA ASN F 138 -1.53 28.16 -1.57
C ASN F 138 -2.38 29.38 -1.28
N ASN F 139 -3.70 29.26 -1.51
CA ASN F 139 -4.69 30.21 -1.03
C ASN F 139 -4.33 31.64 -1.43
N PHE F 140 -4.46 31.89 -2.73
CA PHE F 140 -4.16 33.20 -3.29
C PHE F 140 -5.34 33.70 -4.12
N TYR F 141 -5.35 35.02 -4.33
CA TYR F 141 -6.33 35.65 -5.19
C TYR F 141 -5.76 36.99 -5.68
N PRO F 142 -5.98 37.34 -6.95
CA PRO F 142 -6.79 36.66 -7.97
C PRO F 142 -6.18 35.41 -8.59
N ARG F 143 -6.98 34.80 -9.48
CA ARG F 143 -6.60 33.58 -10.16
C ARG F 143 -5.33 33.78 -10.98
N GLU F 144 -5.19 34.95 -11.59
CA GLU F 144 -4.11 35.21 -12.53
C GLU F 144 -2.76 35.15 -11.82
N ALA F 145 -1.85 34.32 -12.33
CA ALA F 145 -0.55 34.18 -11.71
C ALA F 145 0.44 33.68 -12.74
N LYS F 146 1.60 34.32 -12.81
CA LYS F 146 2.64 34.01 -13.77
C LYS F 146 3.76 33.28 -13.05
N VAL F 147 4.06 32.05 -13.49
CA VAL F 147 5.05 31.19 -12.85
C VAL F 147 6.18 30.94 -13.83
N GLN F 148 7.40 31.26 -13.42
CA GLN F 148 8.58 31.09 -14.26
C GLN F 148 9.56 30.16 -13.56
N TRP F 149 10.09 29.20 -14.31
CA TRP F 149 11.12 28.31 -13.80
C TRP F 149 12.50 28.81 -14.21
N LYS F 150 13.43 28.80 -13.27
CA LYS F 150 14.82 29.07 -13.53
C LYS F 150 15.65 27.93 -12.97
N VAL F 151 16.63 27.48 -13.74
CA VAL F 151 17.59 26.48 -13.29
C VAL F 151 18.97 27.11 -13.44
N ASP F 152 19.62 27.37 -12.30
CA ASP F 152 20.84 28.16 -12.30
C ASP F 152 20.66 29.42 -13.13
N ASN F 153 19.50 30.06 -12.99
CA ASN F 153 19.14 31.29 -13.69
C ASN F 153 18.91 31.09 -15.18
N ALA F 154 19.01 29.87 -15.68
CA ALA F 154 18.74 29.59 -17.09
C ALA F 154 17.24 29.50 -17.34
N LEU F 155 16.76 30.25 -18.33
CA LEU F 155 15.35 30.22 -18.66
C LEU F 155 14.96 28.85 -19.20
N GLN F 156 13.81 28.36 -18.74
CA GLN F 156 13.29 27.06 -19.15
C GLN F 156 12.24 27.26 -20.25
N SER F 157 11.71 26.14 -20.73
CA SER F 157 10.64 26.14 -21.70
C SER F 157 10.28 24.72 -22.12
N GLY F 158 9.15 24.22 -21.64
CA GLY F 158 8.70 22.89 -21.97
C GLY F 158 8.84 21.85 -20.87
N ASN F 159 9.24 22.25 -19.66
CA ASN F 159 9.48 21.32 -18.57
C ASN F 159 8.62 21.64 -17.35
N SER F 160 7.52 22.37 -17.53
CA SER F 160 6.65 22.72 -16.43
C SER F 160 5.21 22.39 -16.80
N GLN F 161 4.40 22.21 -15.77
CA GLN F 161 2.99 21.84 -15.93
C GLN F 161 2.19 22.62 -14.90
N GLU F 162 1.09 23.21 -15.33
CA GLU F 162 0.28 24.07 -14.49
C GLU F 162 -1.01 23.37 -14.10
N SER F 163 -1.47 23.66 -12.89
CA SER F 163 -2.69 23.08 -12.36
C SER F 163 -3.16 23.95 -11.20
N VAL F 164 -4.46 24.09 -11.07
CA VAL F 164 -5.07 24.98 -10.08
C VAL F 164 -6.38 24.36 -9.63
N THR F 165 -6.68 24.46 -8.34
CA THR F 165 -7.94 23.95 -7.86
C THR F 165 -9.03 24.99 -8.06
N GLU F 166 -10.28 24.52 -7.99
CA GLU F 166 -11.40 25.44 -7.95
C GLU F 166 -11.33 26.29 -6.69
N GLN F 167 -11.93 27.46 -6.75
CA GLN F 167 -11.91 28.39 -5.62
C GLN F 167 -12.53 27.74 -4.39
N ASP F 168 -11.84 27.88 -3.25
CA ASP F 168 -12.23 27.23 -2.02
C ASP F 168 -13.56 27.78 -1.51
N SER F 169 -14.44 26.89 -1.06
CA SER F 169 -15.77 27.30 -0.63
C SER F 169 -15.76 28.14 0.64
N LYS F 170 -14.70 28.07 1.46
CA LYS F 170 -14.67 28.76 2.74
C LYS F 170 -13.94 30.09 2.71
N ASP F 171 -12.77 30.17 2.08
CA ASP F 171 -11.99 31.40 2.08
C ASP F 171 -11.87 32.01 0.70
N SER F 172 -12.49 31.42 -0.32
CA SER F 172 -12.57 32.00 -1.66
C SER F 172 -11.18 32.24 -2.27
N THR F 173 -10.19 31.47 -1.86
CA THR F 173 -8.87 31.56 -2.48
C THR F 173 -8.68 30.43 -3.49
N TYR F 174 -7.58 30.54 -4.22
CA TYR F 174 -7.13 29.53 -5.16
C TYR F 174 -5.86 28.87 -4.63
N SER F 175 -5.58 27.68 -5.13
CA SER F 175 -4.27 27.08 -5.00
C SER F 175 -3.81 26.60 -6.36
N LEU F 176 -2.49 26.65 -6.57
CA LEU F 176 -1.90 26.31 -7.85
C LEU F 176 -0.64 25.50 -7.61
N SER F 177 -0.37 24.56 -8.51
CA SER F 177 0.85 23.76 -8.49
C SER F 177 1.62 23.97 -9.79
N SER F 178 2.94 24.05 -9.67
CA SER F 178 3.84 24.06 -10.82
C SER F 178 4.80 22.89 -10.63
N THR F 179 4.82 21.98 -11.61
CA THR F 179 5.56 20.73 -11.49
C THR F 179 6.62 20.67 -12.57
N LEU F 180 7.88 20.71 -12.17
CA LEU F 180 9.01 20.61 -13.08
C LEU F 180 9.44 19.15 -13.17
N THR F 181 9.35 18.58 -14.37
CA THR F 181 9.71 17.19 -14.59
C THR F 181 11.04 17.15 -15.35
N LEU F 182 12.05 16.53 -14.74
CA LEU F 182 13.38 16.47 -15.31
C LEU F 182 13.94 15.06 -15.21
N SER F 183 14.76 14.70 -16.19
CA SER F 183 15.57 13.50 -16.08
C SER F 183 16.55 13.67 -14.92
N LYS F 184 17.00 12.55 -14.34
CA LYS F 184 17.97 12.66 -13.28
C LYS F 184 19.25 13.30 -13.78
N ALA F 185 19.68 12.95 -14.99
CA ALA F 185 20.91 13.51 -15.55
C ALA F 185 20.85 15.03 -15.58
N ASP F 186 19.72 15.58 -16.06
CA ASP F 186 19.58 17.02 -16.13
C ASP F 186 19.53 17.65 -14.75
N TYR F 187 18.79 17.04 -13.82
CA TYR F 187 18.70 17.60 -12.48
C TYR F 187 20.07 17.65 -11.81
N GLU F 188 20.83 16.54 -11.90
CA GLU F 188 22.10 16.45 -11.21
C GLU F 188 23.15 17.42 -11.76
N LYS F 189 22.95 17.95 -12.96
CA LYS F 189 23.94 18.84 -13.55
C LYS F 189 23.92 20.25 -12.98
N HIS F 190 22.89 20.62 -12.21
CA HIS F 190 22.74 21.99 -11.77
C HIS F 190 22.60 22.08 -10.26
N LYS F 191 22.83 23.30 -9.76
CA LYS F 191 22.83 23.61 -8.34
C LYS F 191 21.60 24.42 -7.94
N VAL F 192 21.41 25.58 -8.53
CA VAL F 192 20.40 26.52 -8.09
C VAL F 192 19.10 26.27 -8.87
N TYR F 193 18.01 26.10 -8.15
CA TYR F 193 16.69 25.85 -8.71
C TYR F 193 15.71 26.85 -8.11
N ALA F 194 14.89 27.47 -8.96
CA ALA F 194 14.12 28.62 -8.51
C ALA F 194 12.74 28.64 -9.15
N CYS F 195 11.75 28.98 -8.34
CA CYS F 195 10.37 29.19 -8.76
C CYS F 195 10.06 30.67 -8.61
N GLU F 196 9.70 31.33 -9.72
CA GLU F 196 9.38 32.76 -9.69
C GLU F 196 7.88 32.94 -9.89
N VAL F 197 7.27 33.65 -8.95
CA VAL F 197 5.82 33.85 -8.92
C VAL F 197 5.55 35.35 -9.04
N THR F 198 4.73 35.73 -10.03
CA THR F 198 4.32 37.11 -10.23
C THR F 198 2.82 37.20 -9.98
N HIS F 199 2.40 38.17 -9.17
CA HIS F 199 1.01 38.22 -8.76
C HIS F 199 0.69 39.60 -8.20
N GLN F 200 -0.57 40.02 -8.44
CA GLN F 200 -1.02 41.35 -8.04
C GLN F 200 -0.73 41.63 -6.58
N GLY F 201 -0.83 40.62 -5.72
CA GLY F 201 -0.68 40.79 -4.28
C GLY F 201 0.74 40.91 -3.78
N LEU F 202 1.74 40.69 -4.63
CA LEU F 202 3.13 40.87 -4.26
C LEU F 202 3.64 42.19 -4.82
N SER F 203 4.38 42.94 -3.99
CA SER F 203 4.93 44.21 -4.44
C SER F 203 5.93 44.00 -5.58
N SER F 204 6.56 42.83 -5.62
CA SER F 204 7.37 42.40 -6.75
C SER F 204 7.41 40.89 -6.73
N PRO F 205 7.86 40.26 -7.81
CA PRO F 205 7.84 38.78 -7.85
C PRO F 205 8.64 38.19 -6.70
N VAL F 206 8.08 37.14 -6.10
CA VAL F 206 8.74 36.41 -5.02
C VAL F 206 9.31 35.13 -5.60
N THR F 207 10.55 34.83 -5.25
CA THR F 207 11.25 33.65 -5.74
C THR F 207 11.59 32.74 -4.57
N LYS F 208 11.16 31.49 -4.66
CA LYS F 208 11.58 30.43 -3.76
C LYS F 208 12.57 29.53 -4.45
N SER F 209 13.63 29.16 -3.73
CA SER F 209 14.70 28.36 -4.29
C SER F 209 15.34 27.55 -3.19
N PHE F 210 16.15 26.57 -3.60
CA PHE F 210 16.95 25.79 -2.68
C PHE F 210 18.27 25.46 -3.36
N ASN F 211 19.25 25.12 -2.54
CA ASN F 211 20.55 24.67 -3.03
C ASN F 211 20.61 23.16 -3.00
N ARG F 212 20.99 22.55 -4.11
CA ARG F 212 21.01 21.09 -4.21
C ARG F 212 21.87 20.51 -3.10
N GLY F 213 21.34 19.49 -2.42
CA GLY F 213 22.10 18.73 -1.45
C GLY F 213 22.13 19.32 -0.06
N GLU F 214 21.28 20.30 0.25
CA GLU F 214 21.23 20.87 1.59
C GLU F 214 19.80 20.91 2.10
C1 NAG G . 53.07 -28.79 32.30
C2 NAG G . 51.59 -28.77 31.95
C3 NAG G . 51.40 -28.96 30.44
C4 NAG G . 52.26 -27.97 29.66
C5 NAG G . 53.70 -28.01 30.14
C6 NAG G . 54.57 -26.95 29.49
C7 NAG G . 49.67 -29.62 33.25
C8 NAG G . 49.06 -28.25 33.14
N2 NAG G . 50.87 -29.79 32.68
O3 NAG G . 50.04 -28.79 30.10
O4 NAG G . 52.22 -28.28 28.28
O5 NAG G . 53.76 -27.79 31.55
O6 NAG G . 54.61 -27.10 28.07
O7 NAG G . 49.11 -30.53 33.86
C1 NAG G . 51.79 -27.10 27.56
C2 NAG G . 51.82 -27.42 26.06
C3 NAG G . 51.34 -26.21 25.27
C4 NAG G . 49.99 -25.75 25.78
C5 NAG G . 50.01 -25.54 27.29
C6 NAG G . 48.63 -25.25 27.86
C7 NAG G . 53.37 -28.73 24.70
C8 NAG G . 54.82 -29.02 24.37
N2 NAG G . 53.15 -27.81 25.64
O3 NAG G . 51.26 -26.56 23.89
O4 NAG G . 49.65 -24.51 25.16
O5 NAG G . 50.47 -26.73 27.94
O6 NAG G . 47.99 -26.44 28.29
O7 NAG G . 52.46 -29.31 24.12
C1 BMA G . 48.70 -24.77 24.10
C2 BMA G . 48.21 -23.41 23.63
C3 BMA G . 47.32 -23.58 22.39
C4 BMA G . 47.98 -24.45 21.33
C5 BMA G . 48.47 -25.76 21.95
C6 BMA G . 49.26 -26.54 20.96
O2 BMA G . 49.31 -22.59 23.22
O3 BMA G . 46.97 -22.33 21.82
O4 BMA G . 47.05 -24.74 20.30
O5 BMA G . 49.34 -25.46 23.05
O6 BMA G . 49.54 -27.79 21.51
C1 MAN G . 46.33 -21.58 22.88
C2 MAN G . 44.94 -21.09 22.34
C3 MAN G . 44.96 -19.64 21.84
C4 MAN G . 45.83 -18.78 22.72
C5 MAN G . 47.23 -19.31 22.62
C6 MAN G . 48.28 -18.41 23.23
O2 MAN G . 43.95 -21.13 23.37
O3 MAN G . 43.70 -19.07 21.78
O4 MAN G . 45.77 -17.42 22.30
O5 MAN G . 47.24 -20.54 23.35
O6 MAN G . 48.24 -18.58 24.64
C1 MAN G . 49.66 -28.67 20.38
C2 MAN G . 50.12 -30.04 20.90
C3 MAN G . 51.04 -30.69 19.88
C4 MAN G . 52.30 -29.83 19.61
C5 MAN G . 51.98 -28.33 19.73
C6 MAN G . 52.78 -27.48 18.76
O2 MAN G . 49.00 -30.92 21.04
O3 MAN G . 50.34 -30.95 18.66
O4 MAN G . 53.32 -30.18 20.52
O5 MAN G . 50.58 -28.12 19.44
O6 MAN G . 52.29 -27.74 17.45
C1 NAG H . -50.04 -5.55 -17.78
C2 NAG H . -48.85 -5.99 -16.96
C3 NAG H . -48.77 -5.11 -15.73
C4 NAG H . -48.75 -3.64 -16.12
C5 NAG H . -49.75 -3.28 -17.24
C6 NAG H . -49.41 -1.96 -17.89
C7 NAG H . -47.96 -8.30 -16.82
C8 NAG H . -46.70 -7.80 -17.47
N2 NAG H . -48.94 -7.40 -16.61
O3 NAG H . -47.60 -5.44 -14.99
O4 NAG H . -49.09 -2.86 -14.98
O5 NAG H . -49.80 -4.26 -18.29
O6 NAG H . -50.20 -0.90 -17.36
O7 NAG H . -48.10 -9.47 -16.50
C1 NAG H . -48.05 -1.94 -14.62
C2 NAG H . -48.64 -0.83 -13.73
C3 NAG H . -47.54 0.14 -13.28
C4 NAG H . -46.40 -0.63 -12.64
C5 NAG H . -45.90 -1.73 -13.57
C6 NAG H . -44.82 -2.58 -12.97
C7 NAG H . -50.46 0.82 -13.84
C8 NAG H . -51.50 1.46 -14.71
N2 NAG H . -49.70 -0.12 -14.42
O3 NAG H . -48.08 1.08 -12.37
O4 NAG H . -45.32 0.26 -12.35
O5 NAG H . -46.99 -2.60 -13.91
O6 NAG H . -43.66 -1.80 -12.67
O7 NAG H . -50.31 1.13 -12.67
C1 NAG I . -50.01 6.32 -29.59
C2 NAG I . -49.69 7.81 -29.32
C3 NAG I . -48.18 8.04 -29.26
C4 NAG I . -47.42 7.23 -30.32
C5 NAG I . -47.90 5.77 -30.35
C6 NAG I . -46.79 4.77 -30.13
C7 NAG I . -51.57 9.02 -30.36
C8 NAG I . -51.99 9.91 -31.48
N2 NAG I . -50.29 8.66 -30.35
O3 NAG I . -47.72 7.68 -27.96
O4 NAG I . -47.64 7.79 -31.60
O5 NAG I . -48.87 5.56 -29.33
O6 NAG I . -47.10 3.57 -30.82
O7 NAG I . -52.35 8.65 -29.49
C1 NAG I . -46.36 8.01 -32.22
C2 NAG I . -46.33 7.31 -33.59
C3 NAG I . -45.00 7.58 -34.28
C4 NAG I . -44.74 9.08 -34.37
C5 NAG I . -44.87 9.73 -32.99
C6 NAG I . -44.80 11.23 -33.04
C7 NAG I . -46.84 5.07 -34.47
C8 NAG I . -47.03 3.61 -34.13
N2 NAG I . -46.54 5.88 -33.44
O3 NAG I . -45.02 7.02 -35.58
O4 NAG I . -43.45 9.35 -34.93
O5 NAG I . -46.13 9.41 -32.41
O6 NAG I . -46.08 11.79 -33.27
O7 NAG I . -46.97 5.50 -35.61
C1 BMA I . -42.30 8.87 -34.20
C2 BMA I . -41.84 7.53 -34.86
C3 BMA I . -40.39 7.17 -34.47
C4 BMA I . -39.49 8.35 -34.69
C5 BMA I . -39.94 9.44 -33.74
C6 BMA I . -38.98 10.62 -33.72
O2 BMA I . -41.87 7.63 -36.27
O3 BMA I . -39.88 6.03 -35.17
O4 BMA I . -38.14 8.00 -34.46
O5 BMA I . -41.26 9.88 -34.17
O6 BMA I . -38.94 11.22 -35.01
C1 MAN I . -38.19 12.45 -34.91
C2 MAN I . -39.25 13.61 -34.68
C3 MAN I . -39.78 14.19 -36.00
C4 MAN I . -38.66 14.40 -37.02
C5 MAN I . -38.00 13.05 -37.27
C6 MAN I . -36.97 13.06 -38.39
O2 MAN I . -38.68 14.71 -33.97
O3 MAN I . -40.49 15.41 -35.78
O4 MAN I . -39.18 14.91 -38.23
O5 MAN I . -37.34 12.65 -36.06
O6 MAN I . -36.15 14.22 -38.29
C1 MAN I . -36.23 14.97 -39.51
C2 MAN I . -34.78 15.25 -40.02
C3 MAN I . -34.11 16.26 -39.10
C4 MAN I . -34.99 17.52 -38.96
C5 MAN I . -36.36 17.10 -38.40
C6 MAN I . -37.34 18.26 -38.24
O2 MAN I . -34.78 15.85 -41.31
O3 MAN I . -32.81 16.61 -39.58
O4 MAN I . -34.37 18.46 -38.10
O5 MAN I . -36.96 16.17 -39.33
O6 MAN I . -37.24 18.74 -36.91
C1 MAN I . -40.96 5.11 -35.43
C2 MAN I . -40.66 3.76 -34.67
C3 MAN I . -39.81 2.75 -35.51
C4 MAN I . -40.08 2.85 -37.04
C5 MAN I . -40.04 4.30 -37.47
C6 MAN I . -40.22 4.54 -38.96
O2 MAN I . -41.87 3.07 -34.36
O3 MAN I . -40.03 1.42 -35.06
O4 MAN I . -39.10 2.11 -37.74
O5 MAN I . -41.11 4.96 -36.83
O6 MAN I . -39.99 3.32 -39.66
C1 NAG J . 41.05 1.20 41.88
C2 NAG J . 39.81 2.04 41.41
C3 NAG J . 38.50 1.26 41.61
C4 NAG J . 38.58 -0.14 41.00
C5 NAG J . 39.79 -0.87 41.54
C6 NAG J . 40.05 -2.17 40.81
C7 NAG J . 38.69 4.16 41.94
C8 NAG J . 38.73 5.42 42.74
N2 NAG J . 39.72 3.32 42.10
O3 NAG J . 37.42 1.96 41.01
O4 NAG J . 37.43 -0.89 41.37
O5 NAG J . 40.98 -0.10 41.34
O6 NAG J . 41.43 -2.31 40.57
O7 NAG J . 37.76 3.91 41.18
C1 NAG J . 36.38 -0.86 40.37
C2 NAG J . 35.73 -2.24 40.32
C3 NAG J . 34.60 -2.24 39.30
C4 NAG J . 33.59 -1.17 39.66
C5 NAG J . 34.27 0.20 39.78
C6 NAG J . 33.35 1.27 40.29
C7 NAG J . 36.87 -4.37 40.77
C8 NAG J . 37.91 -5.34 40.31
N2 NAG J . 36.70 -3.28 40.01
O3 NAG J . 33.98 -3.52 39.28
O4 NAG J . 32.58 -1.10 38.66
O5 NAG J . 35.38 0.13 40.69
O6 NAG J . 32.76 2.00 39.22
O7 NAG J . 36.19 -4.56 41.78
C1 NAG K . 48.14 -11.18 34.01
C2 NAG K . 48.51 -9.80 33.54
C3 NAG K . 48.11 -9.66 32.08
C4 NAG K . 48.75 -10.75 31.23
C5 NAG K . 48.66 -12.15 31.88
C6 NAG K . 49.65 -13.13 31.29
C7 NAG K . 46.62 -8.77 34.74
C8 NAG K . 46.19 -7.62 35.59
N2 NAG K . 47.90 -8.76 34.36
O3 NAG K . 48.47 -8.38 31.59
O4 NAG K . 48.07 -10.83 29.99
O5 NAG K . 48.92 -12.13 33.30
O6 NAG K . 49.32 -13.45 29.95
O7 NAG K . 45.84 -9.65 34.39
C1 NAG K . 48.91 -10.82 28.81
C2 NAG K . 48.14 -11.42 27.63
C3 NAG K . 48.99 -11.38 26.37
C4 NAG K . 49.52 -9.98 26.11
C5 NAG K . 50.19 -9.40 27.35
C6 NAG K . 50.56 -7.95 27.19
C7 NAG K . 46.95 -13.48 27.08
C8 NAG K . 46.63 -14.89 27.50
N2 NAG K . 47.73 -12.78 27.92
O3 NAG K . 48.19 -11.78 25.26
O4 NAG K . 50.49 -10.05 25.07
O5 NAG K . 49.33 -9.49 28.49
O6 NAG K . 49.45 -7.10 27.50
O7 NAG K . 46.52 -13.00 26.04
C1 BMA K . 49.93 -9.58 23.82
C2 BMA K . 50.88 -8.46 23.37
C3 BMA K . 50.87 -8.20 21.83
C4 BMA K . 50.45 -9.38 20.96
C5 BMA K . 49.36 -10.16 21.65
C6 BMA K . 48.89 -11.35 20.87
O2 BMA K . 52.21 -8.79 23.70
O3 BMA K . 52.18 -7.80 21.45
O4 BMA K . 49.95 -8.88 19.72
O5 BMA K . 49.88 -10.62 22.87
O6 BMA K . 49.63 -11.42 19.66
C1 MAN K . 49.52 -12.77 19.13
C2 MAN K . 50.61 -13.64 19.84
C3 MAN K . 51.98 -13.35 19.23
C4 MAN K . 51.92 -13.53 17.70
C5 MAN K . 50.93 -12.50 17.15
C6 MAN K . 50.83 -12.51 15.63
O2 MAN K . 50.38 -15.03 19.65
O3 MAN K . 52.99 -14.15 19.83
O4 MAN K . 53.20 -13.30 17.13
O5 MAN K . 49.62 -12.80 17.70
O6 MAN K . 50.49 -13.82 15.19
C1 MAN K . 53.40 -13.43 21.01
C2 MAN K . 54.98 -13.36 21.04
C3 MAN K . 55.60 -14.60 21.70
C4 MAN K . 54.89 -14.92 23.01
C5 MAN K . 53.43 -15.21 22.71
C6 MAN K . 52.63 -15.61 23.95
O2 MAN K . 55.43 -12.24 21.80
O3 MAN K . 57.00 -14.42 21.92
O4 MAN K . 55.48 -16.06 23.61
O5 MAN K . 52.83 -14.01 22.20
O6 MAN K . 53.47 -16.44 24.76
C1 MAN K . 51.16 -14.11 13.94
C2 MAN K . 50.06 -14.30 12.84
C3 MAN K . 49.34 -15.62 13.06
C4 MAN K . 50.33 -16.78 13.21
C5 MAN K . 51.28 -16.46 14.37
C6 MAN K . 52.31 -17.55 14.63
O2 MAN K . 50.63 -14.39 11.54
O3 MAN K . 48.43 -15.91 12.00
O4 MAN K . 49.66 -17.99 13.46
O5 MAN K . 51.98 -15.25 14.06
O6 MAN K . 51.60 -18.74 14.96
C1 MAN K . 52.31 -6.39 21.13
C2 MAN K . 51.75 -5.44 22.28
C3 MAN K . 51.45 -4.08 21.69
C4 MAN K . 52.36 -3.83 20.49
C5 MAN K . 51.93 -4.78 19.35
C6 MAN K . 52.98 -4.90 18.26
O2 MAN K . 52.72 -5.21 23.30
O3 MAN K . 51.57 -3.05 22.65
O4 MAN K . 52.25 -2.49 20.06
O5 MAN K . 51.68 -6.11 19.88
O6 MAN K . 53.38 -3.58 17.92
C1 NAG L . -53.97 25.47 -32.56
C2 NAG L . -53.17 25.24 -31.28
C3 NAG L . -51.68 25.47 -31.54
C4 NAG L . -51.20 24.66 -32.74
C5 NAG L . -52.11 24.90 -33.95
C6 NAG L . -51.79 24.01 -35.11
C7 NAG L . -54.70 25.82 -29.45
C8 NAG L . -55.05 26.83 -28.40
N2 NAG L . -53.64 26.10 -30.21
O3 NAG L . -50.94 25.10 -30.37
O4 NAG L . -49.88 25.04 -33.09
O5 NAG L . -53.48 24.63 -33.58
O6 NAG L . -50.98 24.67 -36.07
O7 NAG L . -55.35 24.79 -29.60
C1 NAG L . -48.90 24.08 -32.64
C2 NAG L . -47.66 24.17 -33.51
C3 NAG L . -46.60 23.19 -33.05
C4 NAG L . -46.33 23.34 -31.56
C5 NAG L . -47.63 23.32 -30.76
C6 NAG L . -47.43 23.66 -29.30
C7 NAG L . -47.52 24.66 -35.94
C8 NAG L . -46.60 25.80 -35.59
N2 NAG L . -48.00 23.94 -34.92
O3 NAG L . -45.40 23.41 -33.78
O4 NAG L . -45.54 22.24 -31.11
O5 NAG L . -48.55 24.30 -31.28
O6 NAG L . -48.61 24.20 -28.72
O7 NAG L . -47.85 24.42 -37.10
C1 BMA L . -44.13 22.46 -31.29
C2 BMA L . -43.42 21.27 -30.59
C3 BMA L . -41.94 21.12 -31.00
C4 BMA L . -41.68 21.51 -32.48
C5 BMA L . -42.44 22.76 -32.90
C6 BMA L . -42.27 23.07 -34.38
O2 BMA L . -44.04 20.04 -30.95
O3 BMA L . -41.50 19.75 -30.74
O4 BMA L . -40.29 21.75 -32.69
O5 BMA L . -43.82 22.53 -32.65
O6 BMA L . -42.58 21.90 -35.12
C1 MAN L . -40.06 19.59 -30.90
C2 MAN L . -39.78 18.93 -32.30
C3 MAN L . -40.08 17.45 -32.24
C4 MAN L . -39.22 16.82 -31.17
C5 MAN L . -39.68 17.37 -29.82
C6 MAN L . -38.89 16.78 -28.69
O2 MAN L . -38.40 19.04 -32.64
O3 MAN L . -39.91 16.81 -33.50
O4 MAN L . -39.38 15.40 -31.19
O5 MAN L . -39.47 18.83 -29.81
O6 MAN L . -39.62 16.92 -27.49
#